data_1AA1
#
_entry.id   1AA1
#
_cell.length_a   157.600
_cell.length_b   158.700
_cell.length_c   203.300
_cell.angle_alpha   90.00
_cell.angle_beta   90.00
_cell.angle_gamma   90.00
#
_symmetry.space_group_name_H-M   'C 2 2 21'
#
loop_
_entity.id
_entity.type
_entity.pdbx_description
1 polymer 'RIBULOSE BISPHOSPHATE CARBOXYLASE (LARGE CHAIN)'
2 polymer 'RIBULOSE BISPHOSPHATE CARBOXYLASE (SMALL CHAIN)'
3 non-polymer 'MAGNESIUM ION'
4 non-polymer '3-PHOSPHOGLYCERIC ACID'
5 water water
#
loop_
_entity_poly.entity_id
_entity_poly.type
_entity_poly.pdbx_seq_one_letter_code
_entity_poly.pdbx_strand_id
1 'polypeptide(L)'
;MSPQTETKASVGFKAGVKDYKLTYYTPEYETLDTDILAAFRVSPQPGVPPEEAGAAVAAESSTGTWTTVWTDGLTNLDRY
KGRCYHIEPVAGEENQYICYVAYPLDLFEEGSVTNMFTSIVGNVFGFKALRALRLEDLRIPVAYVKTFQGPPHGIQVERD
KLNKYGRPLLGCTIKPKLGLSAKNYGRAVYECLRGGLDFT(KCX)DDENVNSQPFMRWRDRFLFCAEALYKAQAETGEIK
GHYLNATAGTCEDMMKRAVFARELGVPIVMHDYLTGGFTANTTLSHYCRDNGLLLHIHRAMHAVIDRQKNHGMHFRVLAK
ALRLSGGDHIHSGTVVGKLEGERDITLGFVDLLRDDYTEKDRSRGIYFTQSWVSTPGVLPVASGGIHVWHMPALTEIFGD
DSVLQFGGGTLGHPWGNAPGAVANRVALEACVQARNEGRDLAREGNTIIREATKWSPELAAACEVWKEIKFEFPAMDTV
;
L,B,E,H
2 'polypeptide(L)'
;MQVWPILNLKKYETLSYLPPLTTDQLARQVDYLLNNKWVPCLEFETDHGFVYREHHNSPGYYDGRYWTMWKLPMFGCTDP
AQVLNELEECKKEYPNAFIRIIGFDSNREVQCISFIAYKPAGY
;
S,C,F,I
#
# COMPACT_ATOMS: atom_id res chain seq x y z
N LYS A 21 -16.08 -61.26 15.30
CA LYS A 21 -16.07 -61.01 16.78
C LYS A 21 -14.73 -61.29 17.45
N LEU A 22 -14.09 -62.38 17.06
CA LEU A 22 -12.81 -62.77 17.65
C LEU A 22 -11.72 -61.71 17.55
N THR A 23 -11.57 -61.16 16.35
CA THR A 23 -10.53 -60.17 16.12
C THR A 23 -10.84 -58.76 16.64
N TYR A 24 -12.13 -58.40 16.65
CA TYR A 24 -12.48 -57.03 17.02
C TYR A 24 -13.09 -56.70 18.37
N TYR A 25 -13.59 -57.69 19.10
CA TYR A 25 -14.12 -57.41 20.42
C TYR A 25 -12.98 -57.83 21.35
N THR A 26 -12.33 -56.84 21.95
CA THR A 26 -11.18 -57.02 22.82
C THR A 26 -11.37 -56.36 24.17
N PRO A 27 -12.22 -56.94 25.03
CA PRO A 27 -12.51 -56.39 26.36
C PRO A 27 -11.34 -56.29 27.32
N GLU A 28 -10.22 -56.89 26.97
CA GLU A 28 -9.04 -56.87 27.83
C GLU A 28 -8.04 -55.81 27.41
N TYR A 29 -8.29 -55.19 26.25
CA TYR A 29 -7.41 -54.18 25.69
C TYR A 29 -7.29 -52.95 26.57
N GLU A 30 -6.04 -52.53 26.78
CA GLU A 30 -5.77 -51.31 27.55
C GLU A 30 -5.43 -50.25 26.51
N THR A 31 -6.19 -49.17 26.50
CA THR A 31 -5.96 -48.11 25.52
C THR A 31 -4.61 -47.42 25.65
N LEU A 32 -4.07 -46.99 24.51
CA LEU A 32 -2.80 -46.29 24.50
C LEU A 32 -3.10 -44.79 24.52
N ASP A 33 -2.19 -44.00 25.07
CA ASP A 33 -2.38 -42.56 25.10
C ASP A 33 -2.37 -41.92 23.71
N THR A 34 -1.99 -42.70 22.71
CA THR A 34 -1.93 -42.23 21.32
C THR A 34 -3.16 -42.66 20.50
N ASP A 35 -4.02 -43.48 21.08
CA ASP A 35 -5.22 -43.99 20.42
C ASP A 35 -6.31 -42.92 20.34
N ILE A 36 -7.12 -42.99 19.28
CA ILE A 36 -8.27 -42.11 19.14
C ILE A 36 -9.37 -43.06 19.66
N LEU A 37 -10.15 -42.61 20.63
CA LEU A 37 -11.19 -43.45 21.20
C LEU A 37 -12.56 -42.92 20.79
N ALA A 38 -13.48 -43.82 20.43
CA ALA A 38 -14.81 -43.41 20.02
C ALA A 38 -15.87 -44.07 20.89
N ALA A 39 -16.88 -43.30 21.28
CA ALA A 39 -17.99 -43.82 22.06
C ALA A 39 -19.19 -43.81 21.13
N PHE A 40 -19.60 -44.99 20.68
CA PHE A 40 -20.74 -45.13 19.78
C PHE A 40 -21.99 -45.60 20.53
N ARG A 41 -23.14 -45.05 20.16
CA ARG A 41 -24.40 -45.47 20.76
C ARG A 41 -24.97 -46.43 19.69
N VAL A 42 -24.85 -47.73 19.96
CA VAL A 42 -25.27 -48.79 19.05
C VAL A 42 -26.66 -49.39 19.32
N SER A 43 -27.49 -49.45 18.27
CA SER A 43 -28.84 -50.03 18.33
C SER A 43 -28.79 -51.19 17.34
N PRO A 44 -28.49 -52.40 17.82
CA PRO A 44 -28.42 -53.57 16.94
C PRO A 44 -29.77 -54.01 16.40
N GLN A 45 -29.75 -54.73 15.28
CA GLN A 45 -30.97 -55.27 14.72
C GLN A 45 -31.37 -56.34 15.73
N PRO A 46 -32.67 -56.64 15.83
CA PRO A 46 -33.06 -57.68 16.78
C PRO A 46 -32.39 -59.00 16.41
N GLY A 47 -31.82 -59.67 17.40
CA GLY A 47 -31.15 -60.93 17.14
C GLY A 47 -29.64 -60.83 17.10
N VAL A 48 -29.11 -59.62 17.06
CA VAL A 48 -27.66 -59.40 17.02
C VAL A 48 -27.19 -58.99 18.42
N PRO A 49 -26.42 -59.87 19.08
CA PRO A 49 -25.93 -59.57 20.44
C PRO A 49 -24.96 -58.38 20.47
N PRO A 50 -24.82 -57.74 21.64
CA PRO A 50 -23.97 -56.59 21.90
C PRO A 50 -22.56 -56.76 21.38
N GLU A 51 -21.88 -57.78 21.87
CA GLU A 51 -20.50 -58.07 21.49
C GLU A 51 -20.28 -58.13 19.99
N GLU A 52 -21.20 -58.77 19.28
CA GLU A 52 -21.07 -58.88 17.82
C GLU A 52 -21.31 -57.51 17.16
N ALA A 53 -22.26 -56.75 17.69
CA ALA A 53 -22.57 -55.42 17.18
C ALA A 53 -21.33 -54.51 17.34
N GLY A 54 -20.78 -54.51 18.54
CA GLY A 54 -19.59 -53.71 18.84
C GLY A 54 -18.41 -54.11 17.99
N ALA A 55 -18.26 -55.43 17.79
CA ALA A 55 -17.17 -55.94 16.98
C ALA A 55 -17.39 -55.49 15.55
N ALA A 56 -18.66 -55.45 15.12
CA ALA A 56 -19.01 -55.03 13.78
C ALA A 56 -18.64 -53.56 13.57
N VAL A 57 -18.96 -52.73 14.55
CA VAL A 57 -18.64 -51.31 14.45
C VAL A 57 -17.14 -51.08 14.30
N ALA A 58 -16.34 -51.79 15.09
CA ALA A 58 -14.89 -51.67 15.02
C ALA A 58 -14.31 -52.14 13.67
N ALA A 59 -14.76 -53.32 13.21
CA ALA A 59 -14.29 -53.88 11.95
C ALA A 59 -14.69 -53.01 10.79
N GLU A 60 -15.98 -52.69 10.72
CA GLU A 60 -16.51 -51.85 9.64
C GLU A 60 -15.90 -50.45 9.57
N SER A 61 -15.33 -49.97 10.67
CA SER A 61 -14.71 -48.64 10.67
C SER A 61 -13.19 -48.71 10.60
N SER A 62 -12.65 -49.89 10.35
CA SER A 62 -11.21 -50.02 10.24
C SER A 62 -10.86 -51.04 9.16
N THR A 63 -10.30 -52.18 9.54
CA THR A 63 -9.94 -53.21 8.58
C THR A 63 -11.21 -53.92 8.15
N GLY A 64 -11.39 -55.18 8.52
CA GLY A 64 -12.59 -55.91 8.16
C GLY A 64 -12.89 -56.03 6.68
N THR A 65 -12.98 -57.28 6.20
CA THR A 65 -13.27 -57.55 4.81
C THR A 65 -14.25 -58.72 4.74
N TRP A 66 -15.27 -58.59 3.89
CA TRP A 66 -16.30 -59.61 3.75
C TRP A 66 -15.72 -60.96 3.29
N THR A 67 -14.56 -60.93 2.64
CA THR A 67 -13.92 -62.14 2.14
C THR A 67 -12.42 -62.04 2.44
N THR A 68 -11.76 -63.17 2.64
CA THR A 68 -10.32 -63.19 2.91
C THR A 68 -9.51 -62.82 1.67
N VAL A 69 -8.52 -61.95 1.86
CA VAL A 69 -7.65 -61.51 0.77
C VAL A 69 -6.19 -61.81 1.14
N TRP A 70 -5.44 -62.35 0.18
CA TRP A 70 -4.04 -62.73 0.40
C TRP A 70 -3.07 -61.60 0.77
N THR A 71 -3.41 -60.37 0.39
CA THR A 71 -2.59 -59.19 0.66
C THR A 71 -2.44 -58.90 2.14
N ASP A 72 -3.42 -59.32 2.94
CA ASP A 72 -3.40 -59.12 4.38
C ASP A 72 -2.14 -59.74 4.98
N GLY A 73 -1.61 -60.76 4.32
CA GLY A 73 -0.41 -61.42 4.79
C GLY A 73 0.89 -60.67 4.58
N LEU A 74 0.82 -59.53 3.90
CA LEU A 74 2.00 -58.71 3.64
C LEU A 74 2.18 -57.66 4.73
N THR A 75 1.21 -57.59 5.65
CA THR A 75 1.24 -56.63 6.75
C THR A 75 0.84 -57.33 8.04
N ASN A 76 0.87 -56.58 9.13
CA ASN A 76 0.45 -57.05 10.44
C ASN A 76 -0.82 -56.26 10.72
N LEU A 77 -1.96 -56.83 10.37
CA LEU A 77 -3.23 -56.15 10.54
C LEU A 77 -3.65 -55.79 11.96
N ASP A 78 -3.06 -56.44 12.95
CA ASP A 78 -3.41 -56.14 14.35
C ASP A 78 -2.92 -54.77 14.73
N ARG A 79 -1.96 -54.26 13.96
CA ARG A 79 -1.38 -52.96 14.19
C ARG A 79 -2.28 -51.84 13.66
N TYR A 80 -3.20 -52.20 12.78
CA TYR A 80 -4.08 -51.23 12.14
C TYR A 80 -5.58 -51.39 12.42
N LYS A 81 -5.95 -52.46 13.10
CA LYS A 81 -7.36 -52.70 13.35
C LYS A 81 -7.97 -51.85 14.46
N GLY A 82 -9.27 -51.63 14.35
CA GLY A 82 -10.00 -50.88 15.37
C GLY A 82 -10.41 -51.93 16.38
N ARG A 83 -10.52 -51.55 17.64
CA ARG A 83 -10.88 -52.51 18.68
C ARG A 83 -12.01 -52.07 19.59
N CYS A 84 -13.04 -52.89 19.68
CA CYS A 84 -14.15 -52.59 20.57
C CYS A 84 -13.65 -53.18 21.90
N TYR A 85 -13.25 -52.29 22.80
CA TYR A 85 -12.69 -52.72 24.07
C TYR A 85 -13.66 -52.69 25.24
N HIS A 86 -14.82 -52.06 25.07
CA HIS A 86 -15.78 -51.99 26.16
C HIS A 86 -17.20 -51.76 25.67
N ILE A 87 -18.16 -52.36 26.36
CA ILE A 87 -19.57 -52.24 26.02
C ILE A 87 -20.38 -52.11 27.31
N GLU A 88 -21.37 -51.22 27.31
CA GLU A 88 -22.22 -51.04 28.48
C GLU A 88 -23.63 -50.69 28.02
N PRO A 89 -24.65 -51.33 28.63
CA PRO A 89 -26.06 -51.08 28.28
C PRO A 89 -26.46 -49.63 28.53
N VAL A 90 -27.45 -49.14 27.76
CA VAL A 90 -27.96 -47.79 27.92
C VAL A 90 -29.18 -47.90 28.82
N ALA A 91 -29.20 -47.08 29.87
CA ALA A 91 -30.29 -47.10 30.83
C ALA A 91 -31.60 -46.64 30.23
N GLY A 92 -32.63 -47.43 30.49
CA GLY A 92 -33.96 -47.09 30.03
C GLY A 92 -34.16 -47.06 28.54
N GLU A 93 -33.40 -47.86 27.81
CA GLU A 93 -33.59 -47.87 26.37
C GLU A 93 -33.68 -49.29 25.94
N GLU A 94 -34.53 -49.53 24.94
CA GLU A 94 -34.69 -50.88 24.44
C GLU A 94 -33.58 -51.24 23.45
N ASN A 95 -32.82 -52.27 23.81
CA ASN A 95 -31.73 -52.80 22.99
C ASN A 95 -30.76 -51.74 22.42
N GLN A 96 -30.09 -51.01 23.32
CA GLN A 96 -29.15 -49.97 22.92
C GLN A 96 -27.95 -50.00 23.87
N TYR A 97 -26.75 -49.96 23.31
CA TYR A 97 -25.52 -50.02 24.11
C TYR A 97 -24.52 -48.95 23.67
N ILE A 98 -23.62 -48.59 24.58
CA ILE A 98 -22.56 -47.65 24.25
C ILE A 98 -21.33 -48.55 24.06
N CYS A 99 -20.79 -48.57 22.85
CA CYS A 99 -19.59 -49.36 22.54
C CYS A 99 -18.38 -48.44 22.39
N TYR A 100 -17.27 -48.80 23.03
CA TYR A 100 -16.05 -48.01 22.99
C TYR A 100 -15.10 -48.66 22.02
N VAL A 101 -14.56 -47.88 21.09
CA VAL A 101 -13.65 -48.40 20.08
C VAL A 101 -12.36 -47.57 20.06
N ALA A 102 -11.22 -48.25 19.94
CA ALA A 102 -9.92 -47.60 19.91
C ALA A 102 -9.33 -47.73 18.52
N TYR A 103 -8.79 -46.63 17.98
CA TYR A 103 -8.18 -46.60 16.65
C TYR A 103 -6.73 -46.18 16.82
N PRO A 104 -5.79 -46.93 16.24
CA PRO A 104 -4.39 -46.54 16.39
C PRO A 104 -4.04 -45.23 15.70
N LEU A 105 -3.10 -44.50 16.28
CA LEU A 105 -2.64 -43.22 15.77
C LEU A 105 -2.26 -43.23 14.30
N ASP A 106 -1.64 -44.30 13.84
CA ASP A 106 -1.20 -44.44 12.45
C ASP A 106 -2.25 -44.42 11.35
N LEU A 107 -3.53 -44.55 11.71
CA LEU A 107 -4.57 -44.57 10.70
C LEU A 107 -4.92 -43.20 10.15
N PHE A 108 -4.50 -42.15 10.86
CA PHE A 108 -4.88 -40.79 10.50
C PHE A 108 -3.87 -39.84 9.88
N GLU A 109 -4.35 -39.00 8.96
CA GLU A 109 -3.47 -38.02 8.35
C GLU A 109 -3.35 -36.84 9.32
N GLU A 110 -2.12 -36.42 9.55
CA GLU A 110 -1.83 -35.31 10.45
C GLU A 110 -2.53 -34.02 10.01
N GLY A 111 -3.13 -33.33 10.97
CA GLY A 111 -3.79 -32.08 10.68
C GLY A 111 -5.02 -32.12 9.79
N SER A 112 -5.53 -33.30 9.49
CA SER A 112 -6.70 -33.45 8.63
C SER A 112 -7.99 -33.93 9.32
N VAL A 113 -8.90 -32.99 9.64
CA VAL A 113 -10.18 -33.37 10.25
C VAL A 113 -10.97 -34.18 9.23
N THR A 114 -10.82 -33.82 7.96
CA THR A 114 -11.46 -34.52 6.86
C THR A 114 -11.15 -36.02 6.92
N ASN A 115 -9.88 -36.36 7.10
CA ASN A 115 -9.47 -37.77 7.16
C ASN A 115 -9.90 -38.41 8.46
N MET A 116 -9.91 -37.66 9.54
CA MET A 116 -10.33 -38.22 10.82
C MET A 116 -11.79 -38.70 10.74
N PHE A 117 -12.67 -37.86 10.19
CA PHE A 117 -14.10 -38.20 10.04
C PHE A 117 -14.33 -39.31 9.03
N THR A 118 -13.60 -39.29 7.91
CA THR A 118 -13.72 -40.31 6.88
C THR A 118 -13.41 -41.69 7.43
N SER A 119 -12.35 -41.79 8.23
CA SER A 119 -11.93 -43.06 8.80
C SER A 119 -12.88 -43.63 9.83
N ILE A 120 -13.34 -42.80 10.75
CA ILE A 120 -14.22 -43.24 11.83
C ILE A 120 -15.70 -43.34 11.43
N VAL A 121 -16.17 -42.32 10.74
CA VAL A 121 -17.56 -42.19 10.39
C VAL A 121 -17.92 -42.39 8.91
N GLY A 122 -16.94 -42.66 8.06
CA GLY A 122 -17.24 -42.77 6.65
C GLY A 122 -17.98 -43.99 6.13
N ASN A 123 -18.00 -45.06 6.91
CA ASN A 123 -18.58 -46.30 6.45
C ASN A 123 -19.59 -47.02 7.35
N VAL A 124 -19.32 -47.12 8.66
CA VAL A 124 -20.18 -47.87 9.59
C VAL A 124 -21.66 -47.58 9.69
N PHE A 125 -22.05 -46.31 9.59
CA PHE A 125 -23.44 -45.95 9.73
C PHE A 125 -24.42 -46.65 8.81
N GLY A 126 -23.91 -47.28 7.75
CA GLY A 126 -24.78 -47.99 6.84
C GLY A 126 -24.72 -49.50 7.04
N PHE A 127 -24.06 -49.96 8.10
CA PHE A 127 -23.97 -51.40 8.33
C PHE A 127 -25.33 -52.00 8.64
N LYS A 128 -25.72 -52.98 7.82
CA LYS A 128 -27.02 -53.62 7.97
C LYS A 128 -27.36 -54.32 9.27
N ALA A 129 -26.35 -54.77 10.01
CA ALA A 129 -26.60 -55.44 11.28
C ALA A 129 -27.04 -54.44 12.34
N LEU A 130 -26.95 -53.15 12.01
CA LEU A 130 -27.35 -52.10 12.95
C LEU A 130 -28.61 -51.46 12.44
N ARG A 131 -29.48 -51.06 13.36
CA ARG A 131 -30.70 -50.41 12.97
C ARG A 131 -30.46 -48.90 13.05
N ALA A 132 -29.47 -48.50 13.85
CA ALA A 132 -29.12 -47.09 14.01
C ALA A 132 -27.76 -46.98 14.66
N LEU A 133 -27.13 -45.82 14.54
CA LEU A 133 -25.80 -45.61 15.11
C LEU A 133 -25.54 -44.12 15.31
N ARG A 134 -24.99 -43.75 16.46
CA ARG A 134 -24.70 -42.36 16.76
C ARG A 134 -23.31 -42.22 17.40
N LEU A 135 -22.48 -41.30 16.89
CA LEU A 135 -21.17 -41.09 17.48
C LEU A 135 -21.41 -40.06 18.57
N GLU A 136 -21.14 -40.42 19.82
CA GLU A 136 -21.34 -39.50 20.94
C GLU A 136 -20.13 -38.66 21.34
N ASP A 137 -18.94 -39.26 21.30
CA ASP A 137 -17.76 -38.55 21.73
C ASP A 137 -16.50 -39.18 21.15
N LEU A 138 -15.43 -38.40 21.09
CA LEU A 138 -14.12 -38.87 20.61
C LEU A 138 -13.04 -38.36 21.56
N ARG A 139 -12.09 -39.20 21.88
CA ARG A 139 -10.99 -38.76 22.73
C ARG A 139 -9.87 -38.51 21.75
N ILE A 140 -9.51 -37.24 21.52
CA ILE A 140 -8.43 -36.93 20.60
C ILE A 140 -7.15 -36.95 21.44
N PRO A 141 -6.22 -37.87 21.15
CA PRO A 141 -4.97 -37.96 21.91
C PRO A 141 -4.11 -36.71 21.67
N VAL A 142 -3.32 -36.30 22.66
CA VAL A 142 -2.50 -35.10 22.51
C VAL A 142 -1.49 -35.16 21.37
N ALA A 143 -1.00 -36.34 21.02
CA ALA A 143 -0.04 -36.43 19.92
C ALA A 143 -0.70 -36.04 18.58
N TYR A 144 -2.00 -36.28 18.46
CA TYR A 144 -2.72 -35.92 17.24
C TYR A 144 -3.15 -34.46 17.32
N VAL A 145 -3.49 -34.01 18.52
CA VAL A 145 -3.88 -32.62 18.73
C VAL A 145 -2.76 -31.68 18.29
N LYS A 146 -1.52 -32.04 18.58
CA LYS A 146 -0.37 -31.20 18.22
C LYS A 146 -0.11 -31.07 16.73
N THR A 147 -0.85 -31.82 15.91
CA THR A 147 -0.66 -31.72 14.48
C THR A 147 -1.59 -30.69 13.82
N PHE A 148 -2.48 -30.08 14.61
CA PHE A 148 -3.43 -29.09 14.10
C PHE A 148 -3.05 -27.70 14.58
N GLN A 149 -3.46 -26.69 13.83
CA GLN A 149 -3.16 -25.32 14.23
C GLN A 149 -4.12 -24.91 15.34
N GLY A 150 -5.37 -25.36 15.24
CA GLY A 150 -6.36 -24.97 16.22
C GLY A 150 -6.89 -23.60 15.88
N PRO A 151 -7.56 -22.92 16.81
CA PRO A 151 -8.11 -21.58 16.57
C PRO A 151 -7.05 -20.60 16.09
N PRO A 152 -7.40 -19.73 15.13
CA PRO A 152 -6.42 -18.77 14.63
C PRO A 152 -5.92 -17.88 15.77
N HIS A 153 -6.81 -17.55 16.71
CA HIS A 153 -6.47 -16.69 17.83
C HIS A 153 -6.85 -17.25 19.20
N GLY A 154 -8.15 -17.50 19.41
CA GLY A 154 -8.58 -18.04 20.69
C GLY A 154 -9.06 -16.97 21.64
N ILE A 155 -9.77 -17.40 22.68
CA ILE A 155 -10.36 -16.49 23.66
C ILE A 155 -9.47 -15.37 24.22
N GLN A 156 -8.32 -15.73 24.78
CA GLN A 156 -7.46 -14.73 25.37
C GLN A 156 -6.92 -13.69 24.39
N VAL A 157 -6.43 -14.15 23.25
CA VAL A 157 -5.89 -13.24 22.26
C VAL A 157 -6.97 -12.32 21.72
N GLU A 158 -8.16 -12.87 21.46
CA GLU A 158 -9.25 -12.07 20.95
C GLU A 158 -9.61 -10.94 21.93
N ARG A 159 -9.70 -11.27 23.22
CA ARG A 159 -10.01 -10.23 24.21
C ARG A 159 -8.92 -9.16 24.23
N ASP A 160 -7.67 -9.58 24.12
CA ASP A 160 -6.54 -8.64 24.13
C ASP A 160 -6.54 -7.74 22.89
N LYS A 161 -6.87 -8.32 21.74
CA LYS A 161 -6.92 -7.58 20.48
C LYS A 161 -8.04 -6.53 20.49
N LEU A 162 -9.22 -6.95 20.94
CA LEU A 162 -10.39 -6.08 20.98
C LEU A 162 -10.42 -5.19 22.21
N ASN A 163 -9.60 -5.53 23.22
CA ASN A 163 -9.51 -4.76 24.46
C ASN A 163 -10.84 -4.77 25.21
N LYS A 164 -11.46 -5.94 25.31
CA LYS A 164 -12.75 -6.09 25.99
C LYS A 164 -12.59 -7.10 27.11
N TYR A 165 -12.87 -6.69 28.34
CA TYR A 165 -12.71 -7.57 29.50
C TYR A 165 -13.86 -7.56 30.49
N GLY A 166 -13.98 -8.66 31.23
CA GLY A 166 -14.97 -8.80 32.28
C GLY A 166 -16.44 -8.87 31.97
N ARG A 167 -16.80 -9.27 30.76
CA ARG A 167 -18.21 -9.37 30.40
C ARG A 167 -18.37 -10.12 29.10
N PRO A 168 -19.55 -10.71 28.88
CA PRO A 168 -19.80 -11.43 27.63
C PRO A 168 -19.80 -10.38 26.50
N LEU A 169 -19.46 -10.81 25.28
CA LEU A 169 -19.47 -9.90 24.15
C LEU A 169 -20.90 -9.92 23.59
N LEU A 170 -21.28 -8.88 22.88
CA LEU A 170 -22.64 -8.78 22.36
C LEU A 170 -22.66 -8.61 20.85
N GLY A 171 -23.56 -9.33 20.20
CA GLY A 171 -23.68 -9.25 18.76
C GLY A 171 -25.12 -9.15 18.33
N CYS A 172 -25.33 -8.93 17.04
CA CYS A 172 -26.68 -8.81 16.48
C CYS A 172 -26.71 -9.25 15.02
N THR A 173 -27.65 -10.12 14.66
CA THR A 173 -27.77 -10.58 13.28
C THR A 173 -28.66 -9.60 12.54
N ILE A 174 -28.20 -9.14 11.38
CA ILE A 174 -28.99 -8.19 10.61
C ILE A 174 -30.10 -8.93 9.87
N LYS A 175 -31.32 -8.42 9.97
CA LYS A 175 -32.48 -8.99 9.27
C LYS A 175 -33.29 -7.85 8.68
N PRO A 176 -34.05 -8.10 7.61
CA PRO A 176 -34.17 -9.42 6.97
C PRO A 176 -32.82 -9.86 6.36
N LYS A 177 -32.59 -11.18 6.32
CA LYS A 177 -31.35 -11.71 5.78
C LYS A 177 -31.23 -11.41 4.29
N LEU A 178 -32.34 -11.55 3.58
CA LEU A 178 -32.35 -11.28 2.16
C LEU A 178 -33.37 -10.21 1.84
N GLY A 179 -33.01 -9.29 0.95
CA GLY A 179 -33.94 -8.24 0.57
C GLY A 179 -33.43 -6.82 0.68
N LEU A 180 -32.60 -6.55 1.68
CA LEU A 180 -32.07 -5.20 1.83
C LEU A 180 -30.96 -4.95 0.82
N SER A 181 -30.80 -3.70 0.42
CA SER A 181 -29.73 -3.33 -0.49
C SER A 181 -28.48 -3.25 0.41
N ALA A 182 -27.30 -3.41 -0.17
CA ALA A 182 -26.06 -3.35 0.59
C ALA A 182 -25.98 -2.09 1.43
N LYS A 183 -26.42 -0.95 0.89
CA LYS A 183 -26.36 0.27 1.68
C LYS A 183 -27.35 0.26 2.87
N ASN A 184 -28.57 -0.21 2.63
CA ASN A 184 -29.56 -0.26 3.70
C ASN A 184 -29.09 -1.23 4.78
N TYR A 185 -28.37 -2.26 4.35
CA TYR A 185 -27.83 -3.25 5.25
C TYR A 185 -26.78 -2.55 6.13
N GLY A 186 -25.88 -1.80 5.52
CA GLY A 186 -24.86 -1.07 6.27
C GLY A 186 -25.47 -0.07 7.23
N ARG A 187 -26.56 0.57 6.83
CA ARG A 187 -27.25 1.53 7.69
C ARG A 187 -27.69 0.85 8.99
N ALA A 188 -28.27 -0.34 8.87
CA ALA A 188 -28.70 -1.09 10.03
C ALA A 188 -27.49 -1.44 10.92
N VAL A 189 -26.37 -1.76 10.28
CA VAL A 189 -25.12 -2.12 10.95
C VAL A 189 -24.62 -0.96 11.83
N TYR A 190 -24.56 0.23 11.26
CA TYR A 190 -24.12 1.40 12.00
C TYR A 190 -25.02 1.71 13.20
N GLU A 191 -26.33 1.69 12.99
CA GLU A 191 -27.26 1.98 14.10
C GLU A 191 -27.15 0.97 15.23
N CYS A 192 -26.89 -0.29 14.89
CA CYS A 192 -26.75 -1.32 15.92
C CYS A 192 -25.50 -1.14 16.76
N LEU A 193 -24.35 -1.02 16.09
CA LEU A 193 -23.06 -0.86 16.75
C LEU A 193 -22.92 0.39 17.62
N ARG A 194 -23.41 1.52 17.14
CA ARG A 194 -23.27 2.77 17.88
C ARG A 194 -24.00 2.75 19.21
N GLY A 195 -24.94 1.83 19.36
CA GLY A 195 -25.71 1.72 20.59
C GLY A 195 -25.03 0.92 21.68
N GLY A 196 -23.90 0.28 21.39
CA GLY A 196 -23.21 -0.46 22.42
C GLY A 196 -22.93 -1.92 22.13
N LEU A 197 -23.37 -2.43 20.99
CA LEU A 197 -23.09 -3.83 20.65
C LEU A 197 -21.65 -3.86 20.13
N ASP A 198 -20.99 -4.99 20.30
CA ASP A 198 -19.61 -5.13 19.85
C ASP A 198 -19.55 -5.59 18.39
N PHE A 199 -20.46 -6.48 18.02
CA PHE A 199 -20.52 -7.03 16.68
C PHE A 199 -21.90 -7.06 16.06
N THR A 200 -21.92 -7.07 14.73
CA THR A 200 -23.14 -7.23 13.96
C THR A 200 -22.77 -8.42 13.10
N ASP A 202 -23.55 -11.18 9.53
CA ASP A 202 -24.14 -11.58 8.26
C ASP A 202 -24.84 -12.90 8.58
N ASP A 203 -26.04 -13.08 8.06
CA ASP A 203 -26.76 -14.31 8.25
C ASP A 203 -25.96 -15.39 7.52
N GLU A 204 -26.11 -16.65 7.94
CA GLU A 204 -25.39 -17.74 7.31
C GLU A 204 -25.71 -17.87 5.82
N ASN A 205 -26.94 -17.47 5.46
CA ASN A 205 -27.41 -17.55 4.08
C ASN A 205 -26.84 -16.44 3.19
N VAL A 206 -26.43 -15.35 3.82
CA VAL A 206 -25.90 -14.20 3.12
C VAL A 206 -24.46 -14.41 2.63
N ASN A 207 -24.32 -14.70 1.34
CA ASN A 207 -23.00 -14.92 0.73
C ASN A 207 -22.87 -13.85 -0.35
N SER A 208 -23.40 -14.13 -1.54
CA SER A 208 -23.40 -13.17 -2.65
C SER A 208 -24.60 -13.56 -3.52
N GLN A 209 -25.58 -12.66 -3.60
CA GLN A 209 -26.81 -12.95 -4.35
C GLN A 209 -27.21 -11.76 -5.19
N PRO A 210 -28.16 -11.94 -6.14
CA PRO A 210 -28.63 -10.88 -7.03
C PRO A 210 -28.83 -9.47 -6.43
N PHE A 211 -29.61 -9.35 -5.35
CA PHE A 211 -29.84 -8.03 -4.81
C PHE A 211 -28.74 -7.45 -3.92
N MET A 212 -27.77 -8.27 -3.56
CA MET A 212 -26.66 -7.80 -2.73
C MET A 212 -25.43 -8.64 -2.98
N ARG A 213 -24.55 -8.12 -3.83
CA ARG A 213 -23.32 -8.81 -4.14
C ARG A 213 -22.40 -8.64 -2.95
N TRP A 214 -21.53 -9.64 -2.70
CA TRP A 214 -20.66 -9.59 -1.54
C TRP A 214 -19.75 -8.37 -1.39
N ARG A 215 -19.07 -7.97 -2.46
CA ARG A 215 -18.15 -6.86 -2.35
C ARG A 215 -18.82 -5.55 -1.92
N ASP A 216 -20.00 -5.28 -2.46
CA ASP A 216 -20.75 -4.07 -2.09
C ASP A 216 -21.10 -4.13 -0.61
N ARG A 217 -21.48 -5.31 -0.14
CA ARG A 217 -21.82 -5.49 1.29
C ARG A 217 -20.61 -5.25 2.21
N PHE A 218 -19.46 -5.84 1.87
CA PHE A 218 -18.24 -5.68 2.63
C PHE A 218 -17.88 -4.20 2.75
N LEU A 219 -17.93 -3.51 1.61
CA LEU A 219 -17.61 -2.09 1.53
C LEU A 219 -18.51 -1.18 2.37
N PHE A 220 -19.82 -1.34 2.29
CA PHE A 220 -20.73 -0.50 3.09
C PHE A 220 -20.68 -0.87 4.57
N CYS A 221 -20.54 -2.15 4.88
CA CYS A 221 -20.44 -2.59 6.27
C CYS A 221 -19.18 -2.00 6.87
N ALA A 222 -18.12 -1.90 6.09
CA ALA A 222 -16.86 -1.29 6.56
C ALA A 222 -17.10 0.20 6.89
N GLU A 223 -17.77 0.92 6.00
CA GLU A 223 -18.04 2.34 6.28
C GLU A 223 -18.86 2.48 7.58
N ALA A 224 -19.88 1.64 7.73
CA ALA A 224 -20.75 1.65 8.90
C ALA A 224 -20.00 1.33 10.21
N LEU A 225 -19.23 0.26 10.23
CA LEU A 225 -18.50 -0.11 11.46
C LEU A 225 -17.43 0.90 11.85
N TYR A 226 -16.76 1.54 10.88
CA TYR A 226 -15.76 2.55 11.21
C TYR A 226 -16.41 3.83 11.76
N LYS A 227 -17.59 4.15 11.26
CA LYS A 227 -18.31 5.33 11.76
C LYS A 227 -18.77 5.09 13.21
N ALA A 228 -19.30 3.89 13.47
CA ALA A 228 -19.77 3.53 14.81
C ALA A 228 -18.61 3.52 15.80
N GLN A 229 -17.48 2.97 15.39
CA GLN A 229 -16.28 2.91 16.23
C GLN A 229 -15.77 4.32 16.54
N ALA A 230 -15.77 5.19 15.54
CA ALA A 230 -15.32 6.56 15.74
C ALA A 230 -16.23 7.29 16.70
N GLU A 231 -17.53 7.06 16.57
CA GLU A 231 -18.52 7.70 17.43
C GLU A 231 -18.41 7.29 18.90
N THR A 232 -18.39 5.99 19.16
CA THR A 232 -18.35 5.46 20.52
C THR A 232 -16.97 5.33 21.17
N GLY A 233 -15.94 5.14 20.36
CA GLY A 233 -14.61 4.98 20.93
C GLY A 233 -14.27 3.55 21.29
N GLU A 234 -15.21 2.63 21.05
CA GLU A 234 -15.01 1.22 21.34
C GLU A 234 -14.81 0.45 20.03
N ILE A 235 -13.93 -0.55 20.05
CA ILE A 235 -13.65 -1.33 18.85
C ILE A 235 -14.89 -2.11 18.42
N LYS A 236 -15.16 -2.11 17.11
CA LYS A 236 -16.34 -2.78 16.55
C LYS A 236 -15.98 -3.74 15.45
N GLY A 237 -16.84 -4.72 15.22
CA GLY A 237 -16.60 -5.69 14.17
C GLY A 237 -17.89 -6.16 13.55
N HIS A 238 -17.81 -6.73 12.36
CA HIS A 238 -18.98 -7.24 11.68
C HIS A 238 -18.55 -8.54 11.04
N TYR A 239 -19.20 -9.65 11.38
CA TYR A 239 -18.80 -10.93 10.80
C TYR A 239 -19.16 -10.94 9.33
N LEU A 240 -18.17 -10.68 8.48
CA LEU A 240 -18.34 -10.67 7.02
C LEU A 240 -18.26 -12.11 6.54
N ASN A 241 -19.38 -12.62 6.05
CA ASN A 241 -19.48 -13.99 5.60
C ASN A 241 -18.67 -14.28 4.32
N ALA A 242 -17.67 -15.14 4.44
CA ALA A 242 -16.82 -15.51 3.30
C ALA A 242 -17.19 -16.85 2.67
N THR A 243 -18.20 -17.53 3.21
CA THR A 243 -18.64 -18.83 2.68
C THR A 243 -18.91 -18.67 1.19
N ALA A 244 -18.43 -19.61 0.37
CA ALA A 244 -18.59 -19.50 -1.07
C ALA A 244 -18.61 -20.85 -1.75
N GLY A 245 -18.83 -20.84 -3.06
CA GLY A 245 -18.91 -22.07 -3.81
C GLY A 245 -17.61 -22.81 -4.04
N THR A 246 -16.49 -22.07 -4.12
CA THR A 246 -15.18 -22.68 -4.35
C THR A 246 -14.14 -22.10 -3.37
N CYS A 247 -12.99 -22.74 -3.26
CA CYS A 247 -11.93 -22.27 -2.36
C CYS A 247 -11.46 -20.91 -2.83
N GLU A 248 -11.36 -20.75 -4.14
CA GLU A 248 -10.92 -19.51 -4.77
C GLU A 248 -11.84 -18.33 -4.42
N ASP A 249 -13.16 -18.53 -4.54
CA ASP A 249 -14.11 -17.46 -4.22
C ASP A 249 -14.06 -17.11 -2.75
N MET A 250 -13.93 -18.12 -1.91
CA MET A 250 -13.84 -17.92 -0.46
C MET A 250 -12.60 -17.09 -0.14
N MET A 251 -11.48 -17.42 -0.76
CA MET A 251 -10.25 -16.69 -0.49
C MET A 251 -10.32 -15.24 -0.96
N LYS A 252 -10.99 -15.01 -2.09
CA LYS A 252 -11.15 -13.64 -2.62
C LYS A 252 -11.87 -12.75 -1.62
N ARG A 253 -12.86 -13.32 -0.95
CA ARG A 253 -13.65 -12.58 0.03
C ARG A 253 -12.85 -12.28 1.30
N ALA A 254 -12.08 -13.26 1.76
CA ALA A 254 -11.22 -13.09 2.94
C ALA A 254 -10.15 -12.02 2.68
N VAL A 255 -9.58 -12.03 1.46
CA VAL A 255 -8.56 -11.08 1.06
C VAL A 255 -9.06 -9.63 1.05
N PHE A 256 -10.29 -9.42 0.61
CA PHE A 256 -10.83 -8.06 0.61
C PHE A 256 -11.04 -7.59 2.04
N ALA A 257 -11.45 -8.51 2.93
CA ALA A 257 -11.65 -8.18 4.34
C ALA A 257 -10.31 -7.71 4.93
N ARG A 258 -9.24 -8.39 4.56
CA ARG A 258 -7.89 -8.04 5.00
C ARG A 258 -7.57 -6.64 4.48
N GLU A 259 -7.83 -6.39 3.18
CA GLU A 259 -7.58 -5.08 2.58
C GLU A 259 -8.33 -3.95 3.30
N LEU A 260 -9.55 -4.21 3.74
CA LEU A 260 -10.32 -3.20 4.45
C LEU A 260 -9.82 -2.96 5.87
N GLY A 261 -8.96 -3.85 6.38
CA GLY A 261 -8.43 -3.71 7.73
C GLY A 261 -9.42 -4.04 8.83
N VAL A 262 -10.50 -4.73 8.49
CA VAL A 262 -11.52 -5.10 9.47
C VAL A 262 -11.05 -6.30 10.31
N PRO A 263 -11.60 -6.45 11.52
CA PRO A 263 -11.20 -7.54 12.42
C PRO A 263 -11.76 -8.96 12.33
N ILE A 264 -12.90 -9.17 11.67
CA ILE A 264 -13.47 -10.50 11.69
C ILE A 264 -14.25 -10.93 10.45
N VAL A 265 -14.08 -12.19 10.08
CA VAL A 265 -14.78 -12.80 8.95
C VAL A 265 -15.54 -14.02 9.47
N MET A 266 -16.40 -14.60 8.63
CA MET A 266 -17.24 -15.71 9.02
C MET A 266 -17.27 -16.86 8.00
N HIS A 267 -17.54 -18.07 8.46
CA HIS A 267 -17.62 -19.23 7.58
C HIS A 267 -18.63 -20.25 8.11
N ASP A 268 -19.42 -20.86 7.21
CA ASP A 268 -20.40 -21.89 7.59
C ASP A 268 -19.57 -23.16 7.39
N TYR A 269 -18.92 -23.61 8.45
CA TYR A 269 -18.02 -24.75 8.31
C TYR A 269 -18.56 -26.08 7.85
N LEU A 270 -19.84 -26.34 8.09
CA LEU A 270 -20.40 -27.62 7.70
C LEU A 270 -20.84 -27.65 6.25
N THR A 271 -21.43 -26.56 5.77
CA THR A 271 -21.87 -26.52 4.38
C THR A 271 -20.68 -26.22 3.46
N GLY A 272 -19.73 -25.41 3.94
CA GLY A 272 -18.53 -25.13 3.16
C GLY A 272 -17.64 -26.38 3.17
N GLY A 273 -17.50 -27.00 4.35
CA GLY A 273 -16.69 -28.20 4.46
C GLY A 273 -15.42 -28.03 5.26
N PHE A 274 -14.88 -29.12 5.80
CA PHE A 274 -13.67 -29.06 6.60
C PHE A 274 -12.41 -28.69 5.84
N THR A 275 -12.31 -29.14 4.59
CA THR A 275 -11.16 -28.82 3.77
C THR A 275 -11.06 -27.31 3.52
N ALA A 276 -12.18 -26.68 3.15
CA ALA A 276 -12.21 -25.24 2.93
C ALA A 276 -12.04 -24.50 4.27
N ASN A 277 -12.66 -25.00 5.33
CA ASN A 277 -12.54 -24.35 6.63
C ASN A 277 -11.10 -24.26 7.15
N THR A 278 -10.35 -25.35 7.03
CA THR A 278 -8.95 -25.38 7.48
C THR A 278 -8.12 -24.38 6.69
N THR A 279 -8.37 -24.28 5.39
CA THR A 279 -7.69 -23.31 4.54
C THR A 279 -7.98 -21.91 5.07
N LEU A 280 -9.25 -21.60 5.32
CA LEU A 280 -9.62 -20.30 5.83
C LEU A 280 -8.99 -20.03 7.20
N SER A 281 -9.01 -21.03 8.07
CA SER A 281 -8.44 -20.92 9.42
C SER A 281 -6.95 -20.57 9.36
N HIS A 282 -6.23 -21.19 8.43
CA HIS A 282 -4.79 -20.92 8.29
C HIS A 282 -4.52 -19.51 7.81
N TYR A 283 -5.32 -19.05 6.83
CA TYR A 283 -5.19 -17.71 6.29
C TYR A 283 -5.48 -16.69 7.40
N CYS A 284 -6.50 -16.95 8.20
CA CYS A 284 -6.84 -16.03 9.27
C CYS A 284 -5.70 -15.88 10.28
N ARG A 285 -5.01 -16.98 10.59
CA ARG A 285 -3.88 -16.96 11.51
C ARG A 285 -2.76 -16.11 10.89
N ASP A 286 -2.46 -16.36 9.62
CA ASP A 286 -1.41 -15.62 8.92
C ASP A 286 -1.71 -14.14 8.67
N ASN A 287 -2.97 -13.76 8.76
CA ASN A 287 -3.35 -12.37 8.50
C ASN A 287 -4.01 -11.62 9.65
N GLY A 288 -4.03 -12.23 10.84
CA GLY A 288 -4.61 -11.57 12.00
C GLY A 288 -6.11 -11.36 12.02
N LEU A 289 -6.85 -12.18 11.28
CA LEU A 289 -8.30 -12.07 11.22
C LEU A 289 -8.96 -13.05 12.20
N LEU A 290 -9.96 -12.56 12.93
CA LEU A 290 -10.69 -13.43 13.84
C LEU A 290 -11.66 -14.19 12.94
N LEU A 291 -12.06 -15.39 13.36
CA LEU A 291 -12.94 -16.21 12.54
C LEU A 291 -14.16 -16.69 13.32
N HIS A 292 -15.34 -16.27 12.87
CA HIS A 292 -16.59 -16.65 13.49
C HIS A 292 -17.17 -17.83 12.70
N ILE A 293 -17.51 -18.90 13.41
CA ILE A 293 -18.04 -20.09 12.78
C ILE A 293 -19.53 -20.33 13.05
N HIS A 294 -20.29 -20.48 11.97
CA HIS A 294 -21.72 -20.72 12.06
C HIS A 294 -21.93 -22.21 11.80
N ARG A 295 -22.80 -22.83 12.59
CA ARG A 295 -23.04 -24.27 12.46
C ARG A 295 -24.25 -24.67 11.63
N ALA A 296 -24.53 -23.91 10.58
CA ALA A 296 -25.67 -24.21 9.69
C ALA A 296 -25.59 -25.66 9.23
N MET A 297 -26.73 -26.35 9.26
CA MET A 297 -26.88 -27.75 8.85
C MET A 297 -26.61 -28.78 9.96
N HIS A 298 -26.13 -28.33 11.12
CA HIS A 298 -25.82 -29.25 12.22
C HIS A 298 -26.99 -30.17 12.66
N ALA A 299 -28.20 -29.61 12.76
CA ALA A 299 -29.36 -30.40 13.21
C ALA A 299 -29.74 -31.54 12.25
N VAL A 300 -29.24 -31.47 11.02
CA VAL A 300 -29.51 -32.52 10.05
C VAL A 300 -28.79 -33.77 10.56
N ILE A 301 -27.67 -33.53 11.26
CA ILE A 301 -26.79 -34.57 11.76
C ILE A 301 -26.84 -34.87 13.26
N ASP A 302 -26.93 -33.83 14.06
CA ASP A 302 -26.89 -34.01 15.50
C ASP A 302 -28.20 -33.98 16.28
N ARG A 303 -29.34 -34.00 15.62
CA ARG A 303 -30.59 -33.90 16.37
C ARG A 303 -31.18 -35.15 17.03
N GLN A 304 -31.31 -36.24 16.28
CA GLN A 304 -31.88 -37.46 16.82
C GLN A 304 -30.91 -38.22 17.71
N LYS A 305 -31.39 -38.64 18.87
CA LYS A 305 -30.57 -39.39 19.82
C LYS A 305 -30.08 -40.75 19.32
N ASN A 306 -30.81 -41.36 18.40
CA ASN A 306 -30.47 -42.69 17.91
C ASN A 306 -29.49 -42.78 16.75
N HIS A 307 -29.42 -41.76 15.91
CA HIS A 307 -28.56 -41.83 14.74
C HIS A 307 -27.95 -40.48 14.38
N GLY A 308 -26.66 -40.49 14.05
CA GLY A 308 -25.99 -39.26 13.68
C GLY A 308 -24.72 -39.06 14.49
N MET A 309 -24.40 -37.80 14.77
CA MET A 309 -23.20 -37.46 15.52
C MET A 309 -23.62 -36.36 16.47
N HIS A 310 -23.25 -36.49 17.74
CA HIS A 310 -23.63 -35.46 18.68
C HIS A 310 -22.85 -34.19 18.39
N PHE A 311 -23.44 -33.03 18.67
CA PHE A 311 -22.74 -31.78 18.40
C PHE A 311 -21.35 -31.66 19.04
N ARG A 312 -21.14 -32.28 20.21
CA ARG A 312 -19.85 -32.21 20.89
C ARG A 312 -18.70 -32.73 20.03
N VAL A 313 -19.00 -33.69 19.16
CA VAL A 313 -18.02 -34.24 18.26
C VAL A 313 -17.71 -33.16 17.19
N LEU A 314 -18.77 -32.50 16.70
CA LEU A 314 -18.62 -31.44 15.69
C LEU A 314 -17.89 -30.23 16.26
N ALA A 315 -18.04 -30.02 17.57
CA ALA A 315 -17.40 -28.91 18.26
C ALA A 315 -15.90 -29.17 18.42
N LYS A 316 -15.53 -30.40 18.78
CA LYS A 316 -14.13 -30.77 18.92
C LYS A 316 -13.41 -30.64 17.59
N ALA A 317 -14.07 -31.10 16.53
CA ALA A 317 -13.54 -31.04 15.19
C ALA A 317 -13.26 -29.58 14.76
N LEU A 318 -14.18 -28.68 15.08
CA LEU A 318 -13.99 -27.27 14.75
C LEU A 318 -12.81 -26.68 15.52
N ARG A 319 -12.65 -27.05 16.80
CA ARG A 319 -11.54 -26.52 17.60
C ARG A 319 -10.20 -26.95 16.98
N LEU A 320 -10.17 -28.11 16.36
CA LEU A 320 -8.95 -28.61 15.72
C LEU A 320 -8.74 -27.91 14.37
N SER A 321 -9.74 -27.92 13.50
CA SER A 321 -9.67 -27.27 12.19
C SER A 321 -9.37 -25.78 12.40
N GLY A 322 -10.11 -25.17 13.32
CA GLY A 322 -9.89 -23.78 13.65
C GLY A 322 -11.07 -22.82 13.53
N GLY A 323 -11.26 -22.03 14.58
CA GLY A 323 -12.30 -21.04 14.61
C GLY A 323 -12.16 -20.32 15.94
N ASP A 324 -12.53 -19.04 16.00
CA ASP A 324 -12.42 -18.28 17.25
C ASP A 324 -13.77 -18.23 18.00
N HIS A 325 -14.86 -18.31 17.24
CA HIS A 325 -16.23 -18.31 17.79
C HIS A 325 -16.90 -19.53 17.16
N ILE A 326 -17.92 -20.06 17.82
CA ILE A 326 -18.73 -21.15 17.27
C ILE A 326 -20.07 -21.08 17.95
N HIS A 327 -21.13 -21.14 17.16
CA HIS A 327 -22.48 -21.12 17.70
C HIS A 327 -22.69 -22.38 18.52
N SER A 328 -23.28 -22.24 19.70
CA SER A 328 -23.49 -23.38 20.57
C SER A 328 -24.91 -23.55 21.13
N GLY A 329 -25.90 -22.91 20.52
CA GLY A 329 -27.26 -23.04 21.00
C GLY A 329 -27.60 -22.03 22.08
N THR A 330 -28.84 -22.01 22.53
CA THR A 330 -29.23 -21.03 23.53
C THR A 330 -29.46 -21.47 24.97
N VAL A 331 -29.78 -22.74 25.21
CA VAL A 331 -30.03 -23.22 26.59
C VAL A 331 -31.35 -22.65 27.18
N VAL A 332 -31.45 -21.32 27.25
CA VAL A 332 -32.65 -20.70 27.78
C VAL A 332 -33.59 -20.49 26.59
N GLU A 338 -30.60 -29.70 26.55
CA GLU A 338 -30.52 -29.87 28.01
C GLU A 338 -29.30 -29.11 28.50
N ARG A 339 -29.50 -28.32 29.55
CA ARG A 339 -28.48 -27.47 30.15
C ARG A 339 -27.12 -28.15 30.38
N ASP A 340 -27.13 -29.25 31.14
CA ASP A 340 -25.89 -29.94 31.46
C ASP A 340 -25.09 -30.40 30.25
N ILE A 341 -25.77 -30.91 29.23
CA ILE A 341 -25.10 -31.37 28.01
C ILE A 341 -24.39 -30.19 27.36
N THR A 342 -25.08 -29.05 27.28
CA THR A 342 -24.52 -27.85 26.67
C THR A 342 -23.31 -27.34 27.44
N LEU A 343 -23.45 -27.21 28.76
CA LEU A 343 -22.35 -26.77 29.60
C LEU A 343 -21.18 -27.74 29.44
N GLY A 344 -21.50 -29.00 29.20
CA GLY A 344 -20.46 -30.00 29.00
C GLY A 344 -19.62 -29.71 27.77
N PHE A 345 -20.25 -29.46 26.63
CA PHE A 345 -19.47 -29.18 25.43
C PHE A 345 -18.90 -27.77 25.39
N VAL A 346 -19.45 -26.88 26.21
CA VAL A 346 -18.93 -25.52 26.31
C VAL A 346 -17.56 -25.65 26.98
N ASP A 347 -17.45 -26.50 28.00
CA ASP A 347 -16.17 -26.73 28.69
C ASP A 347 -15.16 -27.31 27.72
N LEU A 348 -15.62 -28.21 26.87
CA LEU A 348 -14.76 -28.85 25.86
C LEU A 348 -14.21 -27.86 24.82
N LEU A 349 -14.95 -26.79 24.58
CA LEU A 349 -14.56 -25.76 23.62
C LEU A 349 -13.62 -24.72 24.22
N ARG A 350 -13.81 -24.40 25.50
CA ARG A 350 -13.02 -23.38 26.16
C ARG A 350 -11.83 -23.81 27.00
N ASP A 351 -11.94 -24.92 27.72
CA ASP A 351 -10.89 -25.37 28.63
C ASP A 351 -9.71 -26.13 28.04
N ASP A 352 -8.66 -26.25 28.84
CA ASP A 352 -7.47 -26.96 28.40
C ASP A 352 -7.54 -28.43 28.77
N TYR A 353 -8.39 -28.74 29.74
CA TYR A 353 -8.53 -30.12 30.21
C TYR A 353 -9.92 -30.30 30.80
N THR A 354 -10.61 -31.34 30.38
CA THR A 354 -11.95 -31.63 30.85
C THR A 354 -12.04 -33.12 31.18
N GLU A 355 -12.32 -33.39 32.44
CA GLU A 355 -12.43 -34.74 32.96
C GLU A 355 -13.73 -35.41 32.54
N LYS A 356 -13.69 -36.73 32.41
CA LYS A 356 -14.83 -37.55 32.06
C LYS A 356 -15.97 -37.21 33.02
N ASP A 357 -17.18 -37.08 32.49
CA ASP A 357 -18.34 -36.75 33.31
C ASP A 357 -19.59 -37.14 32.54
N ARG A 358 -20.07 -38.34 32.81
CA ARG A 358 -21.26 -38.85 32.14
C ARG A 358 -22.52 -38.03 32.37
N SER A 359 -22.63 -37.35 33.51
CA SER A 359 -23.81 -36.54 33.78
C SER A 359 -23.90 -35.32 32.82
N ARG A 360 -22.81 -35.04 32.10
CA ARG A 360 -22.79 -33.94 31.15
C ARG A 360 -22.44 -34.42 29.76
N GLY A 361 -22.56 -35.71 29.53
CA GLY A 361 -22.26 -36.25 28.22
C GLY A 361 -20.80 -36.31 27.82
N ILE A 362 -19.90 -36.11 28.78
CA ILE A 362 -18.47 -36.15 28.51
C ILE A 362 -18.00 -37.59 28.76
N TYR A 363 -17.88 -38.36 27.69
CA TYR A 363 -17.47 -39.76 27.78
C TYR A 363 -15.99 -40.04 27.95
N PHE A 364 -15.14 -39.06 27.62
CA PHE A 364 -13.70 -39.26 27.76
C PHE A 364 -13.07 -38.01 28.36
N THR A 365 -11.97 -38.19 29.08
CA THR A 365 -11.24 -37.06 29.61
C THR A 365 -10.53 -36.53 28.37
N GLN A 366 -10.54 -35.21 28.18
CA GLN A 366 -9.91 -34.61 27.01
C GLN A 366 -8.90 -33.52 27.40
N SER A 367 -7.69 -33.61 26.86
CA SER A 367 -6.65 -32.61 27.11
C SER A 367 -6.38 -31.93 25.78
N TRP A 368 -6.02 -30.66 25.83
CA TRP A 368 -5.76 -29.90 24.62
C TRP A 368 -4.35 -29.37 24.46
N VAL A 369 -3.45 -29.68 25.39
CA VAL A 369 -2.07 -29.21 25.37
C VAL A 369 -1.86 -27.78 24.83
N SER A 370 -2.56 -26.86 25.47
CA SER A 370 -2.50 -25.45 25.17
C SER A 370 -3.08 -24.95 23.84
N THR A 371 -3.91 -25.77 23.19
CA THR A 371 -4.58 -25.35 21.96
C THR A 371 -5.59 -24.34 22.53
N PRO A 372 -5.65 -23.13 21.93
CA PRO A 372 -6.57 -22.08 22.40
C PRO A 372 -8.01 -22.51 22.48
N GLY A 373 -8.75 -21.83 23.36
CA GLY A 373 -10.16 -22.12 23.53
C GLY A 373 -10.97 -21.34 22.51
N VAL A 374 -12.20 -21.77 22.32
CA VAL A 374 -13.14 -21.15 21.38
C VAL A 374 -14.27 -20.49 22.16
N LEU A 375 -14.63 -19.27 21.76
CA LEU A 375 -15.72 -18.52 22.39
C LEU A 375 -17.08 -19.08 21.94
N PRO A 376 -17.92 -19.56 22.88
CA PRO A 376 -19.22 -20.08 22.46
C PRO A 376 -20.17 -18.92 22.22
N VAL A 377 -21.00 -19.03 21.19
CA VAL A 377 -21.96 -17.98 20.83
C VAL A 377 -23.40 -18.44 21.07
N ALA A 378 -24.08 -17.79 22.01
CA ALA A 378 -25.46 -18.12 22.33
C ALA A 378 -26.36 -17.25 21.45
N SER A 379 -27.28 -17.87 20.75
CA SER A 379 -28.16 -17.14 19.84
C SER A 379 -29.49 -17.87 19.69
N GLY A 380 -30.54 -17.14 19.28
CA GLY A 380 -31.82 -17.77 19.08
C GLY A 380 -32.96 -17.25 19.93
N GLY A 381 -33.70 -16.30 19.39
CA GLY A 381 -34.85 -15.74 20.08
C GLY A 381 -34.67 -15.18 21.48
N ILE A 382 -33.46 -14.75 21.82
CA ILE A 382 -33.22 -14.20 23.14
C ILE A 382 -33.44 -12.68 23.20
N HIS A 383 -33.79 -12.17 24.38
CA HIS A 383 -34.02 -10.74 24.57
C HIS A 383 -33.59 -10.36 26.00
N VAL A 384 -33.68 -9.08 26.33
CA VAL A 384 -33.27 -8.54 27.63
C VAL A 384 -33.56 -9.39 28.84
N TRP A 385 -34.74 -10.00 28.89
CA TRP A 385 -35.11 -10.80 30.05
C TRP A 385 -34.30 -12.07 30.27
N HIS A 386 -33.59 -12.53 29.24
CA HIS A 386 -32.78 -13.72 29.36
C HIS A 386 -31.37 -13.41 29.84
N MET A 387 -31.02 -12.13 29.88
CA MET A 387 -29.68 -11.69 30.26
C MET A 387 -29.10 -12.26 31.55
N PRO A 388 -29.87 -12.25 32.66
CA PRO A 388 -29.31 -12.79 33.91
C PRO A 388 -28.97 -14.27 33.78
N ALA A 389 -29.86 -15.02 33.13
CA ALA A 389 -29.70 -16.44 32.91
C ALA A 389 -28.50 -16.75 32.05
N LEU A 390 -28.35 -16.02 30.95
CA LEU A 390 -27.24 -16.24 30.04
C LEU A 390 -25.89 -15.92 30.67
N THR A 391 -25.83 -14.82 31.42
CA THR A 391 -24.60 -14.39 32.09
C THR A 391 -24.19 -15.46 33.11
N GLU A 392 -25.20 -15.94 33.84
CA GLU A 392 -25.02 -16.94 34.87
C GLU A 392 -24.53 -18.26 34.30
N ILE A 393 -25.17 -18.75 33.26
CA ILE A 393 -24.84 -20.03 32.65
C ILE A 393 -23.54 -20.08 31.83
N PHE A 394 -23.30 -19.09 30.99
CA PHE A 394 -22.10 -19.08 30.15
C PHE A 394 -20.91 -18.37 30.79
N GLY A 395 -21.19 -17.37 31.60
CA GLY A 395 -20.11 -16.65 32.24
C GLY A 395 -19.61 -15.56 31.29
N ASP A 396 -18.47 -14.99 31.62
CA ASP A 396 -17.90 -13.92 30.80
C ASP A 396 -17.44 -14.31 29.41
N ASP A 397 -16.87 -15.50 29.27
CA ASP A 397 -16.36 -15.91 27.98
C ASP A 397 -17.40 -16.50 27.07
N SER A 398 -18.19 -15.63 26.47
CA SER A 398 -19.22 -16.04 25.53
C SER A 398 -19.66 -14.84 24.72
N VAL A 399 -20.36 -15.10 23.62
CA VAL A 399 -20.89 -14.03 22.79
C VAL A 399 -22.40 -14.22 22.76
N LEU A 400 -23.15 -13.20 23.16
CA LEU A 400 -24.61 -13.29 23.18
C LEU A 400 -25.12 -12.55 21.95
N GLN A 401 -25.82 -13.26 21.06
CA GLN A 401 -26.33 -12.68 19.82
C GLN A 401 -27.82 -12.34 19.89
N PHE A 402 -28.16 -11.07 19.64
CA PHE A 402 -29.56 -10.59 19.68
C PHE A 402 -30.02 -10.01 18.33
N GLY A 403 -30.58 -10.84 17.46
CA GLY A 403 -31.05 -10.34 16.18
C GLY A 403 -32.33 -9.54 16.37
N GLY A 404 -33.46 -10.25 16.44
CA GLY A 404 -34.74 -9.59 16.64
C GLY A 404 -34.79 -8.87 17.99
N GLY A 405 -33.94 -9.29 18.93
CA GLY A 405 -33.88 -8.67 20.24
C GLY A 405 -33.32 -7.26 20.21
N THR A 406 -32.73 -6.87 19.09
CA THR A 406 -32.19 -5.52 18.94
C THR A 406 -33.03 -4.74 17.91
N LEU A 407 -33.20 -5.35 16.73
CA LEU A 407 -33.95 -4.79 15.61
C LEU A 407 -35.48 -4.72 15.81
N GLY A 408 -35.94 -5.28 16.92
CA GLY A 408 -37.36 -5.28 17.23
C GLY A 408 -37.70 -4.31 18.34
N HIS A 409 -36.71 -3.56 18.82
CA HIS A 409 -36.95 -2.59 19.89
C HIS A 409 -37.82 -1.49 19.27
N PRO A 410 -38.83 -1.01 20.03
CA PRO A 410 -39.74 0.04 19.54
C PRO A 410 -39.09 1.34 19.04
N TRP A 411 -37.98 1.74 19.66
CA TRP A 411 -37.31 2.98 19.25
C TRP A 411 -36.25 2.85 18.15
N GLY A 412 -35.94 1.62 17.75
CA GLY A 412 -34.95 1.41 16.71
C GLY A 412 -33.73 0.62 17.17
N ASN A 413 -32.80 0.40 16.24
CA ASN A 413 -31.56 -0.34 16.48
C ASN A 413 -30.64 0.19 17.58
N ALA A 414 -30.34 1.48 17.56
CA ALA A 414 -29.46 2.06 18.55
C ALA A 414 -30.00 1.89 19.98
N PRO A 415 -31.25 2.31 20.25
CA PRO A 415 -31.79 2.15 21.61
C PRO A 415 -31.94 0.66 21.94
N GLY A 416 -32.15 -0.17 20.91
CA GLY A 416 -32.27 -1.59 21.10
C GLY A 416 -30.95 -2.15 21.60
N ALA A 417 -29.86 -1.62 21.05
CA ALA A 417 -28.52 -2.01 21.42
C ALA A 417 -28.21 -1.52 22.83
N VAL A 418 -28.61 -0.28 23.11
CA VAL A 418 -28.39 0.32 24.43
C VAL A 418 -29.09 -0.50 25.52
N ALA A 419 -30.32 -0.93 25.25
CA ALA A 419 -31.08 -1.74 26.20
C ALA A 419 -30.32 -3.05 26.53
N ASN A 420 -29.79 -3.70 25.50
CA ASN A 420 -29.04 -4.94 25.68
C ASN A 420 -27.72 -4.74 26.42
N ARG A 421 -27.01 -3.68 26.09
CA ARG A 421 -25.74 -3.37 26.73
C ARG A 421 -25.96 -3.01 28.20
N VAL A 422 -26.96 -2.18 28.46
CA VAL A 422 -27.27 -1.79 29.84
C VAL A 422 -27.69 -3.00 30.66
N ALA A 423 -28.62 -3.81 30.14
CA ALA A 423 -29.09 -5.01 30.82
C ALA A 423 -27.91 -5.91 31.20
N LEU A 424 -27.00 -6.12 30.25
CA LEU A 424 -25.83 -6.96 30.48
C LEU A 424 -24.91 -6.39 31.56
N GLU A 425 -24.56 -5.11 31.44
CA GLU A 425 -23.69 -4.48 32.42
C GLU A 425 -24.33 -4.46 33.80
N ALA A 426 -25.65 -4.34 33.84
CA ALA A 426 -26.37 -4.34 35.11
C ALA A 426 -26.19 -5.70 35.77
N CYS A 427 -26.31 -6.76 34.98
CA CYS A 427 -26.15 -8.11 35.48
C CYS A 427 -24.72 -8.39 35.94
N VAL A 428 -23.76 -7.91 35.15
CA VAL A 428 -22.36 -8.10 35.48
C VAL A 428 -22.02 -7.41 36.81
N GLN A 429 -22.42 -6.16 36.96
CA GLN A 429 -22.16 -5.41 38.19
C GLN A 429 -22.79 -6.11 39.39
N ALA A 430 -24.04 -6.53 39.25
CA ALA A 430 -24.76 -7.23 40.31
C ALA A 430 -24.06 -8.52 40.72
N ARG A 431 -23.64 -9.30 39.73
CA ARG A 431 -22.93 -10.54 39.96
C ARG A 431 -21.63 -10.24 40.72
N ASN A 432 -20.91 -9.23 40.26
CA ASN A 432 -19.64 -8.84 40.86
C ASN A 432 -19.82 -8.35 42.30
N GLU A 433 -21.00 -7.80 42.61
CA GLU A 433 -21.29 -7.32 43.95
C GLU A 433 -21.74 -8.47 44.86
N GLY A 434 -21.87 -9.66 44.29
CA GLY A 434 -22.27 -10.81 45.07
C GLY A 434 -23.74 -11.19 45.01
N ARG A 435 -24.51 -10.51 44.17
CA ARG A 435 -25.93 -10.83 44.04
C ARG A 435 -26.13 -12.14 43.28
N ASP A 436 -27.16 -12.89 43.63
CA ASP A 436 -27.43 -14.15 42.96
C ASP A 436 -28.25 -13.89 41.71
N LEU A 437 -27.67 -14.13 40.53
CA LEU A 437 -28.37 -13.90 39.27
C LEU A 437 -29.56 -14.84 39.07
N ALA A 438 -29.47 -16.01 39.65
CA ALA A 438 -30.54 -16.99 39.56
C ALA A 438 -31.72 -16.57 40.43
N ARG A 439 -31.43 -16.10 41.63
CA ARG A 439 -32.49 -15.68 42.53
C ARG A 439 -33.07 -14.32 42.18
N GLU A 440 -32.21 -13.32 41.99
CA GLU A 440 -32.67 -11.97 41.71
C GLU A 440 -32.45 -11.32 40.34
N GLY A 441 -32.43 -12.13 39.28
CA GLY A 441 -32.24 -11.61 37.94
C GLY A 441 -33.23 -10.52 37.54
N ASN A 442 -34.52 -10.82 37.65
CA ASN A 442 -35.58 -9.87 37.30
C ASN A 442 -35.51 -8.57 38.08
N THR A 443 -35.16 -8.69 39.35
CA THR A 443 -35.05 -7.53 40.23
C THR A 443 -33.96 -6.62 39.69
N ILE A 444 -32.85 -7.24 39.29
CA ILE A 444 -31.70 -6.53 38.74
C ILE A 444 -32.07 -5.75 37.47
N ILE A 445 -32.85 -6.38 36.60
CA ILE A 445 -33.29 -5.73 35.36
C ILE A 445 -34.27 -4.59 35.67
N ARG A 446 -35.31 -4.86 36.45
CA ARG A 446 -36.29 -3.84 36.81
C ARG A 446 -35.62 -2.64 37.46
N GLU A 447 -34.63 -2.89 38.30
CA GLU A 447 -33.91 -1.81 38.95
C GLU A 447 -33.27 -0.89 37.91
N ALA A 448 -32.72 -1.47 36.84
CA ALA A 448 -32.06 -0.71 35.78
C ALA A 448 -33.03 0.09 34.91
N THR A 449 -34.27 -0.39 34.79
CA THR A 449 -35.26 0.32 33.98
C THR A 449 -35.58 1.67 34.60
N LYS A 450 -35.42 1.77 35.92
CA LYS A 450 -35.70 3.02 36.63
C LYS A 450 -34.80 4.16 36.17
N TRP A 451 -33.63 3.85 35.60
CA TRP A 451 -32.74 4.91 35.13
C TRP A 451 -32.41 4.82 33.64
N SER A 452 -32.82 3.74 32.98
CA SER A 452 -32.59 3.57 31.56
C SER A 452 -33.91 3.47 30.79
N PRO A 453 -34.31 4.57 30.12
CA PRO A 453 -35.55 4.62 29.34
C PRO A 453 -35.53 3.58 28.23
N GLU A 454 -34.37 3.43 27.61
CA GLU A 454 -34.21 2.47 26.53
C GLU A 454 -34.53 1.08 27.01
N LEU A 455 -34.00 0.72 28.16
CA LEU A 455 -34.24 -0.60 28.75
C LEU A 455 -35.69 -0.74 29.20
N ALA A 456 -36.23 0.31 29.80
CA ALA A 456 -37.62 0.30 30.27
C ALA A 456 -38.54 -0.01 29.10
N ALA A 457 -38.29 0.65 27.98
CA ALA A 457 -39.08 0.46 26.76
C ALA A 457 -38.99 -0.98 26.24
N ALA A 458 -37.80 -1.57 26.33
CA ALA A 458 -37.59 -2.93 25.88
C ALA A 458 -38.37 -3.89 26.77
N CYS A 459 -38.26 -3.70 28.08
CA CYS A 459 -38.95 -4.54 29.06
C CYS A 459 -40.46 -4.50 28.87
N GLU A 460 -40.99 -3.36 28.41
CA GLU A 460 -42.42 -3.24 28.18
C GLU A 460 -42.89 -4.11 27.01
N VAL A 461 -42.03 -4.24 26.01
CA VAL A 461 -42.34 -5.00 24.80
C VAL A 461 -42.18 -6.51 24.92
N TRP A 462 -41.12 -6.96 25.60
CA TRP A 462 -40.86 -8.38 25.63
C TRP A 462 -41.33 -9.34 26.70
N LYS A 463 -41.40 -8.95 27.96
CA LYS A 463 -41.82 -9.93 28.96
C LYS A 463 -43.29 -10.33 28.78
N MET B 1 -40.41 8.28 22.29
CA MET B 1 -39.27 7.69 21.53
C MET B 1 -38.08 8.63 21.64
N GLN B 2 -37.02 8.17 22.30
CA GLN B 2 -35.83 8.99 22.47
C GLN B 2 -34.82 8.59 21.40
N VAL B 3 -34.02 9.54 20.95
CA VAL B 3 -33.00 9.28 19.93
C VAL B 3 -31.67 9.22 20.67
N TRP B 4 -30.92 8.14 20.47
CA TRP B 4 -29.63 8.00 21.15
C TRP B 4 -28.66 9.09 20.67
N PRO B 5 -28.06 9.84 21.60
CA PRO B 5 -27.12 10.92 21.30
C PRO B 5 -25.89 10.52 20.49
N ILE B 6 -25.43 11.49 19.72
CA ILE B 6 -24.30 11.36 18.82
C ILE B 6 -23.03 12.03 19.36
N LEU B 7 -23.22 13.22 19.94
CA LEU B 7 -22.12 14.02 20.45
C LEU B 7 -21.69 13.71 21.87
N ASN B 8 -20.38 13.74 22.07
CA ASN B 8 -19.79 13.48 23.37
C ASN B 8 -20.33 12.27 24.10
N LEU B 9 -20.53 11.17 23.37
CA LEU B 9 -21.02 9.95 23.97
C LEU B 9 -19.99 8.84 23.85
N LYS B 10 -18.71 9.19 24.02
CA LYS B 10 -17.63 8.21 23.96
C LYS B 10 -17.76 7.28 25.16
N LYS B 11 -17.47 6.01 24.98
CA LYS B 11 -17.58 5.03 26.05
C LYS B 11 -16.25 4.35 26.36
N TYR B 12 -16.18 3.68 27.50
CA TYR B 12 -14.95 3.04 27.95
C TYR B 12 -15.11 1.57 28.34
N GLU B 13 -15.78 0.81 27.48
CA GLU B 13 -16.00 -0.61 27.70
C GLU B 13 -16.73 -0.95 29.00
N THR B 14 -16.51 -2.14 29.54
CA THR B 14 -17.21 -2.63 30.73
C THR B 14 -17.54 -1.68 31.86
N LEU B 15 -18.84 -1.58 32.09
CA LEU B 15 -19.48 -0.75 33.11
C LEU B 15 -19.64 0.72 32.71
N SER B 16 -19.17 1.09 31.52
CA SER B 16 -19.27 2.48 31.11
C SER B 16 -20.68 2.92 30.72
N TYR B 17 -21.60 1.98 30.52
CA TYR B 17 -22.99 2.33 30.18
C TYR B 17 -23.90 2.48 31.41
N LEU B 18 -23.34 2.30 32.58
CA LEU B 18 -24.08 2.43 33.83
C LEU B 18 -23.75 3.78 34.43
N PRO B 19 -24.58 4.27 35.37
CA PRO B 19 -24.28 5.58 35.98
C PRO B 19 -22.92 5.46 36.65
N PRO B 20 -22.19 6.59 36.74
CA PRO B 20 -20.88 6.57 37.38
C PRO B 20 -20.90 5.85 38.74
N LEU B 21 -19.87 5.06 38.99
CA LEU B 21 -19.78 4.30 40.22
C LEU B 21 -19.48 5.19 41.42
N THR B 22 -20.18 4.93 42.52
CA THR B 22 -19.96 5.66 43.75
C THR B 22 -18.77 4.97 44.42
N THR B 23 -18.15 5.62 45.40
CA THR B 23 -17.00 5.03 46.09
C THR B 23 -17.33 3.66 46.64
N ASP B 24 -18.58 3.50 47.07
CA ASP B 24 -19.04 2.23 47.61
C ASP B 24 -19.10 1.12 46.56
N GLN B 25 -19.79 1.37 45.45
CA GLN B 25 -19.87 0.36 44.40
C GLN B 25 -18.52 0.15 43.74
N LEU B 26 -17.67 1.17 43.82
CA LEU B 26 -16.32 1.12 43.28
C LEU B 26 -15.51 0.17 44.17
N ALA B 27 -15.73 0.26 45.48
CA ALA B 27 -15.05 -0.61 46.42
C ALA B 27 -15.52 -2.07 46.26
N ARG B 28 -16.79 -2.26 45.90
CA ARG B 28 -17.37 -3.58 45.70
C ARG B 28 -16.77 -4.26 44.47
N GLN B 29 -16.51 -3.49 43.42
CA GLN B 29 -15.90 -4.06 42.22
C GLN B 29 -14.46 -4.49 42.53
N VAL B 30 -13.76 -3.69 43.34
CA VAL B 30 -12.39 -4.03 43.71
C VAL B 30 -12.41 -5.28 44.60
N ASP B 31 -13.43 -5.41 45.44
CA ASP B 31 -13.53 -6.59 46.30
C ASP B 31 -13.71 -7.84 45.45
N TYR B 32 -14.40 -7.70 44.33
CA TYR B 32 -14.62 -8.82 43.41
C TYR B 32 -13.26 -9.33 42.90
N LEU B 33 -12.37 -8.43 42.54
CA LEU B 33 -11.04 -8.81 42.07
C LEU B 33 -10.29 -9.59 43.16
N LEU B 34 -10.18 -8.96 44.33
CA LEU B 34 -9.49 -9.57 45.48
C LEU B 34 -10.04 -10.94 45.83
N ASN B 35 -11.35 -11.05 45.89
CA ASN B 35 -11.97 -12.33 46.22
C ASN B 35 -11.64 -13.42 45.21
N ASN B 36 -11.35 -13.03 43.98
CA ASN B 36 -11.00 -13.99 42.93
C ASN B 36 -9.50 -14.18 42.82
N LYS B 37 -8.76 -13.49 43.67
CA LYS B 37 -7.30 -13.58 43.69
C LYS B 37 -6.69 -12.94 42.44
N TRP B 38 -7.34 -11.91 41.90
CA TRP B 38 -6.83 -11.19 40.74
C TRP B 38 -6.07 -10.00 41.27
N VAL B 39 -5.01 -9.61 40.56
CA VAL B 39 -4.21 -8.48 41.00
C VAL B 39 -4.69 -7.18 40.37
N PRO B 40 -5.04 -6.19 41.22
CA PRO B 40 -5.51 -4.89 40.73
C PRO B 40 -4.35 -3.98 40.32
N CYS B 41 -4.59 -3.11 39.35
CA CYS B 41 -3.57 -2.17 38.88
C CYS B 41 -4.29 -0.98 38.29
N LEU B 42 -3.66 0.19 38.32
CA LEU B 42 -4.27 1.39 37.77
C LEU B 42 -3.58 1.85 36.48
N GLU B 43 -4.37 2.37 35.55
CA GLU B 43 -3.87 2.87 34.27
C GLU B 43 -4.48 4.25 34.04
N PHE B 44 -3.73 5.15 33.44
CA PHE B 44 -4.23 6.49 33.16
C PHE B 44 -3.77 6.92 31.76
N GLU B 45 -4.53 7.83 31.18
CA GLU B 45 -4.23 8.34 29.85
C GLU B 45 -4.71 9.79 29.79
N THR B 46 -3.86 10.66 29.29
CA THR B 46 -4.19 12.07 29.20
C THR B 46 -4.44 12.52 27.75
N ASP B 47 -3.77 11.87 26.79
CA ASP B 47 -3.89 12.26 25.40
C ASP B 47 -4.95 11.64 24.50
N HIS B 48 -5.08 10.32 24.53
CA HIS B 48 -6.04 9.62 23.68
C HIS B 48 -6.86 8.63 24.50
N GLY B 49 -8.01 9.07 25.00
CA GLY B 49 -8.85 8.21 25.81
C GLY B 49 -9.58 7.11 25.06
N PHE B 50 -9.55 7.14 23.73
CA PHE B 50 -10.24 6.15 22.91
C PHE B 50 -9.33 5.58 21.83
N VAL B 51 -9.75 4.44 21.28
CA VAL B 51 -9.01 3.74 20.24
C VAL B 51 -8.98 4.52 18.93
N TYR B 52 -7.84 4.48 18.24
CA TYR B 52 -7.67 5.16 16.97
C TYR B 52 -6.66 4.38 16.16
N ARG B 53 -6.35 4.84 14.95
CA ARG B 53 -5.41 4.15 14.07
C ARG B 53 -4.46 5.11 13.39
N GLU B 54 -3.28 5.27 13.95
CA GLU B 54 -2.31 6.17 13.36
C GLU B 54 -1.13 5.48 12.72
N HIS B 55 -0.51 4.55 13.43
CA HIS B 55 0.68 3.87 12.95
C HIS B 55 0.52 2.67 12.04
N HIS B 56 -0.68 2.08 11.98
CA HIS B 56 -0.89 0.92 11.10
C HIS B 56 -2.39 0.71 10.92
N ASN B 57 -2.77 -0.06 9.90
CA ASN B 57 -4.18 -0.33 9.59
C ASN B 57 -4.56 -1.78 9.31
N SER B 58 -3.63 -2.72 9.55
CA SER B 58 -3.91 -4.14 9.29
C SER B 58 -4.89 -4.70 10.32
N PRO B 59 -5.56 -5.81 9.98
CA PRO B 59 -6.54 -6.42 10.91
C PRO B 59 -6.01 -6.63 12.33
N GLY B 60 -6.81 -6.25 13.31
CA GLY B 60 -6.41 -6.43 14.71
C GLY B 60 -5.43 -5.40 15.26
N TYR B 61 -5.00 -4.45 14.44
CA TYR B 61 -4.08 -3.41 14.92
C TYR B 61 -4.84 -2.11 15.18
N TYR B 62 -4.67 -1.57 16.38
CA TYR B 62 -5.28 -0.31 16.77
C TYR B 62 -4.33 0.37 17.74
N ASP B 63 -4.32 1.70 17.71
CA ASP B 63 -3.51 2.48 18.65
C ASP B 63 -4.48 2.92 19.73
N GLY B 64 -3.94 3.33 20.88
CA GLY B 64 -4.78 3.78 21.97
C GLY B 64 -5.31 2.67 22.88
N ARG B 65 -4.87 1.43 22.68
CA ARG B 65 -5.34 0.35 23.54
C ARG B 65 -4.55 0.37 24.86
N TYR B 66 -3.24 0.58 24.74
CA TYR B 66 -2.36 0.64 25.92
C TYR B 66 -2.44 2.01 26.56
N TRP B 67 -2.67 2.05 27.86
CA TRP B 67 -2.64 3.32 28.56
C TRP B 67 -1.34 3.20 29.37
N THR B 68 -1.07 4.14 30.26
CA THR B 68 0.16 4.05 31.03
C THR B 68 -0.11 3.65 32.48
N MET B 69 0.70 2.71 32.94
CA MET B 69 0.59 2.14 34.28
C MET B 69 0.88 3.11 35.43
N TRP B 70 -0.02 3.16 36.40
CA TRP B 70 0.19 4.00 37.59
C TRP B 70 0.95 3.09 38.54
N LYS B 71 2.23 3.37 38.74
CA LYS B 71 3.09 2.57 39.62
C LYS B 71 3.18 1.11 39.15
N LEU B 72 2.78 0.16 40.00
CA LEU B 72 2.84 -1.26 39.66
C LEU B 72 1.59 -2.02 40.13
N PRO B 73 1.37 -3.24 39.60
CA PRO B 73 0.19 -4.01 40.01
C PRO B 73 0.34 -4.22 41.50
N MET B 74 -0.78 -4.14 42.22
CA MET B 74 -0.78 -4.27 43.66
C MET B 74 -0.81 -5.70 44.15
N PHE B 75 0.30 -6.40 43.93
CA PHE B 75 0.41 -7.78 44.37
C PHE B 75 0.28 -7.78 45.89
N GLY B 76 -0.39 -8.80 46.42
CA GLY B 76 -0.55 -8.88 47.87
C GLY B 76 -1.50 -7.88 48.51
N CYS B 77 -2.28 -7.18 47.69
CA CYS B 77 -3.24 -6.23 48.22
C CYS B 77 -4.34 -7.06 48.89
N THR B 78 -4.80 -6.62 50.04
CA THR B 78 -5.84 -7.35 50.75
C THR B 78 -7.01 -6.44 51.09
N ASP B 79 -6.82 -5.14 50.92
CA ASP B 79 -7.86 -4.20 51.25
C ASP B 79 -8.19 -3.27 50.10
N PRO B 80 -9.48 -3.20 49.72
CA PRO B 80 -9.98 -2.35 48.63
C PRO B 80 -9.62 -0.90 48.85
N ALA B 81 -9.48 -0.51 50.12
CA ALA B 81 -9.13 0.86 50.46
C ALA B 81 -7.76 1.22 49.91
N GLN B 82 -6.87 0.24 49.83
CA GLN B 82 -5.52 0.46 49.30
C GLN B 82 -5.64 0.95 47.86
N VAL B 83 -6.46 0.24 47.08
CA VAL B 83 -6.68 0.57 45.70
C VAL B 83 -7.33 1.93 45.53
N LEU B 84 -8.40 2.19 46.28
CA LEU B 84 -9.09 3.46 46.17
C LEU B 84 -8.20 4.63 46.62
N ASN B 85 -7.24 4.33 47.50
CA ASN B 85 -6.29 5.33 47.97
C ASN B 85 -5.41 5.73 46.80
N GLU B 86 -4.94 4.74 46.04
CA GLU B 86 -4.11 5.01 44.88
C GLU B 86 -4.90 5.78 43.83
N LEU B 87 -6.18 5.43 43.68
CA LEU B 87 -7.04 6.12 42.73
C LEU B 87 -7.03 7.59 43.07
N GLU B 88 -7.16 7.88 44.37
CA GLU B 88 -7.16 9.25 44.85
C GLU B 88 -5.84 9.97 44.58
N GLU B 89 -4.73 9.27 44.81
CA GLU B 89 -3.41 9.86 44.57
C GLU B 89 -3.19 10.10 43.07
N CYS B 90 -3.65 9.17 42.25
CA CYS B 90 -3.51 9.28 40.81
C CYS B 90 -4.30 10.50 40.32
N LYS B 91 -5.54 10.61 40.77
CA LYS B 91 -6.42 11.73 40.41
C LYS B 91 -5.80 13.06 40.82
N LYS B 92 -5.18 13.07 42.00
CA LYS B 92 -4.54 14.26 42.52
C LYS B 92 -3.45 14.70 41.55
N GLU B 93 -2.67 13.74 41.07
CA GLU B 93 -1.61 14.07 40.14
C GLU B 93 -2.03 14.27 38.69
N TYR B 94 -3.08 13.58 38.27
CA TYR B 94 -3.57 13.69 36.89
C TYR B 94 -5.07 13.92 36.84
N PRO B 95 -5.55 15.07 37.32
CA PRO B 95 -6.99 15.37 37.30
C PRO B 95 -7.54 15.53 35.89
N ASN B 96 -6.64 15.57 34.93
CA ASN B 96 -6.96 15.74 33.52
C ASN B 96 -6.95 14.41 32.77
N ALA B 97 -6.65 13.33 33.48
CA ALA B 97 -6.54 12.03 32.87
C ALA B 97 -7.73 11.11 33.10
N PHE B 98 -7.88 10.13 32.20
CA PHE B 98 -8.92 9.11 32.34
C PHE B 98 -8.19 8.07 33.17
N ILE B 99 -8.85 7.48 34.15
CA ILE B 99 -8.21 6.47 34.98
C ILE B 99 -9.10 5.26 35.01
N ARG B 100 -8.51 4.08 34.86
CA ARG B 100 -9.29 2.86 34.89
C ARG B 100 -8.61 1.84 35.76
N ILE B 101 -9.41 0.91 36.28
CA ILE B 101 -8.87 -0.14 37.12
C ILE B 101 -8.85 -1.42 36.29
N ILE B 102 -7.71 -2.09 36.29
CA ILE B 102 -7.58 -3.34 35.55
C ILE B 102 -7.17 -4.44 36.53
N GLY B 103 -7.34 -5.68 36.12
CA GLY B 103 -6.98 -6.78 36.98
C GLY B 103 -6.26 -7.83 36.17
N PHE B 104 -5.31 -8.51 36.80
CA PHE B 104 -4.54 -9.55 36.14
C PHE B 104 -4.81 -10.85 36.85
N ASP B 105 -4.97 -11.90 36.06
CA ASP B 105 -5.18 -13.24 36.57
C ASP B 105 -3.91 -13.99 36.21
N SER B 106 -2.98 -14.08 37.16
CA SER B 106 -1.70 -14.75 36.95
C SER B 106 -1.88 -16.22 36.61
N ASN B 107 -2.99 -16.80 37.02
CA ASN B 107 -3.26 -18.21 36.75
C ASN B 107 -3.64 -18.44 35.29
N ARG B 108 -4.48 -17.57 34.76
CA ARG B 108 -4.90 -17.67 33.36
C ARG B 108 -3.82 -16.97 32.51
N GLU B 109 -2.91 -16.26 33.20
CA GLU B 109 -1.79 -15.55 32.59
C GLU B 109 -2.18 -14.41 31.67
N VAL B 110 -3.31 -13.76 31.96
CA VAL B 110 -3.81 -12.66 31.14
C VAL B 110 -4.47 -11.55 31.94
N GLN B 111 -4.67 -10.40 31.29
CA GLN B 111 -5.38 -9.29 31.92
C GLN B 111 -6.83 -9.79 31.84
N CYS B 112 -7.62 -9.54 32.87
CA CYS B 112 -9.00 -10.05 32.86
C CYS B 112 -10.07 -9.04 33.23
N ILE B 113 -9.66 -7.85 33.67
CA ILE B 113 -10.59 -6.81 34.10
C ILE B 113 -10.18 -5.47 33.52
N SER B 114 -11.15 -4.57 33.40
CA SER B 114 -10.90 -3.23 32.90
C SER B 114 -12.20 -2.45 32.94
N PHE B 115 -12.28 -1.48 33.86
CA PHE B 115 -13.46 -0.61 33.98
C PHE B 115 -13.01 0.78 34.39
N ILE B 116 -13.63 1.77 33.78
CA ILE B 116 -13.31 3.17 34.04
C ILE B 116 -13.65 3.55 35.49
N ALA B 117 -12.71 4.22 36.16
CA ALA B 117 -12.91 4.64 37.54
C ALA B 117 -12.98 6.15 37.66
N TYR B 118 -12.43 6.88 36.70
CA TYR B 118 -12.44 8.32 36.73
C TYR B 118 -12.36 8.92 35.33
N LYS B 119 -13.10 10.00 35.12
CA LYS B 119 -13.11 10.70 33.84
C LYS B 119 -12.98 12.18 34.13
N PRO B 120 -12.24 12.92 33.29
CA PRO B 120 -12.08 14.35 33.51
C PRO B 120 -13.44 15.04 33.32
N ALA B 121 -13.56 16.29 33.78
CA ALA B 121 -14.79 17.04 33.68
C ALA B 121 -15.28 17.16 32.23
N GLY B 122 -16.57 16.89 32.05
CA GLY B 122 -17.17 16.97 30.73
C GLY B 122 -17.16 15.69 29.94
N TYR B 123 -16.86 14.56 30.59
CA TYR B 123 -16.86 13.28 29.89
C TYR B 123 -17.84 12.29 30.50
N LYS C 21 53.91 -36.18 6.26
CA LYS C 21 54.76 -35.04 6.72
C LYS C 21 55.50 -34.30 5.61
N LEU C 22 56.04 -35.05 4.67
CA LEU C 22 56.79 -34.46 3.56
C LEU C 22 56.01 -33.45 2.74
N THR C 23 54.80 -33.81 2.37
CA THR C 23 53.98 -32.93 1.56
C THR C 23 53.31 -31.78 2.29
N TYR C 24 52.99 -31.98 3.57
CA TYR C 24 52.25 -30.97 4.31
C TYR C 24 52.91 -30.08 5.32
N TYR C 25 54.10 -30.43 5.79
CA TYR C 25 54.78 -29.55 6.74
C TYR C 25 55.79 -28.81 5.85
N THR C 26 55.52 -27.53 5.64
CA THR C 26 56.32 -26.67 4.77
C THR C 26 56.76 -25.41 5.48
N PRO C 27 57.73 -25.52 6.41
CA PRO C 27 58.25 -24.39 7.17
C PRO C 27 58.90 -23.26 6.39
N GLU C 28 59.14 -23.49 5.11
CA GLU C 28 59.79 -22.49 4.27
C GLU C 28 58.78 -21.71 3.43
N TYR C 29 57.52 -22.16 3.47
CA TYR C 29 56.45 -21.55 2.70
C TYR C 29 56.17 -20.11 3.10
N GLU C 30 56.08 -19.24 2.10
CA GLU C 30 55.76 -17.83 2.32
C GLU C 30 54.28 -17.71 1.94
N THR C 31 53.45 -17.26 2.88
CA THR C 31 52.03 -17.13 2.61
C THR C 31 51.70 -16.11 1.53
N LEU C 32 50.63 -16.38 0.79
CA LEU C 32 50.17 -15.47 -0.26
C LEU C 32 49.10 -14.58 0.35
N ASP C 33 48.96 -13.37 -0.17
CA ASP C 33 47.93 -12.46 0.33
C ASP C 33 46.51 -12.95 0.06
N THR C 34 46.39 -13.99 -0.75
CA THR C 34 45.10 -14.58 -1.11
C THR C 34 44.78 -15.85 -0.31
N ASP C 35 45.73 -16.31 0.49
CA ASP C 35 45.58 -17.51 1.32
C ASP C 35 44.70 -17.25 2.53
N ILE C 36 43.97 -18.28 2.97
CA ILE C 36 43.19 -18.21 4.19
C ILE C 36 44.18 -18.89 5.16
N LEU C 37 44.48 -18.24 6.27
CA LEU C 37 45.43 -18.78 7.23
C LEU C 37 44.69 -19.19 8.50
N ALA C 38 45.04 -20.34 9.05
CA ALA C 38 44.40 -20.82 10.26
C ALA C 38 45.42 -21.06 11.37
N ALA C 39 45.09 -20.66 12.59
CA ALA C 39 45.95 -20.87 13.73
C ALA C 39 45.24 -21.92 14.59
N PHE C 40 45.75 -23.15 14.58
CA PHE C 40 45.17 -24.24 15.35
C PHE C 40 45.97 -24.50 16.64
N ARG C 41 45.26 -24.79 17.73
CA ARG C 41 45.91 -25.12 18.99
C ARG C 41 45.83 -26.66 19.00
N VAL C 42 46.96 -27.31 18.68
CA VAL C 42 47.07 -28.76 18.58
C VAL C 42 47.62 -29.48 19.82
N SER C 43 46.89 -30.49 20.28
CA SER C 43 47.29 -31.32 21.43
C SER C 43 47.44 -32.72 20.85
N PRO C 44 48.66 -33.10 20.46
CA PRO C 44 48.88 -34.43 19.88
C PRO C 44 48.77 -35.56 20.89
N GLN C 45 48.50 -36.77 20.39
CA GLN C 45 48.45 -37.93 21.26
C GLN C 45 49.89 -38.12 21.68
N PRO C 46 50.12 -38.71 22.86
CA PRO C 46 51.50 -38.92 23.29
C PRO C 46 52.23 -39.80 22.27
N GLY C 47 53.43 -39.37 21.88
CA GLY C 47 54.20 -40.14 20.91
C GLY C 47 54.17 -39.56 19.51
N VAL C 48 53.29 -38.60 19.26
CA VAL C 48 53.18 -37.96 17.95
C VAL C 48 53.89 -36.59 18.01
N PRO C 49 55.01 -36.47 17.30
CA PRO C 49 55.77 -35.19 17.29
C PRO C 49 54.97 -34.05 16.66
N PRO C 50 55.33 -32.80 17.01
CA PRO C 50 54.72 -31.56 16.53
C PRO C 50 54.55 -31.51 15.02
N GLU C 51 55.66 -31.63 14.32
CA GLU C 51 55.68 -31.57 12.86
C GLU C 51 54.70 -32.53 12.21
N GLU C 52 54.61 -33.74 12.72
CA GLU C 52 53.70 -34.72 12.15
C GLU C 52 52.24 -34.35 12.46
N ALA C 53 52.01 -33.84 13.67
CA ALA C 53 50.68 -33.41 14.09
C ALA C 53 50.20 -32.26 13.19
N GLY C 54 51.07 -31.26 13.01
CA GLY C 54 50.76 -30.11 12.18
C GLY C 54 50.52 -30.52 10.73
N ALA C 55 51.33 -31.46 10.25
CA ALA C 55 51.19 -31.95 8.89
C ALA C 55 49.86 -32.67 8.78
N ALA C 56 49.48 -33.38 9.84
CA ALA C 56 48.23 -34.12 9.87
C ALA C 56 47.05 -33.16 9.79
N VAL C 57 47.11 -32.07 10.54
CA VAL C 57 46.03 -31.09 10.53
C VAL C 57 45.84 -30.50 9.13
N ALA C 58 46.93 -30.16 8.46
CA ALA C 58 46.88 -29.61 7.12
C ALA C 58 46.31 -30.61 6.08
N ALA C 59 46.81 -31.83 6.11
CA ALA C 59 46.37 -32.88 5.19
C ALA C 59 44.92 -33.22 5.41
N GLU C 60 44.57 -33.51 6.66
CA GLU C 60 43.20 -33.87 7.02
C GLU C 60 42.18 -32.77 6.74
N SER C 61 42.62 -31.51 6.62
CA SER C 61 41.70 -30.42 6.34
C SER C 61 41.77 -29.96 4.89
N SER C 62 42.46 -30.71 4.05
CA SER C 62 42.56 -30.35 2.64
C SER C 62 42.56 -31.62 1.80
N THR C 63 43.68 -31.92 1.13
CA THR C 63 43.77 -33.10 0.29
C THR C 63 43.92 -34.31 1.22
N GLY C 64 45.07 -34.96 1.21
CA GLY C 64 45.29 -36.11 2.07
C GLY C 64 44.33 -37.28 1.90
N THR C 65 44.90 -38.45 1.56
CA THR C 65 44.11 -39.66 1.38
C THR C 65 44.86 -40.83 2.02
N TRP C 66 44.13 -41.65 2.76
CA TRP C 66 44.71 -42.80 3.45
C TRP C 66 45.40 -43.79 2.49
N THR C 67 44.98 -43.78 1.22
CA THR C 67 45.54 -44.68 0.22
C THR C 67 45.75 -43.88 -1.07
N THR C 68 46.74 -44.26 -1.87
CA THR C 68 47.00 -43.58 -3.14
C THR C 68 45.92 -43.86 -4.17
N VAL C 69 45.47 -42.81 -4.85
CA VAL C 69 44.45 -42.93 -5.89
C VAL C 69 45.00 -42.36 -7.20
N TRP C 70 44.76 -43.07 -8.29
CA TRP C 70 45.25 -42.69 -9.62
C TRP C 70 44.74 -41.35 -10.17
N THR C 71 43.58 -40.91 -9.70
CA THR C 71 42.96 -39.66 -10.14
C THR C 71 43.79 -38.43 -9.79
N ASP C 72 44.58 -38.54 -8.73
CA ASP C 72 45.44 -37.45 -8.29
C ASP C 72 46.38 -37.01 -9.42
N GLY C 73 46.68 -37.94 -10.33
CA GLY C 73 47.55 -37.62 -11.45
C GLY C 73 46.92 -36.81 -12.56
N LEU C 74 45.62 -36.53 -12.44
CA LEU C 74 44.90 -35.74 -13.44
C LEU C 74 44.92 -34.26 -13.08
N THR C 75 45.45 -33.95 -11.90
CA THR C 75 45.52 -32.58 -11.39
C THR C 75 46.90 -32.33 -10.80
N ASN C 76 47.12 -31.10 -10.34
CA ASN C 76 48.34 -30.69 -9.67
C ASN C 76 47.91 -30.44 -8.24
N LEU C 77 48.01 -31.47 -7.40
CA LEU C 77 47.58 -31.36 -6.02
C LEU C 77 48.29 -30.34 -5.13
N ASP C 78 49.48 -29.89 -5.54
CA ASP C 78 50.20 -28.90 -4.74
C ASP C 78 49.50 -27.56 -4.81
N ARG C 79 48.66 -27.40 -5.81
CA ARG C 79 47.91 -26.17 -5.99
C ARG C 79 46.70 -26.11 -5.07
N TYR C 80 46.29 -27.25 -4.55
CA TYR C 80 45.11 -27.35 -3.70
C TYR C 80 45.34 -27.82 -2.26
N LYS C 81 46.56 -28.21 -1.95
CA LYS C 81 46.84 -28.70 -0.61
C LYS C 81 46.95 -27.62 0.45
N GLY C 82 46.67 -28.01 1.69
CA GLY C 82 46.80 -27.11 2.83
C GLY C 82 48.23 -27.28 3.28
N ARG C 83 48.83 -26.23 3.83
CA ARG C 83 50.22 -26.32 4.26
C ARG C 83 50.48 -25.82 5.66
N CYS C 84 51.07 -26.68 6.49
CA CYS C 84 51.42 -26.28 7.85
C CYS C 84 52.79 -25.61 7.64
N TYR C 85 52.80 -24.29 7.71
CA TYR C 85 54.02 -23.53 7.48
C TYR C 85 54.75 -23.09 8.73
N HIS C 86 54.12 -23.21 9.89
CA HIS C 86 54.78 -22.79 11.10
C HIS C 86 54.20 -23.46 12.35
N ILE C 87 55.06 -23.74 13.31
CA ILE C 87 54.67 -24.39 14.56
C ILE C 87 55.42 -23.75 15.71
N GLU C 88 54.75 -23.52 16.83
CA GLU C 88 55.38 -22.93 17.99
C GLU C 88 54.73 -23.50 19.25
N PRO C 89 55.55 -23.89 20.25
CA PRO C 89 55.07 -24.45 21.51
C PRO C 89 54.17 -23.48 22.27
N VAL C 90 53.25 -24.01 23.07
CA VAL C 90 52.36 -23.20 23.89
C VAL C 90 53.00 -23.11 25.25
N ALA C 91 53.14 -21.88 25.75
CA ALA C 91 53.76 -21.66 27.04
C ALA C 91 52.95 -22.22 28.19
N GLY C 92 53.64 -22.93 29.06
CA GLY C 92 53.02 -23.49 30.24
C GLY C 92 51.95 -24.52 30.00
N GLU C 93 52.06 -25.26 28.91
CA GLU C 93 51.07 -26.28 28.66
C GLU C 93 51.78 -27.55 28.32
N GLU C 94 51.22 -28.66 28.77
CA GLU C 94 51.83 -29.94 28.49
C GLU C 94 51.47 -30.45 27.08
N ASN C 95 52.50 -30.61 26.26
CA ASN C 95 52.35 -31.11 24.90
C ASN C 95 51.26 -30.44 24.05
N GLN C 96 51.38 -29.13 23.85
CA GLN C 96 50.41 -28.37 23.08
C GLN C 96 51.15 -27.33 22.23
N TYR C 97 50.80 -27.24 20.95
CA TYR C 97 51.44 -26.32 20.02
C TYR C 97 50.44 -25.55 19.19
N ILE C 98 50.84 -24.38 18.69
CA ILE C 98 49.99 -23.60 17.81
C ILE C 98 50.56 -23.88 16.41
N CYS C 99 49.77 -24.50 15.55
CA CYS C 99 50.19 -24.80 14.18
C CYS C 99 49.48 -23.85 13.21
N TYR C 100 50.24 -23.27 12.29
CA TYR C 100 49.69 -22.34 11.29
C TYR C 100 49.54 -23.08 9.99
N VAL C 101 48.36 -22.98 9.39
CA VAL C 101 48.09 -23.66 8.13
C VAL C 101 47.55 -22.66 7.10
N ALA C 102 48.02 -22.78 5.86
CA ALA C 102 47.58 -21.91 4.77
C ALA C 102 46.74 -22.72 3.79
N TYR C 103 45.62 -22.15 3.37
CA TYR C 103 44.70 -22.78 2.43
C TYR C 103 44.59 -21.87 1.20
N PRO C 104 44.77 -22.42 0.00
CA PRO C 104 44.66 -21.56 -1.19
C PRO C 104 43.26 -21.03 -1.44
N LEU C 105 43.19 -19.82 -1.97
CA LEU C 105 41.93 -19.14 -2.29
C LEU C 105 40.93 -20.00 -3.06
N ASP C 106 41.43 -20.78 -4.01
CA ASP C 106 40.59 -21.63 -4.86
C ASP C 106 39.76 -22.72 -4.18
N LEU C 107 40.03 -23.03 -2.92
CA LEU C 107 39.30 -24.09 -2.24
C LEU C 107 37.91 -23.65 -1.78
N PHE C 108 37.66 -22.36 -1.74
CA PHE C 108 36.42 -21.82 -1.20
C PHE C 108 35.35 -21.24 -2.12
N GLU C 109 34.10 -21.48 -1.76
CA GLU C 109 33.01 -20.90 -2.54
C GLU C 109 32.84 -19.45 -2.12
N GLU C 110 32.75 -18.58 -3.11
CA GLU C 110 32.60 -17.15 -2.88
C GLU C 110 31.34 -16.84 -2.07
N GLY C 111 31.47 -15.96 -1.09
CA GLY C 111 30.33 -15.56 -0.29
C GLY C 111 29.68 -16.62 0.59
N SER C 112 30.30 -17.77 0.71
CA SER C 112 29.74 -18.85 1.54
C SER C 112 30.51 -19.18 2.84
N VAL C 113 30.02 -18.68 3.97
CA VAL C 113 30.64 -18.98 5.27
C VAL C 113 30.47 -20.48 5.53
N THR C 114 29.34 -21.03 5.10
CA THR C 114 29.06 -22.44 5.23
C THR C 114 30.19 -23.29 4.63
N ASN C 115 30.63 -22.93 3.43
CA ASN C 115 31.69 -23.68 2.76
C ASN C 115 33.04 -23.40 3.40
N MET C 116 33.25 -22.19 3.89
CA MET C 116 34.52 -21.86 4.53
C MET C 116 34.74 -22.76 5.77
N PHE C 117 33.71 -22.88 6.60
CA PHE C 117 33.78 -23.71 7.82
C PHE C 117 33.86 -25.20 7.50
N THR C 118 33.11 -25.66 6.50
CA THR C 118 33.12 -27.06 6.09
C THR C 118 34.52 -27.50 5.67
N SER C 119 35.19 -26.66 4.89
CA SER C 119 36.52 -26.97 4.39
C SER C 119 37.60 -27.00 5.46
N ILE C 120 37.61 -26.01 6.33
CA ILE C 120 38.63 -25.91 7.38
C ILE C 120 38.34 -26.76 8.61
N VAL C 121 37.12 -26.71 9.07
CA VAL C 121 36.72 -27.36 10.29
C VAL C 121 35.81 -28.60 10.16
N GLY C 122 35.47 -28.98 8.93
CA GLY C 122 34.56 -30.10 8.79
C GLY C 122 35.03 -31.50 9.06
N ASN C 123 36.34 -31.71 9.09
CA ASN C 123 36.89 -33.04 9.22
C ASN C 123 37.99 -33.29 10.27
N VAL C 124 38.97 -32.39 10.37
CA VAL C 124 40.12 -32.56 11.28
C VAL C 124 39.90 -32.85 12.76
N PHE C 125 38.90 -32.21 13.35
CA PHE C 125 38.66 -32.38 14.78
C PHE C 125 38.48 -33.80 15.27
N GLY C 126 38.22 -34.73 14.35
CA GLY C 126 38.06 -36.12 14.74
C GLY C 126 39.29 -36.96 14.43
N PHE C 127 40.39 -36.33 14.03
CA PHE C 127 41.60 -37.09 13.69
C PHE C 127 42.16 -37.78 14.93
N LYS C 128 42.29 -39.09 14.84
CA LYS C 128 42.78 -39.89 15.96
C LYS C 128 44.18 -39.62 16.50
N ALA C 129 45.06 -39.05 15.69
CA ALA C 129 46.41 -38.74 16.15
C ALA C 129 46.39 -37.54 17.07
N LEU C 130 45.25 -36.88 17.18
CA LEU C 130 45.12 -35.72 18.03
C LEU C 130 44.24 -36.07 19.20
N ARG C 131 44.56 -35.51 20.37
CA ARG C 131 43.75 -35.79 21.54
C ARG C 131 42.74 -34.64 21.65
N ALA C 132 43.05 -33.49 21.06
CA ALA C 132 42.16 -32.35 21.08
C ALA C 132 42.60 -31.35 20.01
N LEU C 133 41.72 -30.43 19.64
CA LEU C 133 42.03 -29.45 18.62
C LEU C 133 41.11 -28.24 18.75
N ARG C 134 41.66 -27.03 18.65
CA ARG C 134 40.89 -25.80 18.76
C ARG C 134 41.31 -24.80 17.68
N LEU C 135 40.34 -24.24 16.96
CA LEU C 135 40.66 -23.23 15.96
C LEU C 135 40.65 -21.92 16.72
N GLU C 136 41.80 -21.24 16.75
CA GLU C 136 41.89 -19.97 17.46
C GLU C 136 41.63 -18.72 16.62
N ASP C 137 42.08 -18.72 15.38
CA ASP C 137 41.93 -17.54 14.55
C ASP C 137 42.06 -17.89 13.08
N LEU C 138 41.51 -17.03 12.23
CA LEU C 138 41.57 -17.19 10.78
C LEU C 138 41.92 -15.84 10.15
N ARG C 139 42.80 -15.84 9.17
CA ARG C 139 43.13 -14.60 8.48
C ARG C 139 42.31 -14.68 7.21
N ILE C 140 41.28 -13.86 7.08
CA ILE C 140 40.46 -13.88 5.87
C ILE C 140 41.13 -12.88 4.91
N PRO C 141 41.63 -13.35 3.77
CA PRO C 141 42.28 -12.46 2.80
C PRO C 141 41.26 -11.49 2.20
N VAL C 142 41.70 -10.27 1.84
CA VAL C 142 40.76 -9.29 1.30
C VAL C 142 40.06 -9.72 0.01
N ALA C 143 40.69 -10.55 -0.81
CA ALA C 143 40.06 -10.99 -2.04
C ALA C 143 38.81 -11.86 -1.74
N TYR C 144 38.83 -12.57 -0.60
CA TYR C 144 37.70 -13.39 -0.21
C TYR C 144 36.68 -12.52 0.52
N VAL C 145 37.17 -11.56 1.29
CA VAL C 145 36.30 -10.64 2.01
C VAL C 145 35.37 -9.90 1.04
N LYS C 146 35.89 -9.51 -0.11
CA LYS C 146 35.10 -8.78 -1.10
C LYS C 146 33.98 -9.59 -1.75
N THR C 147 33.92 -10.89 -1.47
CA THR C 147 32.87 -11.70 -2.04
C THR C 147 31.62 -11.78 -1.13
N PHE C 148 31.68 -11.18 0.05
CA PHE C 148 30.57 -11.20 1.00
C PHE C 148 29.92 -9.83 1.08
N GLN C 149 28.66 -9.80 1.46
CA GLN C 149 27.96 -8.53 1.60
C GLN C 149 28.38 -7.87 2.91
N GLY C 150 28.58 -8.68 3.94
CA GLY C 150 28.94 -8.12 5.23
C GLY C 150 27.67 -7.64 5.93
N PRO C 151 27.80 -6.82 6.96
CA PRO C 151 26.64 -6.29 7.69
C PRO C 151 25.65 -5.59 6.77
N PRO C 152 24.35 -5.77 7.00
CA PRO C 152 23.35 -5.11 6.16
C PRO C 152 23.53 -3.59 6.21
N HIS C 153 23.91 -3.07 7.38
CA HIS C 153 24.08 -1.63 7.58
C HIS C 153 25.41 -1.25 8.22
N GLY C 154 25.68 -1.72 9.43
CA GLY C 154 26.92 -1.40 10.09
C GLY C 154 26.78 -0.23 11.04
N ILE C 155 27.78 -0.08 11.91
CA ILE C 155 27.79 0.96 12.94
C ILE C 155 27.40 2.38 12.51
N GLN C 156 28.10 2.92 11.54
CA GLN C 156 27.83 4.29 11.11
C GLN C 156 26.44 4.52 10.56
N VAL C 157 26.00 3.63 9.66
CA VAL C 157 24.69 3.78 9.06
C VAL C 157 23.60 3.64 10.12
N GLU C 158 23.76 2.68 11.02
CA GLU C 158 22.77 2.48 12.08
C GLU C 158 22.62 3.75 12.92
N ARG C 159 23.74 4.35 13.32
CA ARG C 159 23.67 5.57 14.11
C ARG C 159 22.97 6.69 13.34
N ASP C 160 23.25 6.79 12.04
CA ASP C 160 22.64 7.82 11.20
C ASP C 160 21.15 7.60 11.03
N LYS C 161 20.74 6.34 10.87
CA LYS C 161 19.33 5.98 10.72
C LYS C 161 18.53 6.27 11.99
N LEU C 162 19.09 5.87 13.13
CA LEU C 162 18.43 6.05 14.43
C LEU C 162 18.64 7.45 14.99
N ASN C 163 19.62 8.18 14.46
CA ASN C 163 19.93 9.54 14.90
C ASN C 163 20.39 9.55 16.36
N LYS C 164 21.27 8.62 16.72
CA LYS C 164 21.79 8.51 18.08
C LYS C 164 23.30 8.63 18.04
N TYR C 165 23.85 9.62 18.74
CA TYR C 165 25.29 9.86 18.74
C TYR C 165 25.90 10.10 20.10
N GLY C 166 27.21 9.83 20.20
CA GLY C 166 27.98 10.07 21.40
C GLY C 166 27.74 9.29 22.66
N ARG C 167 27.17 8.10 22.55
CA ARG C 167 26.92 7.30 23.75
C ARG C 167 26.55 5.90 23.36
N PRO C 168 26.77 4.93 24.27
CA PRO C 168 26.41 3.55 23.98
C PRO C 168 24.87 3.49 23.88
N LEU C 169 24.36 2.53 23.11
CA LEU C 169 22.91 2.37 22.99
C LEU C 169 22.48 1.49 24.16
N LEU C 170 21.21 1.58 24.54
CA LEU C 170 20.71 0.80 25.67
C LEU C 170 19.54 -0.08 25.29
N GLY C 171 19.55 -1.32 25.78
CA GLY C 171 18.50 -2.25 25.48
C GLY C 171 18.06 -2.99 26.75
N CYS C 172 17.00 -3.78 26.60
CA CYS C 172 16.46 -4.55 27.73
C CYS C 172 15.76 -5.80 27.24
N THR C 173 16.09 -6.97 27.81
CA THR C 173 15.46 -8.23 27.43
C THR C 173 14.19 -8.38 28.25
N ILE C 174 13.08 -8.67 27.59
CA ILE C 174 11.82 -8.84 28.30
C ILE C 174 11.79 -10.22 28.96
N LYS C 175 11.43 -10.25 30.24
CA LYS C 175 11.30 -11.50 31.00
C LYS C 175 10.03 -11.42 31.83
N PRO C 176 9.43 -12.58 32.17
CA PRO C 176 9.92 -13.91 31.80
C PRO C 176 9.89 -14.12 30.29
N LYS C 177 10.82 -14.93 29.78
CA LYS C 177 10.89 -15.19 28.35
C LYS C 177 9.65 -15.94 27.87
N LEU C 178 9.21 -16.91 28.66
CA LEU C 178 8.03 -17.66 28.32
C LEU C 178 6.98 -17.52 29.41
N GLY C 179 5.72 -17.38 29.01
CA GLY C 179 4.66 -17.26 29.99
C GLY C 179 3.73 -16.07 29.86
N LEU C 180 4.28 -14.95 29.43
CA LEU C 180 3.44 -13.77 29.27
C LEU C 180 2.61 -13.87 27.98
N SER C 181 1.44 -13.25 28.00
CA SER C 181 0.61 -13.22 26.82
C SER C 181 1.24 -12.13 25.93
N ALA C 182 1.01 -12.20 24.62
CA ALA C 182 1.55 -11.20 23.70
C ALA C 182 1.23 -9.79 24.14
N LYS C 183 0.01 -9.56 24.63
CA LYS C 183 -0.31 -8.21 25.08
C LYS C 183 0.46 -7.78 26.33
N ASN C 184 0.58 -8.69 27.31
CA ASN C 184 1.31 -8.36 28.53
C ASN C 184 2.77 -8.13 28.20
N TYR C 185 3.24 -8.83 27.18
CA TYR C 185 4.61 -8.69 26.72
C TYR C 185 4.78 -7.27 26.15
N GLY C 186 3.84 -6.86 25.29
CA GLY C 186 3.91 -5.53 24.72
C GLY C 186 3.82 -4.44 25.79
N ARG C 187 3.03 -4.68 26.83
CA ARG C 187 2.89 -3.72 27.91
C ARG C 187 4.27 -3.48 28.55
N ALA C 188 5.00 -4.54 28.81
CA ALA C 188 6.34 -4.43 29.39
C ALA C 188 7.27 -3.64 28.45
N VAL C 189 7.10 -3.88 27.15
CA VAL C 189 7.89 -3.21 26.10
C VAL C 189 7.69 -1.69 26.14
N TYR C 190 6.43 -1.26 26.17
CA TYR C 190 6.13 0.16 26.22
C TYR C 190 6.69 0.83 27.47
N GLU C 191 6.50 0.21 28.64
CA GLU C 191 7.01 0.81 29.88
C GLU C 191 8.53 0.92 29.89
N CYS C 192 9.21 -0.05 29.29
CA CYS C 192 10.66 0.01 29.23
C CYS C 192 11.19 1.14 28.34
N LEU C 193 10.70 1.18 27.11
CA LEU C 193 11.11 2.18 26.14
C LEU C 193 10.82 3.62 26.52
N ARG C 194 9.64 3.88 27.09
CA ARG C 194 9.27 5.24 27.43
C ARG C 194 10.16 5.85 28.49
N GLY C 195 10.88 5.01 29.22
CA GLY C 195 11.77 5.47 30.27
C GLY C 195 13.14 5.91 29.78
N GLY C 196 13.45 5.70 28.50
CA GLY C 196 14.74 6.12 28.00
C GLY C 196 15.60 5.07 27.34
N LEU C 197 15.15 3.82 27.31
CA LEU C 197 15.94 2.78 26.65
C LEU C 197 15.68 2.92 25.16
N ASP C 198 16.64 2.52 24.34
CA ASP C 198 16.50 2.63 22.89
C ASP C 198 15.82 1.40 22.32
N PHE C 199 16.15 0.23 22.88
CA PHE C 199 15.62 -1.04 22.41
C PHE C 199 15.14 -1.96 23.52
N THR C 200 14.23 -2.84 23.14
CA THR C 200 13.75 -3.89 24.03
C THR C 200 14.03 -5.13 23.18
N ASP C 202 13.51 -9.58 22.28
CA ASP C 202 12.88 -10.90 22.38
C ASP C 202 14.02 -11.80 22.84
N ASP C 203 13.72 -12.70 23.77
CA ASP C 203 14.72 -13.63 24.23
C ASP C 203 15.02 -14.55 23.05
N GLU C 204 16.21 -15.15 23.03
CA GLU C 204 16.59 -16.04 21.94
C GLU C 204 15.64 -17.22 21.78
N ASN C 205 15.04 -17.63 22.90
CA ASN C 205 14.12 -18.77 22.93
C ASN C 205 12.74 -18.42 22.38
N VAL C 206 12.40 -17.13 22.41
CA VAL C 206 11.11 -16.64 21.96
C VAL C 206 11.00 -16.60 20.43
N ASN C 207 10.32 -17.59 19.86
CA ASN C 207 10.13 -17.66 18.42
C ASN C 207 8.61 -17.63 18.21
N SER C 208 7.97 -18.79 18.30
CA SER C 208 6.50 -18.89 18.17
C SER C 208 6.12 -20.14 18.96
N GLN C 209 5.37 -19.96 20.04
CA GLN C 209 5.01 -21.08 20.90
C GLN C 209 3.53 -21.00 21.29
N PRO C 210 2.97 -22.09 21.86
CA PRO C 210 1.56 -22.13 22.26
C PRO C 210 0.96 -20.88 22.93
N PHE C 211 1.58 -20.38 24.00
CA PHE C 211 0.98 -19.22 24.65
C PHE C 211 1.24 -17.85 24.01
N MET C 212 2.13 -17.80 23.03
CA MET C 212 2.42 -16.57 22.35
C MET C 212 2.92 -16.84 20.94
N ARG C 213 2.00 -16.74 19.98
CA ARG C 213 2.34 -16.96 18.60
C ARG C 213 3.10 -15.73 18.12
N TRP C 214 4.02 -15.92 17.18
CA TRP C 214 4.84 -14.81 16.70
C TRP C 214 4.11 -13.58 16.16
N ARG C 215 3.11 -13.78 15.31
CA ARG C 215 2.43 -12.64 14.71
C ARG C 215 1.76 -11.74 15.74
N ASP C 216 1.13 -12.33 16.75
CA ASP C 216 0.49 -11.56 17.81
C ASP C 216 1.53 -10.74 18.55
N ARG C 217 2.69 -11.35 18.80
CA ARG C 217 3.79 -10.65 19.49
C ARG C 217 4.32 -9.45 18.68
N PHE C 218 4.56 -9.65 17.38
CA PHE C 218 5.03 -8.60 16.49
C PHE C 218 4.07 -7.42 16.52
N LEU C 219 2.78 -7.73 16.39
CA LEU C 219 1.72 -6.74 16.36
C LEU C 219 1.59 -5.90 17.64
N PHE C 220 1.59 -6.52 18.81
CA PHE C 220 1.50 -5.77 20.06
C PHE C 220 2.79 -5.01 20.37
N CYS C 221 3.93 -5.62 20.06
CA CYS C 221 5.22 -4.95 20.27
C CYS C 221 5.29 -3.71 19.40
N ALA C 222 4.71 -3.78 18.20
CA ALA C 222 4.67 -2.62 17.31
C ALA C 222 3.81 -1.50 17.93
N GLU C 223 2.64 -1.85 18.46
CA GLU C 223 1.81 -0.83 19.09
C GLU C 223 2.56 -0.17 20.26
N ALA C 224 3.22 -0.99 21.08
CA ALA C 224 3.98 -0.51 22.23
C ALA C 224 5.14 0.41 21.85
N LEU C 225 5.98 -0.02 20.90
CA LEU C 225 7.13 0.80 20.50
C LEU C 225 6.73 2.12 19.83
N TYR C 226 5.63 2.13 19.07
CA TYR C 226 5.17 3.39 18.44
C TYR C 226 4.62 4.36 19.48
N LYS C 227 3.97 3.83 20.51
CA LYS C 227 3.43 4.66 21.57
C LYS C 227 4.59 5.29 22.38
N ALA C 228 5.61 4.49 22.69
CA ALA C 228 6.76 4.97 23.44
C ALA C 228 7.53 6.04 22.65
N GLN C 229 7.70 5.81 21.35
CA GLN C 229 8.37 6.75 20.47
C GLN C 229 7.60 8.07 20.37
N ALA C 230 6.28 7.98 20.29
CA ALA C 230 5.45 9.17 20.21
C ALA C 230 5.55 9.98 21.50
N GLU C 231 5.56 9.27 22.62
CA GLU C 231 5.64 9.90 23.93
C GLU C 231 6.96 10.65 24.17
N THR C 232 8.08 9.96 23.94
CA THR C 232 9.41 10.53 24.18
C THR C 232 10.01 11.36 23.06
N GLY C 233 9.65 11.08 21.83
CA GLY C 233 10.22 11.82 20.72
C GLY C 233 11.52 11.22 20.20
N GLU C 234 11.97 10.14 20.81
CA GLU C 234 13.19 9.46 20.41
C GLU C 234 12.85 8.16 19.67
N ILE C 235 13.62 7.83 18.64
CA ILE C 235 13.37 6.62 17.87
C ILE C 235 13.57 5.37 18.72
N LYS C 236 12.65 4.42 18.59
CA LYS C 236 12.68 3.18 19.39
C LYS C 236 12.64 1.95 18.53
N GLY C 237 13.13 0.84 19.07
CA GLY C 237 13.11 -0.41 18.32
C GLY C 237 12.96 -1.59 19.25
N HIS C 238 12.54 -2.72 18.70
CA HIS C 238 12.38 -3.93 19.49
C HIS C 238 12.90 -5.06 18.62
N TYR C 239 13.90 -5.79 19.08
CA TYR C 239 14.43 -6.88 18.27
C TYR C 239 13.41 -7.99 18.18
N LEU C 240 12.68 -8.03 17.05
CA LEU C 240 11.66 -9.04 16.81
C LEU C 240 12.37 -10.28 16.28
N ASN C 241 12.34 -11.35 17.07
CA ASN C 241 13.01 -12.59 16.74
C ASN C 241 12.37 -13.33 15.55
N ALA C 242 13.13 -13.46 14.46
CA ALA C 242 12.64 -14.14 13.27
C ALA C 242 13.16 -15.58 13.13
N THR C 243 13.96 -16.04 14.09
CA THR C 243 14.51 -17.41 14.07
C THR C 243 13.35 -18.38 13.92
N ALA C 244 13.48 -19.36 13.04
CA ALA C 244 12.39 -20.29 12.79
C ALA C 244 12.89 -21.65 12.33
N GLY C 245 11.97 -22.59 12.15
CA GLY C 245 12.34 -23.93 11.74
C GLY C 245 12.77 -24.09 10.31
N THR C 246 12.24 -23.26 9.39
CA THR C 246 12.58 -23.35 7.98
C THR C 246 12.90 -21.95 7.42
N CYS C 247 13.49 -21.90 6.24
CA CYS C 247 13.83 -20.61 5.61
C CYS C 247 12.56 -19.84 5.33
N GLU C 248 11.54 -20.57 4.88
CA GLU C 248 10.23 -20.01 4.58
C GLU C 248 9.58 -19.34 5.77
N ASP C 249 9.57 -20.02 6.92
CA ASP C 249 8.98 -19.44 8.12
C ASP C 249 9.74 -18.21 8.58
N MET C 250 11.07 -18.27 8.50
CA MET C 250 11.91 -17.16 8.87
C MET C 250 11.61 -15.95 8.00
N MET C 251 11.48 -16.18 6.69
CA MET C 251 11.20 -15.07 5.79
C MET C 251 9.83 -14.46 6.02
N LYS C 252 8.84 -15.28 6.37
CA LYS C 252 7.49 -14.80 6.66
C LYS C 252 7.50 -13.81 7.81
N ARG C 253 8.32 -14.09 8.81
CA ARG C 253 8.43 -13.23 9.99
C ARG C 253 9.12 -11.92 9.68
N ALA C 254 10.20 -11.98 8.88
CA ALA C 254 10.94 -10.78 8.47
C ALA C 254 10.03 -9.87 7.61
N VAL C 255 9.24 -10.48 6.73
CA VAL C 255 8.31 -9.74 5.86
C VAL C 255 7.25 -8.97 6.63
N PHE C 256 6.72 -9.57 7.70
CA PHE C 256 5.71 -8.87 8.49
C PHE C 256 6.37 -7.69 9.21
N ALA C 257 7.62 -7.86 9.64
CA ALA C 257 8.34 -6.77 10.33
C ALA C 257 8.48 -5.60 9.34
N ARG C 258 8.78 -5.90 8.09
CA ARG C 258 8.90 -4.90 7.03
C ARG C 258 7.54 -4.21 6.87
N GLU C 259 6.46 -4.99 6.80
CA GLU C 259 5.12 -4.44 6.67
C GLU C 259 4.75 -3.48 7.82
N LEU C 260 5.18 -3.80 9.03
CA LEU C 260 4.91 -2.93 10.17
C LEU C 260 5.75 -1.65 10.17
N GLY C 261 6.78 -1.60 9.33
CA GLY C 261 7.65 -0.43 9.26
C GLY C 261 8.59 -0.27 10.43
N VAL C 262 8.80 -1.34 11.18
CA VAL C 262 9.70 -1.30 12.34
C VAL C 262 11.16 -1.37 11.89
N PRO C 263 12.08 -0.88 12.72
CA PRO C 263 13.51 -0.86 12.38
C PRO C 263 14.43 -2.06 12.56
N ILE C 264 14.07 -3.03 13.39
CA ILE C 264 15.01 -4.11 13.64
C ILE C 264 14.43 -5.48 13.92
N VAL C 265 15.09 -6.50 13.39
CA VAL C 265 14.70 -7.90 13.58
C VAL C 265 15.90 -8.64 14.18
N MET C 266 15.70 -9.88 14.61
CA MET C 266 16.73 -10.66 15.27
C MET C 266 16.84 -12.10 14.76
N HIS C 267 18.03 -12.69 14.89
CA HIS C 267 18.25 -14.06 14.45
C HIS C 267 19.29 -14.75 15.33
N ASP C 268 19.07 -16.02 15.67
CA ASP C 268 20.02 -16.81 16.48
C ASP C 268 20.84 -17.49 15.38
N TYR C 269 21.93 -16.85 14.98
CA TYR C 269 22.70 -17.37 13.86
C TYR C 269 23.31 -18.75 13.94
N LEU C 270 23.60 -19.22 15.16
CA LEU C 270 24.23 -20.53 15.27
C LEU C 270 23.22 -21.67 15.26
N THR C 271 22.08 -21.47 15.90
CA THR C 271 21.06 -22.51 15.92
C THR C 271 20.26 -22.50 14.61
N GLY C 272 20.06 -21.30 14.04
CA GLY C 272 19.38 -21.20 12.75
C GLY C 272 20.33 -21.70 11.66
N GLY C 273 21.60 -21.28 11.73
CA GLY C 273 22.59 -21.73 10.76
C GLY C 273 23.08 -20.62 9.85
N PHE C 274 24.26 -20.80 9.27
CA PHE C 274 24.84 -19.79 8.38
C PHE C 274 24.11 -19.60 7.06
N THR C 275 23.57 -20.68 6.51
CA THR C 275 22.83 -20.61 5.27
C THR C 275 21.58 -19.74 5.42
N ALA C 276 20.81 -19.97 6.50
CA ALA C 276 19.62 -19.17 6.77
C ALA C 276 20.02 -17.74 7.15
N ASN C 277 21.09 -17.59 7.94
CA ASN C 277 21.53 -16.26 8.35
C ASN C 277 21.89 -15.34 7.16
N THR C 278 22.63 -15.86 6.19
CA THR C 278 23.04 -15.10 5.03
C THR C 278 21.81 -14.66 4.23
N THR C 279 20.82 -15.54 4.11
CA THR C 279 19.57 -15.22 3.43
C THR C 279 18.92 -14.04 4.16
N LEU C 280 18.80 -14.13 5.48
CA LEU C 280 18.20 -13.07 6.26
C LEU C 280 18.99 -11.76 6.13
N SER C 281 20.32 -11.86 6.18
CA SER C 281 21.19 -10.69 6.06
C SER C 281 20.98 -9.96 4.74
N HIS C 282 20.82 -10.72 3.65
CA HIS C 282 20.60 -10.12 2.33
C HIS C 282 19.26 -9.42 2.24
N TYR C 283 18.22 -10.04 2.80
CA TYR C 283 16.89 -9.47 2.81
C TYR C 283 16.90 -8.17 3.62
N CYS C 284 17.60 -8.18 4.76
CA CYS C 284 17.65 -6.98 5.57
C CYS C 284 18.30 -5.81 4.84
N ARG C 285 19.35 -6.09 4.06
CA ARG C 285 20.03 -5.06 3.26
C ARG C 285 19.04 -4.50 2.23
N ASP C 286 18.35 -5.40 1.53
CA ASP C 286 17.39 -5.00 0.51
C ASP C 286 16.15 -4.30 1.02
N ASN C 287 15.86 -4.43 2.31
CA ASN C 287 14.67 -3.83 2.89
C ASN C 287 14.89 -2.81 4.01
N GLY C 288 16.14 -2.43 4.23
CA GLY C 288 16.45 -1.44 5.24
C GLY C 288 16.24 -1.83 6.70
N LEU C 289 16.27 -3.12 6.99
CA LEU C 289 16.08 -3.60 8.35
C LEU C 289 17.42 -3.83 9.05
N LEU C 290 17.53 -3.39 10.29
CA LEU C 290 18.75 -3.63 11.05
C LEU C 290 18.63 -5.07 11.54
N LEU C 291 19.75 -5.73 11.77
CA LEU C 291 19.75 -7.12 12.18
C LEU C 291 20.56 -7.36 13.44
N HIS C 292 19.88 -7.80 14.50
CA HIS C 292 20.54 -8.10 15.77
C HIS C 292 20.81 -9.60 15.83
N ILE C 293 22.06 -9.96 16.13
CA ILE C 293 22.44 -11.35 16.18
C ILE C 293 22.72 -11.85 17.59
N HIS C 294 22.05 -12.95 17.95
CA HIS C 294 22.21 -13.56 19.25
C HIS C 294 23.10 -14.79 19.06
N ARG C 295 24.04 -15.00 19.98
CA ARG C 295 24.98 -16.11 19.85
C ARG C 295 24.64 -17.36 20.65
N ALA C 296 23.34 -17.65 20.78
CA ALA C 296 22.89 -18.84 21.51
C ALA C 296 23.61 -20.07 20.99
N MET C 297 24.07 -20.93 21.92
CA MET C 297 24.79 -22.17 21.64
C MET C 297 26.31 -22.01 21.49
N HIS C 298 26.82 -20.79 21.47
CA HIS C 298 28.26 -20.56 21.30
C HIS C 298 29.15 -21.29 22.32
N ALA C 299 28.77 -21.29 23.60
CA ALA C 299 29.58 -21.93 24.63
C ALA C 299 29.72 -23.44 24.48
N VAL C 300 28.85 -24.04 23.67
CA VAL C 300 28.92 -25.47 23.42
C VAL C 300 30.21 -25.70 22.61
N ILE C 301 30.57 -24.68 21.84
CA ILE C 301 31.72 -24.72 20.93
C ILE C 301 32.97 -23.94 21.34
N ASP C 302 32.77 -22.75 21.90
CA ASP C 302 33.89 -21.91 22.24
C ASP C 302 34.35 -21.84 23.68
N ARG C 303 33.85 -22.70 24.56
CA ARG C 303 34.23 -22.59 25.96
C ARG C 303 35.56 -23.19 26.43
N GLN C 304 35.82 -24.45 26.10
CA GLN C 304 37.03 -25.11 26.53
C GLN C 304 38.25 -24.67 25.72
N LYS C 305 39.34 -24.36 26.41
CA LYS C 305 40.57 -23.92 25.76
C LYS C 305 41.23 -24.99 24.87
N ASN C 306 41.00 -26.25 25.16
CA ASN C 306 41.63 -27.33 24.42
C ASN C 306 40.95 -27.82 23.15
N HIS C 307 39.63 -27.67 23.05
CA HIS C 307 38.91 -28.18 21.89
C HIS C 307 37.74 -27.30 21.51
N GLY C 308 37.56 -27.07 20.21
CA GLY C 308 36.46 -26.26 19.74
C GLY C 308 36.94 -25.14 18.83
N MET C 309 36.24 -24.02 18.88
CA MET C 309 36.58 -22.86 18.06
C MET C 309 36.43 -21.66 18.95
N HIS C 310 37.42 -20.78 18.96
CA HIS C 310 37.31 -19.60 19.81
C HIS C 310 36.23 -18.67 19.27
N PHE C 311 35.55 -17.94 20.14
CA PHE C 311 34.51 -17.04 19.68
C PHE C 311 34.94 -16.05 18.59
N ARG C 312 36.21 -15.61 18.61
CA ARG C 312 36.68 -14.64 17.62
C ARG C 312 36.52 -15.15 16.19
N VAL C 313 36.60 -16.46 16.01
CA VAL C 313 36.42 -17.08 14.71
C VAL C 313 34.92 -16.96 14.35
N LEU C 314 34.05 -17.21 15.33
CA LEU C 314 32.61 -17.14 15.12
C LEU C 314 32.15 -15.71 14.87
N ALA C 315 32.90 -14.75 15.43
CA ALA C 315 32.63 -13.32 15.28
C ALA C 315 32.99 -12.86 13.86
N LYS C 316 34.14 -13.31 13.36
CA LYS C 316 34.57 -12.96 12.02
C LYS C 316 33.59 -13.49 10.99
N ALA C 317 33.16 -14.73 11.20
CA ALA C 317 32.21 -15.39 10.33
C ALA C 317 30.88 -14.61 10.26
N LEU C 318 30.41 -14.12 11.39
CA LEU C 318 29.18 -13.35 11.42
C LEU C 318 29.35 -12.02 10.69
N ARG C 319 30.50 -11.37 10.82
CA ARG C 319 30.73 -10.09 10.13
C ARG C 319 30.68 -10.30 8.62
N LEU C 320 31.09 -11.48 8.15
CA LEU C 320 31.07 -11.79 6.73
C LEU C 320 29.64 -12.15 6.28
N SER C 321 29.00 -13.09 6.97
CA SER C 321 27.63 -13.49 6.66
C SER C 321 26.72 -12.27 6.76
N GLY C 322 26.88 -11.52 7.84
CA GLY C 322 26.11 -10.30 8.04
C GLY C 322 25.28 -10.17 9.30
N GLY C 323 25.43 -9.02 9.95
CA GLY C 323 24.68 -8.71 11.15
C GLY C 323 25.09 -7.31 11.55
N ASP C 324 24.20 -6.57 12.20
CA ASP C 324 24.52 -5.20 12.63
C ASP C 324 24.93 -5.16 14.10
N HIS C 325 24.41 -6.09 14.88
CA HIS C 325 24.73 -6.22 16.31
C HIS C 325 25.12 -7.68 16.50
N ILE C 326 25.93 -7.96 17.53
CA ILE C 326 26.28 -9.32 17.89
C ILE C 326 26.64 -9.32 19.36
N HIS C 327 26.07 -10.26 20.10
CA HIS C 327 26.37 -10.37 21.53
C HIS C 327 27.83 -10.74 21.68
N SER C 328 28.52 -10.07 22.61
CA SER C 328 29.94 -10.33 22.81
C SER C 328 30.37 -10.58 24.26
N GLY C 329 29.43 -10.92 25.14
CA GLY C 329 29.80 -11.17 26.53
C GLY C 329 29.80 -9.91 27.37
N THR C 330 30.03 -10.05 28.67
CA THR C 330 30.00 -8.89 29.53
C THR C 330 31.30 -8.30 30.07
N VAL C 331 32.37 -9.10 30.16
CA VAL C 331 33.65 -8.59 30.70
C VAL C 331 33.58 -8.29 32.21
N VAL C 332 32.68 -7.41 32.62
CA VAL C 332 32.54 -7.07 34.02
C VAL C 332 31.51 -8.06 34.59
N GLU C 338 38.26 -13.10 29.83
CA GLU C 338 39.41 -12.22 30.14
C GLU C 338 39.25 -10.95 29.30
N ARG C 339 39.40 -9.82 29.97
CA ARG C 339 39.26 -8.49 29.37
C ARG C 339 39.97 -8.30 28.03
N ASP C 340 41.28 -8.53 28.02
CA ASP C 340 42.07 -8.35 26.81
C ASP C 340 41.61 -9.15 25.62
N ILE C 341 41.23 -10.40 25.85
CA ILE C 341 40.75 -11.27 24.77
C ILE C 341 39.49 -10.67 24.16
N THR C 342 38.58 -10.22 25.02
CA THR C 342 37.32 -9.62 24.58
C THR C 342 37.56 -8.34 23.79
N LEU C 343 38.37 -7.45 24.33
CA LEU C 343 38.69 -6.21 23.65
C LEU C 343 39.33 -6.53 22.31
N GLY C 344 40.06 -7.64 22.26
CA GLY C 344 40.69 -8.06 21.02
C GLY C 344 39.67 -8.37 19.94
N PHE C 345 38.67 -9.19 20.26
CA PHE C 345 37.67 -9.52 19.23
C PHE C 345 36.65 -8.41 18.99
N VAL C 346 36.56 -7.47 19.93
CA VAL C 346 35.68 -6.33 19.78
C VAL C 346 36.30 -5.47 18.66
N ASP C 347 37.63 -5.32 18.67
CA ASP C 347 38.34 -4.56 17.63
C ASP C 347 38.14 -5.23 16.27
N LEU C 348 38.17 -6.55 16.26
CA LEU C 348 37.97 -7.33 15.04
C LEU C 348 36.56 -7.17 14.43
N LEU C 349 35.59 -6.88 15.28
CA LEU C 349 34.21 -6.69 14.87
C LEU C 349 33.92 -5.28 14.39
N ARG C 350 34.56 -4.29 15.00
CA ARG C 350 34.33 -2.90 14.68
C ARG C 350 35.28 -2.19 13.71
N ASP C 351 36.57 -2.50 13.79
CA ASP C 351 37.58 -1.81 12.97
C ASP C 351 37.77 -2.29 11.54
N ASP C 352 38.47 -1.47 10.76
CA ASP C 352 38.73 -1.81 9.38
C ASP C 352 40.05 -2.55 9.24
N TYR C 353 40.90 -2.42 10.24
CA TYR C 353 42.21 -3.06 10.21
C TYR C 353 42.68 -3.29 11.64
N THR C 354 43.10 -4.51 11.95
CA THR C 354 43.57 -4.87 13.27
C THR C 354 44.87 -5.67 13.14
N GLU C 355 45.92 -5.12 13.71
CA GLU C 355 47.24 -5.70 13.66
C GLU C 355 47.36 -6.88 14.61
N LYS C 356 48.24 -7.83 14.26
CA LYS C 356 48.53 -9.01 15.04
C LYS C 356 48.88 -8.56 16.46
N ASP C 357 48.37 -9.26 17.46
CA ASP C 357 48.62 -8.91 18.85
C ASP C 357 48.32 -10.11 19.71
N ARG C 358 49.35 -10.92 19.97
CA ARG C 358 49.19 -12.11 20.77
C ARG C 358 48.69 -11.87 22.20
N SER C 359 48.99 -10.71 22.78
CA SER C 359 48.53 -10.41 24.12
C SER C 359 46.99 -10.28 24.20
N ARG C 360 46.35 -10.18 23.03
CA ARG C 360 44.89 -10.06 22.97
C ARG C 360 44.28 -11.18 22.14
N GLY C 361 45.06 -12.23 21.90
CA GLY C 361 44.55 -13.36 21.13
C GLY C 361 44.39 -13.12 19.64
N ILE C 362 44.95 -12.04 19.13
CA ILE C 362 44.88 -11.73 17.70
C ILE C 362 46.11 -12.34 17.04
N TYR C 363 45.92 -13.52 16.44
CA TYR C 363 47.01 -14.25 15.79
C TYR C 363 47.40 -13.77 14.39
N PHE C 364 46.52 -13.05 13.71
CA PHE C 364 46.82 -12.57 12.36
C PHE C 364 46.38 -11.12 12.23
N THR C 365 47.06 -10.38 11.36
CA THR C 365 46.65 -9.01 11.09
C THR C 365 45.44 -9.23 10.17
N GLN C 366 44.37 -8.49 10.40
CA GLN C 366 43.15 -8.64 9.61
C GLN C 366 42.70 -7.31 9.03
N SER C 367 42.45 -7.29 7.72
CA SER C 367 41.96 -6.09 7.03
C SER C 367 40.56 -6.43 6.55
N TRP C 368 39.69 -5.41 6.48
CA TRP C 368 38.32 -5.63 6.06
C TRP C 368 37.89 -4.87 4.80
N VAL C 369 38.81 -4.14 4.18
CA VAL C 369 38.52 -3.35 2.97
C VAL C 369 37.14 -2.69 2.94
N SER C 370 36.88 -1.91 3.98
CA SER C 370 35.66 -1.16 4.14
C SER C 370 34.35 -1.91 4.40
N THR C 371 34.46 -3.18 4.80
CA THR C 371 33.27 -3.95 5.16
C THR C 371 32.87 -3.28 6.48
N PRO C 372 31.59 -2.89 6.63
CA PRO C 372 31.12 -2.21 7.83
C PRO C 372 31.41 -2.96 9.13
N GLY C 373 31.49 -2.20 10.21
CA GLY C 373 31.74 -2.78 11.51
C GLY C 373 30.44 -3.23 12.13
N VAL C 374 30.55 -4.07 13.15
CA VAL C 374 29.41 -4.62 13.88
C VAL C 374 29.42 -4.08 15.30
N LEU C 375 28.25 -3.67 15.78
CA LEU C 375 28.09 -3.14 17.14
C LEU C 375 28.11 -4.30 18.16
N PRO C 376 29.06 -4.29 19.10
CA PRO C 376 29.08 -5.38 20.08
C PRO C 376 28.03 -5.11 21.15
N VAL C 377 27.36 -6.16 21.60
CA VAL C 377 26.30 -6.05 22.61
C VAL C 377 26.73 -6.70 23.93
N ALA C 378 26.88 -5.90 24.98
CA ALA C 378 27.26 -6.41 26.30
C ALA C 378 25.99 -6.72 27.05
N SER C 379 25.90 -7.93 27.59
CA SER C 379 24.70 -8.36 28.30
C SER C 379 25.05 -9.42 29.33
N GLY C 380 24.20 -9.58 30.34
CA GLY C 380 24.44 -10.59 31.36
C GLY C 380 24.60 -10.09 32.78
N GLY C 381 23.50 -10.08 33.52
CA GLY C 381 23.53 -9.67 34.91
C GLY C 381 24.10 -8.31 35.25
N ILE C 382 24.09 -7.36 34.32
CA ILE C 382 24.63 -6.04 34.61
C ILE C 382 23.55 -5.09 35.14
N HIS C 383 23.99 -4.10 35.92
CA HIS C 383 23.08 -3.10 36.51
C HIS C 383 23.81 -1.76 36.61
N VAL C 384 23.10 -0.72 37.06
CA VAL C 384 23.65 0.63 37.17
C VAL C 384 25.09 0.77 37.60
N TRP C 385 25.50 -0.01 38.59
CA TRP C 385 26.86 0.08 39.10
C TRP C 385 27.97 -0.32 38.15
N HIS C 386 27.62 -1.04 37.08
CA HIS C 386 28.61 -1.48 36.10
C HIS C 386 28.79 -0.44 34.99
N MET C 387 27.90 0.55 34.96
CA MET C 387 27.92 1.58 33.91
C MET C 387 29.26 2.27 33.62
N PRO C 388 29.98 2.73 34.66
CA PRO C 388 31.25 3.39 34.38
C PRO C 388 32.26 2.44 33.72
N ALA C 389 32.29 1.21 34.20
CA ALA C 389 33.18 0.19 33.68
C ALA C 389 32.86 -0.17 32.24
N LEU C 390 31.58 -0.35 31.94
CA LEU C 390 31.16 -0.70 30.59
C LEU C 390 31.44 0.41 29.58
N THR C 391 31.18 1.65 29.98
CA THR C 391 31.39 2.81 29.12
C THR C 391 32.88 2.92 28.82
N GLU C 392 33.68 2.74 29.86
CA GLU C 392 35.12 2.81 29.78
C GLU C 392 35.71 1.75 28.86
N ILE C 393 35.31 0.49 29.06
CA ILE C 393 35.82 -0.63 28.30
C ILE C 393 35.36 -0.73 26.83
N PHE C 394 34.07 -0.55 26.59
CA PHE C 394 33.54 -0.67 25.23
C PHE C 394 33.54 0.64 24.45
N GLY C 395 33.36 1.75 25.16
CA GLY C 395 33.33 3.03 24.50
C GLY C 395 31.93 3.29 23.99
N ASP C 396 31.79 4.31 23.14
CA ASP C 396 30.50 4.68 22.59
C ASP C 396 29.83 3.66 21.68
N ASP C 397 30.62 2.99 20.85
CA ASP C 397 30.05 2.04 19.92
C ASP C 397 29.79 0.68 20.50
N SER C 398 28.70 0.58 21.24
CA SER C 398 28.31 -0.68 21.85
C SER C 398 26.85 -0.57 22.28
N VAL C 399 26.24 -1.73 22.55
CA VAL C 399 24.86 -1.76 23.03
C VAL C 399 24.92 -2.45 24.39
N LEU C 400 24.42 -1.78 25.43
CA LEU C 400 24.42 -2.34 26.77
C LEU C 400 23.01 -2.85 27.05
N GLN C 401 22.87 -4.15 27.30
CA GLN C 401 21.58 -4.77 27.54
C GLN C 401 21.30 -5.03 29.02
N PHE C 402 20.20 -4.48 29.55
CA PHE C 402 19.81 -4.64 30.96
C PHE C 402 18.44 -5.31 31.12
N GLY C 403 18.40 -6.64 31.22
CA GLY C 403 17.13 -7.32 31.39
C GLY C 403 16.62 -7.12 32.80
N GLY C 404 17.11 -7.95 33.72
CA GLY C 404 16.72 -7.83 35.13
C GLY C 404 17.14 -6.49 35.72
N GLY C 405 18.13 -5.84 35.10
CA GLY C 405 18.60 -4.55 35.56
C GLY C 405 17.59 -3.44 35.34
N THR C 406 16.56 -3.71 34.54
CA THR C 406 15.51 -2.72 34.29
C THR C 406 14.20 -3.19 34.93
N LEU C 407 13.82 -4.43 34.63
CA LEU C 407 12.59 -5.06 35.11
C LEU C 407 12.60 -5.44 36.61
N GLY C 408 13.75 -5.23 37.24
CA GLY C 408 13.90 -5.54 38.66
C GLY C 408 13.95 -4.29 39.50
N HIS C 409 13.79 -3.12 38.88
CA HIS C 409 13.82 -1.86 39.62
C HIS C 409 12.56 -1.86 40.50
N PRO C 410 12.69 -1.39 41.77
CA PRO C 410 11.55 -1.35 42.69
C PRO C 410 10.30 -0.58 42.22
N TRP C 411 10.49 0.48 41.44
CA TRP C 411 9.35 1.27 40.97
C TRP C 411 8.74 0.83 39.64
N GLY C 412 9.36 -0.14 38.97
CA GLY C 412 8.84 -0.61 37.69
C GLY C 412 9.79 -0.39 36.52
N ASN C 413 9.35 -0.80 35.33
CA ASN C 413 10.12 -0.70 34.09
C ASN C 413 10.55 0.71 33.66
N ALA C 414 9.62 1.65 33.66
CA ALA C 414 9.93 3.02 33.25
C ALA C 414 11.01 3.65 34.13
N PRO C 415 10.82 3.65 35.47
CA PRO C 415 11.86 4.25 36.32
C PRO C 415 13.16 3.43 36.25
N GLY C 416 13.02 2.14 35.96
CA GLY C 416 14.18 1.27 35.82
C GLY C 416 14.99 1.70 34.62
N ALA C 417 14.28 2.08 33.56
CA ALA C 417 14.89 2.55 32.32
C ALA C 417 15.53 3.90 32.56
N VAL C 418 14.82 4.78 33.27
CA VAL C 418 15.30 6.12 33.59
C VAL C 418 16.61 6.04 34.38
N ALA C 419 16.68 5.14 35.35
CA ALA C 419 17.87 4.97 36.17
C ALA C 419 19.08 4.59 35.27
N ASN C 420 18.86 3.67 34.33
CA ASN C 420 19.93 3.24 33.43
C ASN C 420 20.36 4.33 32.46
N ARG C 421 19.40 5.07 31.92
CA ARG C 421 19.68 6.14 30.99
C ARG C 421 20.44 7.27 31.70
N VAL C 422 19.97 7.63 32.89
CA VAL C 422 20.62 8.69 33.66
C VAL C 422 22.05 8.29 34.03
N ALA C 423 22.22 7.09 34.57
CA ALA C 423 23.53 6.57 34.96
C ALA C 423 24.50 6.65 33.77
N LEU C 424 24.04 6.20 32.59
CA LEU C 424 24.86 6.22 31.40
C LEU C 424 25.25 7.64 30.97
N GLU C 425 24.26 8.53 30.88
CA GLU C 425 24.53 9.90 30.50
C GLU C 425 25.44 10.61 31.49
N ALA C 426 25.32 10.23 32.77
CA ALA C 426 26.15 10.82 33.81
C ALA C 426 27.60 10.42 33.53
N CYS C 427 27.81 9.15 33.20
CA CYS C 427 29.14 8.65 32.90
C CYS C 427 29.72 9.28 31.65
N VAL C 428 28.89 9.42 30.62
CA VAL C 428 29.32 10.01 29.36
C VAL C 428 29.77 11.45 29.59
N GLN C 429 28.94 12.25 30.27
CA GLN C 429 29.27 13.65 30.55
C GLN C 429 30.59 13.75 31.32
N ALA C 430 30.72 12.94 32.36
CA ALA C 430 31.92 12.91 33.20
C ALA C 430 33.17 12.59 32.38
N ARG C 431 33.07 11.56 31.54
CA ARG C 431 34.15 11.16 30.67
C ARG C 431 34.53 12.32 29.75
N ASN C 432 33.52 12.94 29.16
CA ASN C 432 33.72 14.05 28.25
C ASN C 432 34.36 15.25 28.93
N GLU C 433 34.11 15.40 30.23
CA GLU C 433 34.68 16.50 30.99
C GLU C 433 36.11 16.18 31.43
N GLY C 434 36.57 14.98 31.13
CA GLY C 434 37.92 14.59 31.49
C GLY C 434 38.07 13.76 32.76
N ARG C 435 36.96 13.38 33.38
CA ARG C 435 37.04 12.58 34.60
C ARG C 435 37.44 11.16 34.28
N ASP C 436 38.18 10.51 35.18
CA ASP C 436 38.60 9.14 34.96
C ASP C 436 37.50 8.19 35.43
N LEU C 437 36.90 7.45 34.50
CA LEU C 437 35.81 6.52 34.82
C LEU C 437 36.28 5.36 35.68
N ALA C 438 37.55 4.99 35.51
CA ALA C 438 38.13 3.90 36.28
C ALA C 438 38.37 4.33 37.71
N ARG C 439 38.88 5.54 37.90
CA ARG C 439 39.15 6.03 39.24
C ARG C 439 37.89 6.50 39.97
N GLU C 440 37.09 7.34 39.32
CA GLU C 440 35.91 7.88 39.96
C GLU C 440 34.50 7.48 39.50
N GLY C 441 34.35 6.26 39.00
CA GLY C 441 33.05 5.79 38.54
C GLY C 441 31.94 5.88 39.57
N ASN C 442 32.17 5.29 40.76
CA ASN C 442 31.19 5.32 41.84
C ASN C 442 30.81 6.72 42.28
N THR C 443 31.79 7.60 42.30
CA THR C 443 31.56 8.99 42.70
C THR C 443 30.59 9.62 41.72
N ILE C 444 30.81 9.33 40.44
CA ILE C 444 29.98 9.86 39.35
C ILE C 444 28.52 9.41 39.51
N ILE C 445 28.33 8.13 39.85
CA ILE C 445 26.99 7.59 40.04
C ILE C 445 26.32 8.20 41.28
N ARG C 446 27.02 8.15 42.41
CA ARG C 446 26.48 8.72 43.66
C ARG C 446 26.09 10.19 43.47
N GLU C 447 26.91 10.93 42.74
CA GLU C 447 26.62 12.33 42.50
C GLU C 447 25.26 12.48 41.79
N ALA C 448 24.98 11.58 40.84
CA ALA C 448 23.72 11.62 40.09
C ALA C 448 22.50 11.23 40.91
N THR C 449 22.69 10.40 41.93
CA THR C 449 21.57 9.98 42.76
C THR C 449 21.01 11.16 43.53
N LYS C 450 21.86 12.15 43.78
CA LYS C 450 21.44 13.34 44.52
C LYS C 450 20.36 14.12 43.79
N TRP C 451 20.25 13.95 42.48
CA TRP C 451 19.21 14.66 41.74
C TRP C 451 18.24 13.73 40.98
N SER C 452 18.55 12.44 40.95
CA SER C 452 17.69 11.46 40.27
C SER C 452 17.16 10.43 41.25
N PRO C 453 15.89 10.57 41.67
CA PRO C 453 15.25 9.64 42.61
C PRO C 453 15.24 8.24 42.05
N GLU C 454 14.96 8.14 40.75
CA GLU C 454 14.91 6.84 40.07
C GLU C 454 16.23 6.12 40.23
N LEU C 455 17.32 6.84 39.99
CA LEU C 455 18.66 6.27 40.10
C LEU C 455 19.00 5.96 41.55
N ALA C 456 18.63 6.86 42.46
CA ALA C 456 18.90 6.66 43.88
C ALA C 456 18.27 5.35 44.33
N ALA C 457 17.03 5.15 43.93
CA ALA C 457 16.28 3.93 44.26
C ALA C 457 16.96 2.67 43.71
N ALA C 458 17.51 2.77 42.52
CA ALA C 458 18.19 1.64 41.88
C ALA C 458 19.46 1.32 42.67
N CYS C 459 20.23 2.35 42.99
CA CYS C 459 21.47 2.19 43.74
C CYS C 459 21.25 1.56 45.10
N GLU C 460 20.08 1.82 45.70
CA GLU C 460 19.76 1.23 47.00
C GLU C 460 19.56 -0.28 46.91
N VAL C 461 18.99 -0.73 45.78
CA VAL C 461 18.69 -2.13 45.56
C VAL C 461 19.87 -3.00 45.11
N TRP C 462 20.71 -2.47 44.24
CA TRP C 462 21.77 -3.29 43.69
C TRP C 462 23.19 -3.39 44.24
N LYS C 463 23.77 -2.32 44.75
CA LYS C 463 25.15 -2.47 45.23
C LYS C 463 25.23 -3.37 46.46
N MET D 1 7.49 5.66 45.88
CA MET D 1 7.44 5.19 44.46
C MET D 1 6.91 6.31 43.59
N GLN D 2 7.75 6.82 42.70
CA GLN D 2 7.34 7.90 41.81
C GLN D 2 6.93 7.28 40.48
N VAL D 3 5.98 7.91 39.79
CA VAL D 3 5.51 7.42 38.50
C VAL D 3 6.14 8.34 37.46
N TRP D 4 6.81 7.77 36.47
CA TRP D 4 7.45 8.59 35.43
C TRP D 4 6.37 9.34 34.63
N PRO D 5 6.51 10.66 34.50
CA PRO D 5 5.57 11.52 33.77
C PRO D 5 5.36 11.15 32.30
N ILE D 6 4.15 11.44 31.85
CA ILE D 6 3.69 11.17 30.51
C ILE D 6 3.64 12.42 29.63
N LEU D 7 3.18 13.53 30.22
CA LEU D 7 3.01 14.78 29.52
C LEU D 7 4.24 15.66 29.46
N ASN D 8 4.43 16.28 28.31
CA ASN D 8 5.54 17.19 28.08
C ASN D 8 6.89 16.68 28.53
N LEU D 9 7.16 15.41 28.27
CA LEU D 9 8.43 14.81 28.65
C LEU D 9 9.20 14.38 27.42
N LYS D 10 9.13 15.17 26.35
CA LYS D 10 9.84 14.87 25.11
C LYS D 10 11.34 15.01 25.38
N LYS D 11 12.14 14.14 24.77
CA LYS D 11 13.58 14.17 24.99
C LYS D 11 14.35 14.40 23.69
N TYR D 12 15.63 14.73 23.82
CA TYR D 12 16.47 15.05 22.66
C TYR D 12 17.78 14.26 22.60
N GLU D 13 17.70 12.97 22.81
CA GLU D 13 18.86 12.09 22.78
C GLU D 13 19.96 12.47 23.78
N THR D 14 21.21 12.12 23.46
CA THR D 14 22.35 12.33 24.36
C THR D 14 22.44 13.59 25.19
N LEU D 15 22.46 13.33 26.51
CA LEU D 15 22.54 14.33 27.56
C LEU D 15 21.20 14.98 27.92
N SER D 16 20.13 14.62 27.21
CA SER D 16 18.84 15.22 27.49
C SER D 16 18.18 14.74 28.78
N TYR D 17 18.68 13.67 29.39
CA TYR D 17 18.12 13.17 30.65
C TYR D 17 18.80 13.76 31.90
N LEU D 18 19.78 14.62 31.67
CA LEU D 18 20.52 15.26 32.75
C LEU D 18 19.97 16.67 32.90
N PRO D 19 20.23 17.32 34.05
CA PRO D 19 19.73 18.69 34.23
C PRO D 19 20.35 19.54 33.14
N PRO D 20 19.64 20.60 32.73
CA PRO D 20 20.16 21.50 31.68
C PRO D 20 21.62 21.89 31.94
N LEU D 21 22.41 21.90 30.88
CA LEU D 21 23.82 22.25 30.99
C LEU D 21 24.02 23.74 31.26
N THR D 22 24.93 24.04 32.17
CA THR D 22 25.27 25.42 32.48
C THR D 22 26.29 25.83 31.42
N THR D 23 26.54 27.12 31.26
CA THR D 23 27.49 27.60 30.26
C THR D 23 28.84 26.94 30.44
N ASP D 24 29.19 26.67 31.69
CA ASP D 24 30.46 26.04 32.01
C ASP D 24 30.52 24.58 31.51
N GLN D 25 29.54 23.77 31.90
CA GLN D 25 29.54 22.38 31.45
C GLN D 25 29.30 22.29 29.94
N LEU D 26 28.67 23.32 29.41
CA LEU D 26 28.39 23.42 27.98
C LEU D 26 29.73 23.66 27.28
N ALA D 27 30.56 24.50 27.89
CA ALA D 27 31.89 24.79 27.33
C ALA D 27 32.79 23.54 27.41
N ARG D 28 32.61 22.74 28.46
CA ARG D 28 33.40 21.52 28.65
C ARG D 28 33.06 20.47 27.59
N GLN D 29 31.80 20.39 27.21
CA GLN D 29 31.40 19.44 26.16
C GLN D 29 32.00 19.87 24.83
N VAL D 30 32.02 21.18 24.58
CA VAL D 30 32.60 21.70 23.34
C VAL D 30 34.11 21.45 23.33
N ASP D 31 34.73 21.56 24.51
CA ASP D 31 36.17 21.31 24.60
C ASP D 31 36.47 19.86 24.26
N TYR D 32 35.56 18.95 24.60
CA TYR D 32 35.73 17.54 24.30
C TYR D 32 35.81 17.34 22.77
N LEU D 33 34.94 18.03 22.03
CA LEU D 33 34.97 17.94 20.56
C LEU D 33 36.32 18.42 20.02
N LEU D 34 36.70 19.64 20.40
CA LEU D 34 37.94 20.24 19.96
C LEU D 34 39.15 19.37 20.27
N ASN D 35 39.21 18.86 21.50
CA ASN D 35 40.33 18.01 21.90
C ASN D 35 40.43 16.76 21.05
N ASN D 36 39.30 16.30 20.51
CA ASN D 36 39.29 15.10 19.68
C ASN D 36 39.42 15.43 18.20
N LYS D 37 39.56 16.72 17.91
CA LYS D 37 39.70 17.20 16.54
C LYS D 37 38.42 17.01 15.73
N TRP D 38 37.27 17.11 16.42
CA TRP D 38 35.97 16.98 15.75
C TRP D 38 35.50 18.40 15.45
N VAL D 39 34.80 18.57 14.34
CA VAL D 39 34.32 19.90 13.96
C VAL D 39 32.94 20.17 14.51
N PRO D 40 32.79 21.26 15.29
CA PRO D 40 31.50 21.62 15.87
C PRO D 40 30.61 22.37 14.86
N CYS D 41 29.30 22.22 15.00
CA CYS D 41 28.35 22.89 14.10
C CYS D 41 27.05 23.03 14.86
N LEU D 42 26.27 24.05 14.53
CA LEU D 42 24.99 24.26 15.20
C LEU D 42 23.80 23.96 14.28
N GLU D 43 22.75 23.40 14.86
CA GLU D 43 21.52 23.07 14.13
C GLU D 43 20.35 23.61 14.93
N PHE D 44 19.31 24.07 14.23
CA PHE D 44 18.14 24.60 14.91
C PHE D 44 16.88 24.13 14.18
N GLU D 45 15.78 24.06 14.90
CA GLU D 45 14.50 23.64 14.35
C GLU D 45 13.41 24.38 15.09
N THR D 46 12.47 24.93 14.33
CA THR D 46 11.37 25.68 14.92
C THR D 46 10.03 24.93 14.83
N ASP D 47 9.87 24.11 13.79
CA ASP D 47 8.62 23.40 13.58
C ASP D 47 8.40 22.02 14.18
N HIS D 48 9.36 21.12 14.02
CA HIS D 48 9.22 19.75 14.52
C HIS D 48 10.45 19.35 15.30
N GLY D 49 10.43 19.57 16.62
CA GLY D 49 11.57 19.22 17.44
C GLY D 49 11.81 17.75 17.69
N PHE D 50 10.85 16.90 17.28
CA PHE D 50 10.97 15.46 17.48
C PHE D 50 10.67 14.69 16.19
N VAL D 51 11.10 13.43 16.17
CA VAL D 51 10.92 12.55 15.03
C VAL D 51 9.45 12.21 14.79
N TYR D 52 9.06 12.13 13.51
CA TYR D 52 7.70 11.80 13.13
C TYR D 52 7.75 11.11 11.78
N ARG D 53 6.59 10.73 11.25
CA ARG D 53 6.53 10.03 9.97
C ARG D 53 5.42 10.55 9.10
N GLU D 54 5.75 11.45 8.19
CA GLU D 54 4.75 12.01 7.30
C GLU D 54 4.85 11.54 5.86
N HIS D 55 6.05 11.62 5.31
CA HIS D 55 6.27 11.28 3.90
C HIS D 55 6.49 9.83 3.54
N HIS D 56 6.81 8.97 4.50
CA HIS D 56 7.03 7.55 4.21
C HIS D 56 6.98 6.75 5.50
N ASN D 57 6.81 5.44 5.39
CA ASN D 57 6.71 4.55 6.56
C ASN D 57 7.55 3.27 6.52
N SER D 58 8.43 3.13 5.52
CA SER D 58 9.25 1.94 5.40
C SER D 58 10.32 1.89 6.49
N PRO D 59 10.87 0.70 6.79
CA PRO D 59 11.90 0.56 7.83
C PRO D 59 13.06 1.55 7.70
N GLY D 60 13.42 2.17 8.82
CA GLY D 60 14.53 3.10 8.81
C GLY D 60 14.23 4.49 8.28
N TYR D 61 12.99 4.74 7.85
CA TYR D 61 12.63 6.07 7.36
C TYR D 61 11.84 6.83 8.41
N TYR D 62 12.29 8.04 8.72
CA TYR D 62 11.62 8.90 9.68
C TYR D 62 11.85 10.34 9.22
N ASP D 63 10.88 11.20 9.48
CA ASP D 63 10.99 12.62 9.17
C ASP D 63 11.38 13.29 10.48
N GLY D 64 11.91 14.51 10.39
CA GLY D 64 12.31 15.22 11.60
C GLY D 64 13.70 14.91 12.11
N ARG D 65 14.47 14.11 11.39
CA ARG D 65 15.83 13.79 11.84
C ARG D 65 16.76 14.95 11.48
N TYR D 66 16.60 15.49 10.26
CA TYR D 66 17.41 16.61 9.82
C TYR D 66 16.87 17.92 10.37
N TRP D 67 17.74 18.72 10.96
CA TRP D 67 17.31 20.04 11.42
C TRP D 67 18.02 20.95 10.41
N THR D 68 17.97 22.26 10.62
CA THR D 68 18.63 23.15 9.68
C THR D 68 19.91 23.75 10.27
N MET D 69 20.94 23.73 9.45
CA MET D 69 22.28 24.19 9.81
C MET D 69 22.39 25.68 10.08
N TRP D 70 22.99 26.05 11.22
CA TRP D 70 23.20 27.46 11.55
C TRP D 70 24.57 27.76 10.91
N LYS D 71 24.56 28.53 9.83
CA LYS D 71 25.80 28.89 9.13
C LYS D 71 26.53 27.65 8.58
N LEU D 72 27.77 27.43 9.01
CA LEU D 72 28.56 26.31 8.55
C LEU D 72 29.36 25.65 9.68
N PRO D 73 29.86 24.41 9.47
CA PRO D 73 30.65 23.76 10.52
C PRO D 73 31.84 24.66 10.78
N MET D 74 32.22 24.79 12.04
CA MET D 74 33.32 25.65 12.44
C MET D 74 34.68 25.03 12.30
N PHE D 75 35.09 24.81 11.06
CA PHE D 75 36.40 24.23 10.78
C PHE D 75 37.44 25.18 11.35
N GLY D 76 38.51 24.63 11.91
CA GLY D 76 39.56 25.47 12.45
C GLY D 76 39.23 26.21 13.74
N CYS D 77 38.13 25.86 14.39
CA CYS D 77 37.76 26.49 15.64
C CYS D 77 38.77 25.99 16.68
N THR D 78 39.24 26.88 17.54
CA THR D 78 40.20 26.49 18.56
C THR D 78 39.71 26.89 19.94
N ASP D 79 38.67 27.72 20.00
CA ASP D 79 38.17 28.18 21.27
C ASP D 79 36.68 27.92 21.44
N PRO D 80 36.31 27.25 22.55
CA PRO D 80 34.93 26.91 22.88
C PRO D 80 34.04 28.15 22.91
N ALA D 81 34.65 29.29 23.23
CA ALA D 81 33.91 30.55 23.31
C ALA D 81 33.34 30.91 21.94
N GLN D 82 34.04 30.53 20.87
CA GLN D 82 33.58 30.80 19.51
C GLN D 82 32.23 30.14 19.31
N VAL D 83 32.16 28.87 19.69
CA VAL D 83 30.95 28.08 19.57
C VAL D 83 29.82 28.65 20.42
N LEU D 84 30.10 28.93 21.69
CA LEU D 84 29.07 29.45 22.57
C LEU D 84 28.59 30.84 22.13
N ASN D 85 29.46 31.55 21.43
CA ASN D 85 29.12 32.87 20.89
C ASN D 85 28.06 32.69 19.81
N GLU D 86 28.28 31.69 18.94
CA GLU D 86 27.32 31.40 17.89
C GLU D 86 26.00 30.94 18.49
N LEU D 87 26.09 30.15 19.57
CA LEU D 87 24.89 29.66 20.24
C LEU D 87 24.05 30.87 20.65
N GLU D 88 24.75 31.87 21.19
CA GLU D 88 24.09 33.09 21.64
C GLU D 88 23.46 33.86 20.48
N GLU D 89 24.16 33.95 19.36
CA GLU D 89 23.64 34.64 18.19
C GLU D 89 22.45 33.90 17.60
N CYS D 90 22.54 32.57 17.59
CA CYS D 90 21.45 31.75 17.06
C CYS D 90 20.20 31.95 17.92
N LYS D 91 20.37 31.87 19.23
CA LYS D 91 19.28 32.06 20.18
C LYS D 91 18.63 33.44 20.02
N LYS D 92 19.47 34.43 19.77
CA LYS D 92 19.00 35.80 19.59
C LYS D 92 18.07 35.84 18.39
N GLU D 93 18.46 35.17 17.32
CA GLU D 93 17.65 35.15 16.11
C GLU D 93 16.47 34.17 16.13
N TYR D 94 16.62 33.06 16.85
CA TYR D 94 15.56 32.05 16.92
C TYR D 94 15.29 31.63 18.36
N PRO D 95 14.76 32.54 19.20
CA PRO D 95 14.48 32.21 20.60
C PRO D 95 13.35 31.18 20.74
N ASN D 96 12.70 30.90 19.61
CA ASN D 96 11.58 29.97 19.56
C ASN D 96 12.02 28.60 19.04
N ALA D 97 13.31 28.47 18.73
CA ALA D 97 13.82 27.23 18.17
C ALA D 97 14.58 26.36 19.15
N PHE D 98 14.66 25.06 18.82
CA PHE D 98 15.44 24.11 19.61
C PHE D 98 16.80 24.24 18.94
N ILE D 99 17.87 24.26 19.72
CA ILE D 99 19.21 24.37 19.15
C ILE D 99 20.06 23.27 19.73
N ARG D 100 20.82 22.60 18.87
CA ARG D 100 21.68 21.54 19.36
C ARG D 100 23.05 21.68 18.76
N ILE D 101 24.05 21.13 19.45
CA ILE D 101 25.42 21.17 18.97
C ILE D 101 25.75 19.79 18.44
N ILE D 102 26.30 19.75 17.23
CA ILE D 102 26.69 18.49 16.63
C ILE D 102 28.17 18.56 16.29
N GLY D 103 28.78 17.40 16.06
CA GLY D 103 30.18 17.37 15.74
C GLY D 103 30.42 16.41 14.61
N PHE D 104 31.38 16.71 13.76
CA PHE D 104 31.70 15.86 12.63
C PHE D 104 33.13 15.37 12.79
N ASP D 105 33.33 14.10 12.50
CA ASP D 105 34.64 13.48 12.57
C ASP D 105 34.99 13.19 11.10
N SER D 106 35.77 14.09 10.51
CA SER D 106 36.17 13.97 9.10
C SER D 106 36.98 12.71 8.85
N ASN D 107 37.63 12.21 9.89
CA ASN D 107 38.44 11.00 9.75
C ASN D 107 37.57 9.75 9.63
N ARG D 108 36.54 9.67 10.46
CA ARG D 108 35.61 8.54 10.41
C ARG D 108 34.58 8.82 9.32
N GLU D 109 34.59 10.06 8.83
CA GLU D 109 33.71 10.54 7.74
C GLU D 109 32.22 10.54 8.09
N VAL D 110 31.91 10.76 9.36
CA VAL D 110 30.53 10.76 9.83
C VAL D 110 30.25 11.80 10.92
N GLN D 111 28.97 12.05 11.15
CA GLN D 111 28.57 12.94 12.23
C GLN D 111 28.79 12.05 13.46
N CYS D 112 29.29 12.59 14.56
CA CYS D 112 29.58 11.78 15.72
C CYS D 112 29.07 12.30 17.05
N ILE D 113 28.53 13.52 17.06
CA ILE D 113 28.03 14.16 18.27
C ILE D 113 26.69 14.81 18.01
N SER D 114 25.91 14.98 19.06
CA SER D 114 24.61 15.62 18.98
C SER D 114 24.00 15.70 20.37
N PHE D 115 23.95 16.92 20.92
CA PHE D 115 23.34 17.15 22.23
C PHE D 115 22.65 18.50 22.23
N ILE D 116 21.48 18.53 22.85
CA ILE D 116 20.67 19.74 22.92
C ILE D 116 21.38 20.83 23.74
N ALA D 117 21.41 22.05 23.21
CA ALA D 117 22.06 23.16 23.89
C ALA D 117 21.06 24.22 24.31
N TYR D 118 19.90 24.25 23.67
CA TYR D 118 18.87 25.23 24.01
C TYR D 118 17.48 24.72 23.64
N LYS D 119 16.51 25.04 24.50
CA LYS D 119 15.12 24.66 24.29
C LYS D 119 14.26 25.87 24.58
N PRO D 120 13.20 26.06 23.80
CA PRO D 120 12.32 27.21 24.02
C PRO D 120 11.62 27.06 25.39
N ALA D 121 11.05 28.15 25.89
CA ALA D 121 10.36 28.14 27.18
C ALA D 121 9.26 27.08 27.23
N GLY D 122 9.26 26.32 28.33
CA GLY D 122 8.26 25.29 28.52
C GLY D 122 8.62 23.91 28.01
N TYR D 123 9.90 23.71 27.69
CA TYR D 123 10.34 22.42 27.19
C TYR D 123 11.43 21.80 28.06
N LYS E 21 33.12 -0.16 -56.20
CA LYS E 21 32.66 1.20 -56.60
C LYS E 21 31.39 1.21 -57.45
N LEU E 22 31.30 0.30 -58.40
CA LEU E 22 30.16 0.21 -59.29
C LEU E 22 28.81 0.06 -58.59
N THR E 23 28.77 -0.87 -57.65
CA THR E 23 27.53 -1.13 -56.92
C THR E 23 27.17 -0.13 -55.84
N TYR E 24 28.18 0.47 -55.22
CA TYR E 24 27.92 1.36 -54.08
C TYR E 24 28.00 2.86 -54.21
N TYR E 25 28.64 3.37 -55.26
CA TYR E 25 28.69 4.81 -55.43
C TYR E 25 27.61 5.07 -56.47
N THR E 26 26.51 5.68 -56.01
CA THR E 26 25.34 5.95 -56.82
C THR E 26 24.93 7.42 -56.76
N PRO E 27 25.70 8.30 -57.41
CA PRO E 27 25.43 9.74 -57.42
C PRO E 27 24.11 10.19 -58.01
N GLU E 28 23.41 9.28 -58.67
CA GLU E 28 22.13 9.62 -59.30
C GLU E 28 20.95 9.20 -58.43
N TYR E 29 21.23 8.49 -57.34
CA TYR E 29 20.22 7.99 -56.44
C TYR E 29 19.43 9.10 -55.76
N GLU E 30 18.11 8.97 -55.77
CA GLU E 30 17.23 9.93 -55.10
C GLU E 30 16.80 9.23 -53.82
N THR E 31 17.08 9.84 -52.67
CA THR E 31 16.73 9.23 -51.40
C THR E 31 15.24 9.06 -51.19
N LEU E 32 14.87 8.01 -50.46
CA LEU E 32 13.47 7.76 -50.14
C LEU E 32 13.19 8.36 -48.77
N ASP E 33 11.95 8.75 -48.53
CA ASP E 33 11.59 9.30 -47.24
C ASP E 33 11.69 8.29 -46.10
N THR E 34 11.87 7.03 -46.45
CA THR E 34 12.00 5.94 -45.48
C THR E 34 13.45 5.53 -45.21
N ASP E 35 14.38 6.10 -45.97
CA ASP E 35 15.81 5.80 -45.84
C ASP E 35 16.42 6.46 -44.62
N ILE E 36 17.42 5.81 -44.03
CA ILE E 36 18.17 6.39 -42.92
C ILE E 36 19.38 6.94 -43.71
N LEU E 37 19.69 8.22 -43.53
CA LEU E 37 20.79 8.84 -44.25
C LEU E 37 21.92 9.15 -43.29
N ALA E 38 23.16 8.88 -43.70
CA ALA E 38 24.30 9.14 -42.85
C ALA E 38 25.29 10.08 -43.53
N ALA E 39 25.82 11.04 -42.76
CA ALA E 39 26.81 11.97 -43.29
C ALA E 39 28.12 11.58 -42.60
N PHE E 40 29.02 10.96 -43.34
CA PHE E 40 30.33 10.56 -42.81
C PHE E 40 31.44 11.53 -43.23
N ARG E 41 32.36 11.80 -42.31
CA ARG E 41 33.50 12.64 -42.63
C ARG E 41 34.62 11.62 -42.89
N VAL E 42 34.91 11.39 -44.17
CA VAL E 42 35.90 10.41 -44.61
C VAL E 42 37.31 10.97 -44.92
N SER E 43 38.33 10.33 -44.33
CA SER E 43 39.74 10.70 -44.54
C SER E 43 40.36 9.46 -45.15
N PRO E 44 40.42 9.38 -46.48
CA PRO E 44 41.00 8.21 -47.15
C PRO E 44 42.50 8.09 -46.99
N GLN E 45 43.02 6.88 -47.15
CA GLN E 45 44.44 6.67 -47.09
C GLN E 45 44.95 7.35 -48.36
N PRO E 46 46.21 7.82 -48.35
CA PRO E 46 46.71 8.47 -49.57
C PRO E 46 46.68 7.48 -50.73
N GLY E 47 46.16 7.93 -51.87
CA GLY E 47 46.09 7.06 -53.03
C GLY E 47 44.70 6.50 -53.30
N VAL E 48 43.79 6.65 -52.34
CA VAL E 48 42.41 6.16 -52.48
C VAL E 48 41.51 7.35 -52.82
N PRO E 49 40.98 7.37 -54.05
CA PRO E 49 40.09 8.47 -54.48
C PRO E 49 38.79 8.52 -53.68
N PRO E 50 38.15 9.70 -53.64
CA PRO E 50 36.89 9.97 -52.94
C PRO E 50 35.81 8.95 -53.22
N GLU E 51 35.46 8.80 -54.49
CA GLU E 51 34.41 7.88 -54.91
C GLU E 51 34.61 6.47 -54.39
N GLU E 52 35.84 5.97 -54.43
CA GLU E 52 36.11 4.62 -53.95
C GLU E 52 35.98 4.55 -52.43
N ALA E 53 36.45 5.61 -51.74
CA ALA E 53 36.36 5.68 -50.29
C ALA E 53 34.87 5.67 -49.87
N GLY E 54 34.07 6.52 -50.50
CA GLY E 54 32.65 6.60 -50.21
C GLY E 54 31.94 5.29 -50.51
N ALA E 55 32.33 4.65 -51.59
CA ALA E 55 31.75 3.37 -51.98
C ALA E 55 32.12 2.35 -50.92
N ALA E 56 33.35 2.45 -50.41
CA ALA E 56 33.84 1.54 -49.40
C ALA E 56 33.03 1.69 -48.11
N VAL E 57 32.76 2.92 -47.72
CA VAL E 57 31.99 3.17 -46.51
C VAL E 57 30.60 2.56 -46.61
N ALA E 58 29.95 2.73 -47.75
CA ALA E 58 28.61 2.17 -47.98
C ALA E 58 28.59 0.64 -47.96
N ALA E 59 29.53 0.03 -48.68
CA ALA E 59 29.62 -1.42 -48.78
C ALA E 59 29.96 -2.02 -47.42
N GLU E 60 31.01 -1.51 -46.80
CA GLU E 60 31.45 -2.00 -45.50
C GLU E 60 30.41 -1.83 -44.38
N SER E 61 29.45 -0.92 -44.56
CA SER E 61 28.42 -0.73 -43.55
C SER E 61 27.09 -1.37 -43.94
N SER E 62 27.08 -2.17 -45.00
CA SER E 62 25.87 -2.83 -45.42
C SER E 62 26.20 -4.22 -45.95
N THR E 63 26.01 -4.45 -47.24
CA THR E 63 26.29 -5.76 -47.83
C THR E 63 27.81 -5.88 -47.96
N GLY E 64 28.33 -5.90 -49.18
CA GLY E 64 29.77 -6.00 -49.37
C GLY E 64 30.44 -7.23 -48.79
N THR E 65 31.09 -8.01 -49.66
CA THR E 65 31.80 -9.22 -49.25
C THR E 65 33.12 -9.29 -50.01
N TRP E 66 34.19 -9.61 -49.29
CA TRP E 66 35.52 -9.69 -49.88
C TRP E 66 35.61 -10.72 -51.00
N THR E 67 34.72 -11.71 -50.99
CA THR E 67 34.71 -12.76 -52.01
C THR E 67 33.25 -13.01 -52.39
N THR E 68 33.01 -13.44 -53.63
CA THR E 68 31.67 -13.73 -54.11
C THR E 68 31.10 -14.99 -53.46
N VAL E 69 29.85 -14.93 -53.02
CA VAL E 69 29.17 -16.06 -52.40
C VAL E 69 27.88 -16.36 -53.16
N TRP E 70 27.64 -17.64 -53.42
CA TRP E 70 26.46 -18.09 -54.18
C TRP E 70 25.10 -17.75 -53.58
N THR E 71 25.04 -17.57 -52.26
CA THR E 71 23.81 -17.27 -51.55
C THR E 71 23.20 -15.93 -51.94
N ASP E 72 24.05 -15.02 -52.40
CA ASP E 72 23.60 -13.70 -52.84
C ASP E 72 22.55 -13.83 -53.94
N GLY E 73 22.61 -14.92 -54.69
CA GLY E 73 21.65 -15.15 -55.76
C GLY E 73 20.26 -15.58 -55.31
N LEU E 74 20.09 -15.79 -54.02
CA LEU E 74 18.79 -16.18 -53.47
C LEU E 74 17.97 -14.96 -53.06
N THR E 75 18.59 -13.79 -53.14
CA THR E 75 17.95 -12.53 -52.77
C THR E 75 18.25 -11.47 -53.82
N ASN E 76 17.67 -10.30 -53.63
CA ASN E 76 17.90 -9.14 -54.48
C ASN E 76 18.69 -8.18 -53.60
N LEU E 77 20.01 -8.26 -53.68
CA LEU E 77 20.87 -7.42 -52.85
C LEU E 77 20.78 -5.91 -53.03
N ASP E 78 20.23 -5.46 -54.15
CA ASP E 78 20.09 -4.02 -54.39
C ASP E 78 19.06 -3.43 -53.46
N ARG E 79 18.20 -4.30 -52.94
CA ARG E 79 17.14 -3.89 -52.03
C ARG E 79 17.67 -3.67 -50.61
N TYR E 80 18.85 -4.23 -50.33
CA TYR E 80 19.44 -4.16 -49.00
C TYR E 80 20.78 -3.42 -48.89
N LYS E 81 21.34 -3.02 -50.02
CA LYS E 81 22.63 -2.36 -50.00
C LYS E 81 22.59 -0.90 -49.57
N GLY E 82 23.71 -0.44 -49.02
CA GLY E 82 23.85 0.95 -48.61
C GLY E 82 24.35 1.65 -49.85
N ARG E 83 24.01 2.92 -50.03
CA ARG E 83 24.42 3.65 -51.21
C ARG E 83 25.05 5.00 -50.93
N CYS E 84 26.27 5.19 -51.43
CA CYS E 84 26.93 6.48 -51.28
C CYS E 84 26.37 7.27 -52.46
N TYR E 85 25.46 8.19 -52.16
CA TYR E 85 24.82 8.97 -53.20
C TYR E 85 25.39 10.36 -53.42
N HIS E 86 26.24 10.82 -52.52
CA HIS E 86 26.81 12.14 -52.69
C HIS E 86 28.12 12.32 -51.94
N ILE E 87 29.04 13.09 -52.51
CA ILE E 87 30.35 13.34 -51.93
C ILE E 87 30.71 14.81 -52.15
N GLU E 88 31.28 15.45 -51.14
CA GLU E 88 31.69 16.84 -51.26
C GLU E 88 32.93 17.07 -50.43
N PRO E 89 33.94 17.77 -50.98
CA PRO E 89 35.20 18.06 -50.28
C PRO E 89 34.98 18.88 -49.02
N VAL E 90 35.87 18.72 -48.04
CA VAL E 90 35.79 19.48 -46.79
C VAL E 90 36.70 20.68 -46.96
N ALA E 91 36.17 21.87 -46.69
CA ALA E 91 36.93 23.09 -46.84
C ALA E 91 38.08 23.20 -45.86
N GLY E 92 39.23 23.55 -46.42
CA GLY E 92 40.42 23.74 -45.61
C GLY E 92 40.95 22.52 -44.90
N GLU E 93 40.74 21.35 -45.49
CA GLU E 93 41.25 20.16 -44.86
C GLU E 93 41.96 19.36 -45.89
N GLU E 94 43.05 18.73 -45.49
CA GLU E 94 43.82 17.92 -46.42
C GLU E 94 43.20 16.54 -46.59
N ASN E 95 42.79 16.25 -47.82
CA ASN E 95 42.22 14.96 -48.20
C ASN E 95 41.09 14.44 -47.28
N GLN E 96 40.01 15.22 -47.17
CA GLN E 96 38.88 14.85 -46.33
C GLN E 96 37.58 15.24 -47.04
N TYR E 97 36.62 14.32 -47.07
CA TYR E 97 35.35 14.54 -47.74
C TYR E 97 34.17 14.14 -46.88
N ILE E 98 33.00 14.71 -47.15
CA ILE E 98 31.78 14.33 -46.45
C ILE E 98 31.06 13.43 -47.45
N CYS E 99 30.87 12.17 -47.09
CA CYS E 99 30.17 11.21 -47.95
C CYS E 99 28.77 10.94 -47.37
N TYR E 100 27.75 10.98 -48.22
CA TYR E 100 26.37 10.74 -47.80
C TYR E 100 25.99 9.34 -48.20
N VAL E 101 25.45 8.57 -47.25
CA VAL E 101 25.06 7.19 -47.52
C VAL E 101 23.61 6.96 -47.11
N ALA E 102 22.87 6.23 -47.92
CA ALA E 102 21.46 5.93 -47.65
C ALA E 102 21.33 4.45 -47.33
N TYR E 103 20.58 4.13 -46.28
CA TYR E 103 20.34 2.76 -45.84
C TYR E 103 18.84 2.51 -45.90
N PRO E 104 18.41 1.42 -46.54
CA PRO E 104 16.97 1.16 -46.60
C PRO E 104 16.34 0.83 -45.24
N LEU E 105 15.09 1.25 -45.08
CA LEU E 105 14.34 1.03 -43.85
C LEU E 105 14.36 -0.41 -43.33
N ASP E 106 14.31 -1.37 -44.24
CA ASP E 106 14.30 -2.80 -43.88
C ASP E 106 15.51 -3.36 -43.16
N LEU E 107 16.62 -2.63 -43.12
CA LEU E 107 17.80 -3.14 -42.45
C LEU E 107 17.75 -3.05 -40.93
N PHE E 108 16.82 -2.25 -40.41
CA PHE E 108 16.76 -1.99 -38.99
C PHE E 108 15.64 -2.60 -38.13
N GLU E 109 16.00 -2.98 -36.90
CA GLU E 109 14.99 -3.51 -36.00
C GLU E 109 14.22 -2.34 -35.39
N GLU E 110 12.91 -2.46 -35.42
CA GLU E 110 12.03 -1.43 -34.90
C GLU E 110 12.29 -1.14 -33.43
N GLY E 111 12.34 0.14 -33.08
CA GLY E 111 12.55 0.51 -31.70
C GLY E 111 13.89 0.17 -31.06
N SER E 112 14.85 -0.28 -31.85
CA SER E 112 16.16 -0.64 -31.32
C SER E 112 17.33 0.29 -31.72
N VAL E 113 17.73 1.19 -30.82
CA VAL E 113 18.87 2.07 -31.09
C VAL E 113 20.13 1.20 -31.18
N THR E 114 20.17 0.15 -30.37
CA THR E 114 21.27 -0.79 -30.37
C THR E 114 21.52 -1.33 -31.78
N ASN E 115 20.45 -1.74 -32.48
CA ASN E 115 20.59 -2.29 -33.83
C ASN E 115 20.89 -1.20 -34.84
N MET E 116 20.36 0.00 -34.62
CA MET E 116 20.63 1.09 -35.54
C MET E 116 22.15 1.41 -35.57
N PHE E 117 22.76 1.50 -34.40
CA PHE E 117 24.19 1.79 -34.29
C PHE E 117 25.06 0.64 -34.78
N THR E 118 24.67 -0.60 -34.47
CA THR E 118 25.40 -1.78 -34.91
C THR E 118 25.49 -1.84 -36.43
N SER E 119 24.38 -1.57 -37.10
CA SER E 119 24.32 -1.62 -38.55
C SER E 119 25.14 -0.56 -39.26
N ILE E 120 25.02 0.68 -38.80
CA ILE E 120 25.72 1.80 -39.42
C ILE E 120 27.17 1.96 -38.97
N VAL E 121 27.39 1.87 -37.68
CA VAL E 121 28.68 2.10 -37.09
C VAL E 121 29.44 0.87 -36.55
N GLY E 122 28.86 -0.31 -36.67
CA GLY E 122 29.52 -1.47 -36.11
C GLY E 122 30.75 -2.05 -36.78
N ASN E 123 30.97 -1.68 -38.04
CA ASN E 123 32.06 -2.27 -38.80
C ASN E 123 33.02 -1.34 -39.56
N VAL E 124 32.48 -0.33 -40.26
CA VAL E 124 33.29 0.57 -41.10
C VAL E 124 34.50 1.29 -40.52
N PHE E 125 34.41 1.73 -39.28
CA PHE E 125 35.49 2.49 -38.67
C PHE E 125 36.86 1.81 -38.67
N GLY E 126 36.87 0.51 -38.90
CA GLY E 126 38.15 -0.20 -38.94
C GLY E 126 38.61 -0.52 -40.36
N PHE E 127 37.92 0.03 -41.36
CA PHE E 127 38.30 -0.27 -42.74
C PHE E 127 39.67 0.30 -43.07
N LYS E 128 40.58 -0.57 -43.49
CA LYS E 128 41.94 -0.18 -43.80
C LYS E 128 42.19 0.87 -44.87
N ALA E 129 41.25 1.01 -45.81
CA ALA E 129 41.42 2.00 -46.87
C ALA E 129 41.18 3.41 -46.33
N LEU E 130 40.73 3.50 -45.08
CA LEU E 130 40.47 4.79 -44.47
C LEU E 130 41.49 5.01 -43.39
N ARG E 131 41.90 6.26 -43.22
CA ARG E 131 42.86 6.57 -42.18
C ARG E 131 42.06 7.04 -40.95
N ALA E 132 40.84 7.50 -41.17
CA ALA E 132 39.98 7.95 -40.09
C ALA E 132 38.54 8.05 -40.59
N LEU E 133 37.59 8.09 -39.68
CA LEU E 133 36.18 8.17 -40.05
C LEU E 133 35.35 8.72 -38.89
N ARG E 134 34.45 9.64 -39.18
CA ARG E 134 33.60 10.24 -38.17
C ARG E 134 32.15 10.34 -38.65
N LEU E 135 31.20 9.87 -37.84
CA LEU E 135 29.79 9.98 -38.22
C LEU E 135 29.37 11.35 -37.70
N GLU E 136 28.94 12.22 -38.61
CA GLU E 136 28.53 13.58 -38.22
C GLU E 136 27.04 13.74 -37.95
N ASP E 137 26.19 13.07 -38.74
CA ASP E 137 24.77 13.25 -38.58
C ASP E 137 24.01 12.09 -39.21
N LEU E 138 22.78 11.89 -38.75
CA LEU E 138 21.89 10.84 -39.28
C LEU E 138 20.51 11.44 -39.49
N ARG E 139 19.87 11.10 -40.60
CA ARG E 139 18.52 11.59 -40.83
C ARG E 139 17.66 10.39 -40.47
N ILE E 140 16.94 10.47 -39.36
CA ILE E 140 16.07 9.36 -38.96
C ILE E 140 14.72 9.62 -39.64
N PRO E 141 14.29 8.73 -40.55
CA PRO E 141 13.01 8.91 -41.24
C PRO E 141 11.84 8.78 -40.26
N VAL E 142 10.75 9.50 -40.51
CA VAL E 142 9.61 9.45 -39.59
C VAL E 142 9.00 8.06 -39.40
N ALA E 143 9.08 7.20 -40.41
CA ALA E 143 8.51 5.86 -40.27
C ALA E 143 9.28 5.04 -39.21
N TYR E 144 10.58 5.34 -39.05
CA TYR E 144 11.39 4.65 -38.05
C TYR E 144 11.22 5.33 -36.71
N VAL E 145 11.08 6.66 -36.73
CA VAL E 145 10.87 7.43 -35.51
C VAL E 145 9.61 6.93 -34.77
N LYS E 146 8.56 6.60 -35.51
CA LYS E 146 7.32 6.14 -34.90
C LYS E 146 7.40 4.78 -34.23
N THR E 147 8.53 4.10 -34.36
CA THR E 147 8.67 2.81 -33.73
C THR E 147 9.30 2.90 -32.32
N PHE E 148 9.68 4.10 -31.90
CA PHE E 148 10.30 4.32 -30.59
C PHE E 148 9.33 5.04 -29.67
N GLN E 149 9.50 4.86 -28.36
CA GLN E 149 8.65 5.53 -27.41
C GLN E 149 9.09 6.98 -27.28
N GLY E 150 10.40 7.21 -27.33
CA GLY E 150 10.91 8.55 -27.16
C GLY E 150 10.98 8.87 -25.68
N PRO E 151 11.09 10.15 -25.31
CA PRO E 151 11.17 10.56 -23.91
C PRO E 151 9.97 10.06 -23.11
N PRO E 152 10.20 9.62 -21.86
CA PRO E 152 9.10 9.14 -21.05
C PRO E 152 8.04 10.24 -20.86
N HIS E 153 8.48 11.48 -20.76
CA HIS E 153 7.59 12.62 -20.55
C HIS E 153 7.81 13.78 -21.53
N GLY E 154 9.01 14.36 -21.52
CA GLY E 154 9.29 15.46 -22.42
C GLY E 154 9.10 16.81 -21.77
N ILE E 155 9.63 17.85 -22.40
CA ILE E 155 9.59 19.21 -21.88
C ILE E 155 8.25 19.73 -21.34
N GLN E 156 7.22 19.68 -22.16
CA GLN E 156 5.93 20.20 -21.74
C GLN E 156 5.32 19.48 -20.56
N VAL E 157 5.32 18.15 -20.60
CA VAL E 157 4.73 17.36 -19.52
C VAL E 157 5.50 17.59 -18.23
N GLU E 158 6.82 17.62 -18.32
CA GLU E 158 7.65 17.83 -17.13
C GLU E 158 7.31 19.17 -16.47
N ARG E 159 7.21 20.23 -17.27
CA ARG E 159 6.87 21.54 -16.71
C ARG E 159 5.50 21.50 -16.04
N ASP E 160 4.54 20.81 -16.65
CA ASP E 160 3.19 20.70 -16.12
C ASP E 160 3.16 19.90 -14.81
N LYS E 161 3.94 18.83 -14.76
CA LYS E 161 4.02 17.98 -13.57
C LYS E 161 4.66 18.73 -12.39
N LEU E 162 5.75 19.43 -12.66
CA LEU E 162 6.47 20.17 -11.63
C LEU E 162 5.87 21.53 -11.36
N ASN E 163 5.02 22.01 -12.26
CA ASN E 163 4.35 23.30 -12.14
C ASN E 163 5.37 24.46 -12.14
N LYS E 164 6.33 24.39 -13.06
CA LYS E 164 7.38 25.41 -13.16
C LYS E 164 7.33 26.01 -14.55
N TYR E 165 7.13 27.32 -14.64
CA TYR E 165 7.03 27.99 -15.93
C TYR E 165 7.82 29.29 -16.06
N GLY E 166 8.15 29.63 -17.30
CA GLY E 166 8.83 30.87 -17.61
C GLY E 166 10.25 31.11 -17.19
N ARG E 167 11.01 30.05 -16.95
CA ARG E 167 12.41 30.23 -16.55
C ARG E 167 13.14 28.91 -16.62
N PRO E 168 14.47 28.96 -16.76
CA PRO E 168 15.26 27.74 -16.81
C PRO E 168 15.15 27.07 -15.43
N LEU E 169 15.30 25.76 -15.37
CA LEU E 169 15.26 25.05 -14.09
C LEU E 169 16.68 25.08 -13.54
N LEU E 170 16.82 24.93 -12.24
CA LEU E 170 18.13 25.00 -11.60
C LEU E 170 18.46 23.74 -10.81
N GLY E 171 19.69 23.27 -10.95
CA GLY E 171 20.11 22.08 -10.25
C GLY E 171 21.48 22.26 -9.63
N CYS E 172 21.91 21.28 -8.86
CA CYS E 172 23.20 21.33 -8.19
C CYS E 172 23.75 19.93 -7.96
N THR E 173 25.00 19.67 -8.35
CA THR E 173 25.61 18.35 -8.14
C THR E 173 26.25 18.35 -6.75
N ILE E 174 25.94 17.31 -5.97
CA ILE E 174 26.48 17.22 -4.64
C ILE E 174 27.93 16.74 -4.71
N LYS E 175 28.82 17.45 -4.01
CA LYS E 175 30.24 17.08 -3.93
C LYS E 175 30.70 17.21 -2.49
N PRO E 176 31.74 16.48 -2.08
CA PRO E 176 32.48 15.54 -2.94
C PRO E 176 31.58 14.38 -3.40
N LYS E 177 31.86 13.85 -4.59
CA LYS E 177 31.07 12.75 -5.13
C LYS E 177 31.22 11.49 -4.28
N LEU E 178 32.45 11.23 -3.84
CA LEU E 178 32.69 10.08 -3.00
C LEU E 178 33.29 10.52 -1.68
N GLY E 179 32.85 9.90 -0.59
CA GLY E 179 33.40 10.24 0.72
C GLY E 179 32.39 10.60 1.79
N LEU E 180 31.31 11.24 1.41
CA LEU E 180 30.31 11.61 2.39
C LEU E 180 29.46 10.40 2.77
N SER E 181 28.96 10.39 4.00
CA SER E 181 28.09 9.32 4.43
C SER E 181 26.72 9.67 3.83
N ALA E 182 25.85 8.68 3.64
CA ALA E 182 24.53 8.91 3.07
C ALA E 182 23.79 10.02 3.81
N LYS E 183 23.91 10.07 5.14
CA LYS E 183 23.22 11.12 5.86
C LYS E 183 23.82 12.52 5.60
N ASN E 184 25.15 12.61 5.58
CA ASN E 184 25.79 13.89 5.34
C ASN E 184 25.47 14.35 3.92
N TYR E 185 25.29 13.39 3.03
CA TYR E 185 24.94 13.66 1.65
C TYR E 185 23.53 14.28 1.64
N GLY E 186 22.60 13.66 2.34
CA GLY E 186 21.24 14.16 2.41
C GLY E 186 21.19 15.55 3.04
N ARG E 187 22.03 15.80 4.03
CA ARG E 187 22.08 17.10 4.68
C ARG E 187 22.42 18.18 3.64
N ALA E 188 23.40 17.92 2.79
CA ALA E 188 23.78 18.87 1.75
C ALA E 188 22.61 19.09 0.78
N VAL E 189 21.87 18.01 0.49
CA VAL E 189 20.71 18.03 -0.40
C VAL E 189 19.63 18.98 0.13
N TYR E 190 19.27 18.84 1.40
CA TYR E 190 18.26 19.69 2.01
C TYR E 190 18.67 21.16 1.99
N GLU E 191 19.91 21.47 2.37
CA GLU E 191 20.37 22.85 2.40
C GLU E 191 20.37 23.49 1.01
N CYS E 192 20.68 22.70 -0.01
CA CYS E 192 20.67 23.23 -1.38
C CYS E 192 19.27 23.57 -1.87
N LEU E 193 18.37 22.60 -1.77
CA LEU E 193 16.99 22.75 -2.22
C LEU E 193 16.19 23.86 -1.52
N ARG E 194 16.34 23.97 -0.21
CA ARG E 194 15.58 24.96 0.54
C ARG E 194 15.91 26.39 0.14
N GLY E 195 17.06 26.57 -0.50
CA GLY E 195 17.49 27.90 -0.91
C GLY E 195 16.90 28.35 -2.24
N GLY E 196 16.19 27.47 -2.95
CA GLY E 196 15.60 27.89 -4.21
C GLY E 196 15.94 27.07 -5.43
N LEU E 197 16.81 26.07 -5.29
CA LEU E 197 17.15 25.23 -6.44
C LEU E 197 16.00 24.25 -6.60
N ASP E 198 15.78 23.79 -7.82
CA ASP E 198 14.69 22.84 -8.09
C ASP E 198 15.16 21.40 -7.90
N PHE E 199 16.40 21.13 -8.30
CA PHE E 199 16.97 19.80 -8.21
C PHE E 199 18.39 19.76 -7.64
N THR E 200 18.72 18.60 -7.09
CA THR E 200 20.06 18.32 -6.61
C THR E 200 20.38 17.05 -7.39
N ASP E 202 22.95 13.35 -8.12
CA ASP E 202 23.95 12.32 -7.80
C ASP E 202 24.98 12.46 -8.92
N ASP E 203 26.25 12.37 -8.56
CA ASP E 203 27.29 12.42 -9.55
C ASP E 203 27.15 11.15 -10.38
N GLU E 204 27.63 11.17 -11.63
CA GLU E 204 27.54 10.00 -12.49
C GLU E 204 28.25 8.79 -11.91
N ASN E 205 29.28 9.03 -11.11
CA ASN E 205 30.08 7.97 -10.48
C ASN E 205 29.38 7.34 -9.28
N VAL E 206 28.46 8.08 -8.69
CA VAL E 206 27.73 7.64 -7.51
C VAL E 206 26.63 6.62 -7.85
N ASN E 207 26.93 5.35 -7.60
CA ASN E 207 25.98 4.27 -7.85
C ASN E 207 25.73 3.61 -6.51
N SER E 208 26.60 2.67 -6.11
CA SER E 208 26.52 2.00 -4.81
C SER E 208 27.95 1.56 -4.49
N GLN E 209 28.52 2.13 -3.44
CA GLN E 209 29.91 1.83 -3.09
C GLN E 209 30.04 1.61 -1.58
N PRO E 210 31.20 1.07 -1.13
CA PRO E 210 31.44 0.81 0.29
C PRO E 210 30.97 1.85 1.32
N PHE E 211 31.37 3.12 1.16
CA PHE E 211 30.95 4.09 2.15
C PHE E 211 29.53 4.66 2.02
N MET E 212 28.87 4.35 0.92
CA MET E 212 27.51 4.82 0.71
C MET E 212 26.77 3.88 -0.22
N ARG E 213 25.99 2.98 0.38
CA ARG E 213 25.21 2.05 -0.39
C ARG E 213 24.03 2.80 -0.97
N TRP E 214 23.57 2.39 -2.15
CA TRP E 214 22.47 3.09 -2.81
C TRP E 214 21.18 3.28 -2.03
N ARG E 215 20.68 2.22 -1.39
CA ARG E 215 19.41 2.33 -0.67
C ARG E 215 19.44 3.36 0.44
N ASP E 216 20.53 3.42 1.19
CA ASP E 216 20.68 4.39 2.27
C ASP E 216 20.64 5.80 1.69
N ARG E 217 21.30 5.99 0.55
CA ARG E 217 21.34 7.30 -0.12
C ARG E 217 19.94 7.73 -0.58
N PHE E 218 19.21 6.83 -1.24
CA PHE E 218 17.85 7.10 -1.72
C PHE E 218 16.97 7.54 -0.54
N LEU E 219 17.03 6.78 0.54
CA LEU E 219 16.25 7.04 1.75
C LEU E 219 16.52 8.40 2.41
N PHE E 220 17.78 8.76 2.62
CA PHE E 220 18.08 10.05 3.23
C PHE E 220 17.81 11.22 2.29
N CYS E 221 18.10 11.03 1.00
CA CYS E 221 17.83 12.07 0.01
C CYS E 221 16.33 12.33 -0.03
N ALA E 222 15.52 11.27 0.13
CA ALA E 222 14.06 11.43 0.16
C ALA E 222 13.65 12.26 1.38
N GLU E 223 14.20 11.97 2.55
CA GLU E 223 13.86 12.76 3.74
C GLU E 223 14.23 14.24 3.52
N ALA E 224 15.41 14.47 2.96
CA ALA E 224 15.90 15.82 2.70
C ALA E 224 15.04 16.61 1.70
N LEU E 225 14.73 15.99 0.54
CA LEU E 225 13.91 16.68 -0.45
C LEU E 225 12.48 16.96 0.00
N TYR E 226 11.89 16.06 0.81
CA TYR E 226 10.53 16.30 1.32
C TYR E 226 10.52 17.43 2.35
N LYS E 227 11.58 17.53 3.14
CA LYS E 227 11.67 18.59 4.13
C LYS E 227 11.83 19.96 3.43
N ALA E 228 12.67 20.01 2.39
CA ALA E 228 12.91 21.23 1.64
C ALA E 228 11.62 21.68 0.93
N GLN E 229 10.90 20.73 0.35
CA GLN E 229 9.64 21.01 -0.35
C GLN E 229 8.59 21.53 0.63
N ALA E 230 8.53 20.93 1.82
CA ALA E 230 7.57 21.37 2.83
C ALA E 230 7.89 22.79 3.29
N GLU E 231 9.16 23.08 3.46
CA GLU E 231 9.61 24.38 3.90
C GLU E 231 9.31 25.51 2.90
N THR E 232 9.70 25.31 1.64
CA THR E 232 9.52 26.32 0.60
C THR E 232 8.19 26.35 -0.11
N GLY E 233 7.51 25.21 -0.20
CA GLY E 233 6.24 25.16 -0.89
C GLY E 233 6.38 24.90 -2.38
N GLU E 234 7.61 24.75 -2.85
CA GLU E 234 7.87 24.47 -4.26
C GLU E 234 8.29 23.02 -4.44
N ILE E 235 7.86 22.39 -5.53
CA ILE E 235 8.19 21.00 -5.78
C ILE E 235 9.70 20.82 -6.00
N LYS E 236 10.25 19.77 -5.38
CA LYS E 236 11.69 19.50 -5.44
C LYS E 236 11.99 18.11 -5.92
N GLY E 237 13.19 17.92 -6.46
CA GLY E 237 13.57 16.60 -6.93
C GLY E 237 15.06 16.39 -6.78
N HIS E 238 15.48 15.13 -6.79
CA HIS E 238 16.90 14.80 -6.67
C HIS E 238 17.13 13.67 -7.65
N TYR E 239 18.03 13.85 -8.61
CA TYR E 239 18.29 12.79 -9.58
C TYR E 239 18.98 11.64 -8.89
N LEU E 240 18.19 10.61 -8.54
CA LEU E 240 18.71 9.41 -7.88
C LEU E 240 19.27 8.51 -8.97
N ASN E 241 20.58 8.31 -8.94
CA ASN E 241 21.29 7.52 -9.93
C ASN E 241 20.98 6.02 -9.84
N ALA E 242 20.36 5.48 -10.90
CA ALA E 242 20.00 4.06 -10.94
C ALA E 242 20.98 3.22 -11.77
N THR E 243 22.01 3.85 -12.34
CA THR E 243 23.01 3.14 -13.16
C THR E 243 23.55 1.97 -12.33
N ALA E 244 23.66 0.79 -12.91
CA ALA E 244 24.12 -0.37 -12.18
C ALA E 244 24.80 -1.39 -13.06
N GLY E 245 25.31 -2.46 -12.46
CA GLY E 245 26.02 -3.48 -13.21
C GLY E 245 25.16 -4.38 -14.07
N THR E 246 23.92 -4.63 -13.67
CA THR E 246 23.01 -5.50 -14.42
C THR E 246 21.63 -4.84 -14.58
N CYS E 247 20.80 -5.37 -15.46
CA CYS E 247 19.46 -4.82 -15.68
C CYS E 247 18.66 -4.96 -14.41
N GLU E 248 18.82 -6.10 -13.75
CA GLU E 248 18.14 -6.43 -12.51
C GLU E 248 18.45 -5.41 -11.41
N ASP E 249 19.74 -5.09 -11.21
CA ASP E 249 20.11 -4.13 -10.18
C ASP E 249 19.58 -2.76 -10.49
N MET E 250 19.63 -2.38 -11.76
CA MET E 250 19.13 -1.08 -12.19
C MET E 250 17.63 -0.99 -11.91
N MET E 251 16.90 -2.04 -12.22
CA MET E 251 15.45 -2.03 -11.99
C MET E 251 15.10 -1.96 -10.51
N LYS E 252 15.89 -2.63 -9.66
CA LYS E 252 15.67 -2.60 -8.21
C LYS E 252 15.75 -1.19 -7.67
N ARG E 253 16.69 -0.41 -8.21
CA ARG E 253 16.88 0.97 -7.78
C ARG E 253 15.76 1.88 -8.23
N ALA E 254 15.30 1.70 -9.48
CA ALA E 254 14.19 2.47 -10.03
C ALA E 254 12.89 2.18 -9.23
N VAL E 255 12.69 0.90 -8.88
CA VAL E 255 11.52 0.48 -8.13
C VAL E 255 11.44 1.11 -6.74
N PHE E 256 12.58 1.24 -6.06
CA PHE E 256 12.57 1.86 -4.75
C PHE E 256 12.24 3.35 -4.89
N ALA E 257 12.72 3.98 -5.96
CA ALA E 257 12.44 5.39 -6.20
C ALA E 257 10.92 5.57 -6.37
N ARG E 258 10.29 4.64 -7.08
CA ARG E 258 8.84 4.64 -7.28
C ARG E 258 8.17 4.50 -5.91
N GLU E 259 8.63 3.55 -5.10
CA GLU E 259 8.07 3.34 -3.75
C GLU E 259 8.15 4.60 -2.88
N LEU E 260 9.24 5.36 -2.99
CA LEU E 260 9.39 6.59 -2.22
C LEU E 260 8.50 7.73 -2.73
N GLY E 261 7.94 7.56 -3.92
CA GLY E 261 7.08 8.60 -4.49
C GLY E 261 7.83 9.82 -5.00
N VAL E 262 9.13 9.69 -5.21
CA VAL E 262 9.94 10.82 -5.69
C VAL E 262 9.75 10.99 -7.19
N PRO E 263 10.01 12.21 -7.71
CA PRO E 263 9.83 12.50 -9.14
C PRO E 263 10.87 12.17 -10.20
N ILE E 264 12.12 11.95 -9.83
CA ILE E 264 13.12 11.76 -10.87
C ILE E 264 14.28 10.83 -10.54
N VAL E 265 14.68 10.03 -11.53
CA VAL E 265 15.80 9.11 -11.42
C VAL E 265 16.81 9.47 -12.52
N MET E 266 18.00 8.86 -12.47
CA MET E 266 19.07 9.16 -13.41
C MET E 266 19.76 7.92 -13.98
N HIS E 267 20.33 8.03 -15.17
CA HIS E 267 21.03 6.93 -15.80
C HIS E 267 22.19 7.43 -16.67
N ASP E 268 23.33 6.75 -16.63
CA ASP E 268 24.50 7.11 -17.45
C ASP E 268 24.28 6.22 -18.68
N TYR E 269 23.59 6.77 -19.68
CA TYR E 269 23.24 5.97 -20.84
C TYR E 269 24.32 5.34 -21.68
N LEU E 270 25.51 5.94 -21.69
CA LEU E 270 26.57 5.39 -22.52
C LEU E 270 27.33 4.27 -21.83
N THR E 271 27.58 4.41 -20.53
CA THR E 271 28.30 3.38 -19.82
C THR E 271 27.34 2.23 -19.44
N GLY E 272 26.07 2.55 -19.18
CA GLY E 272 25.09 1.52 -18.90
C GLY E 272 24.75 0.81 -20.20
N GLY E 273 24.55 1.58 -21.28
CA GLY E 273 24.25 1.02 -22.58
C GLY E 273 22.85 1.30 -23.06
N PHE E 274 22.63 1.24 -24.37
CA PHE E 274 21.32 1.52 -24.96
C PHE E 274 20.24 0.50 -24.61
N THR E 275 20.61 -0.77 -24.51
CA THR E 275 19.66 -1.81 -24.17
C THR E 275 19.09 -1.58 -22.76
N ALA E 276 19.95 -1.30 -21.79
CA ALA E 276 19.50 -1.03 -20.42
C ALA E 276 18.76 0.32 -20.38
N ASN E 277 19.24 1.32 -21.11
CA ASN E 277 18.58 2.62 -21.12
C ASN E 277 17.12 2.57 -21.59
N THR E 278 16.87 1.85 -22.69
CA THR E 278 15.54 1.72 -23.24
C THR E 278 14.59 1.04 -22.24
N THR E 279 15.11 0.02 -21.55
CA THR E 279 14.35 -0.67 -20.51
C THR E 279 13.96 0.35 -19.42
N LEU E 280 14.94 1.13 -18.95
CA LEU E 280 14.67 2.12 -17.94
C LEU E 280 13.68 3.18 -18.43
N SER E 281 13.85 3.63 -19.66
CA SER E 281 12.96 4.64 -20.26
C SER E 281 11.51 4.15 -20.30
N HIS E 282 11.31 2.89 -20.63
CA HIS E 282 9.96 2.32 -20.68
C HIS E 282 9.32 2.24 -19.30
N TYR E 283 10.10 1.83 -18.31
CA TYR E 283 9.63 1.73 -16.94
C TYR E 283 9.25 3.13 -16.43
N CYS E 284 10.06 4.12 -16.75
CA CYS E 284 9.77 5.47 -16.31
C CYS E 284 8.44 5.98 -16.87
N ARG E 285 8.16 5.66 -18.14
CA ARG E 285 6.90 6.06 -18.78
C ARG E 285 5.74 5.37 -18.04
N ASP E 286 5.88 4.07 -17.80
CA ASP E 286 4.83 3.31 -17.12
C ASP E 286 4.61 3.67 -15.65
N ASN E 287 5.59 4.33 -15.04
CA ASN E 287 5.50 4.68 -13.64
C ASN E 287 5.54 6.17 -13.29
N GLY E 288 5.48 7.02 -14.31
CA GLY E 288 5.47 8.45 -14.08
C GLY E 288 6.74 9.08 -13.55
N LEU E 289 7.89 8.44 -13.77
CA LEU E 289 9.17 8.96 -13.31
C LEU E 289 9.88 9.75 -14.40
N LEU E 290 10.41 10.91 -14.05
CA LEU E 290 11.17 11.70 -15.01
C LEU E 290 12.54 11.03 -15.07
N LEU E 291 13.23 11.15 -16.19
CA LEU E 291 14.52 10.51 -16.36
C LEU E 291 15.61 11.48 -16.80
N HIS E 292 16.62 11.66 -15.96
CA HIS E 292 17.74 12.54 -16.25
C HIS E 292 18.87 11.69 -16.82
N ILE E 293 19.40 12.10 -17.97
CA ILE E 293 20.47 11.35 -18.61
C ILE E 293 21.82 12.06 -18.57
N HIS E 294 22.82 11.35 -18.08
CA HIS E 294 24.17 11.87 -17.97
C HIS E 294 24.97 11.25 -19.13
N ARG E 295 25.80 12.06 -19.79
CA ARG E 295 26.56 11.59 -20.93
C ARG E 295 28.00 11.18 -20.65
N ALA E 296 28.23 10.61 -19.47
CA ALA E 296 29.57 10.15 -19.09
C ALA E 296 30.14 9.26 -20.18
N MET E 297 31.41 9.48 -20.52
CA MET E 297 32.16 8.74 -21.54
C MET E 297 32.03 9.28 -22.97
N HIS E 298 31.14 10.26 -23.18
CA HIS E 298 30.95 10.81 -24.52
C HIS E 298 32.22 11.34 -25.21
N ALA E 299 33.07 12.04 -24.48
CA ALA E 299 34.29 12.60 -25.08
C ALA E 299 35.28 11.56 -25.58
N VAL E 300 35.11 10.32 -25.14
CA VAL E 300 35.97 9.23 -25.58
C VAL E 300 35.66 9.01 -27.06
N ILE E 301 34.40 9.30 -27.42
CA ILE E 301 33.86 9.09 -28.75
C ILE E 301 33.64 10.32 -29.62
N ASP E 302 33.15 11.40 -29.02
CA ASP E 302 32.83 12.58 -29.79
C ASP E 302 33.80 13.75 -29.78
N ARG E 303 35.00 13.59 -29.24
CA ARG E 303 35.91 14.73 -29.16
C ARG E 303 36.73 15.12 -30.39
N GLN E 304 37.42 14.17 -31.00
CA GLN E 304 38.25 14.46 -32.16
C GLN E 304 37.44 14.66 -33.43
N LYS E 305 37.75 15.71 -34.17
CA LYS E 305 37.04 16.00 -35.42
C LYS E 305 37.22 14.96 -36.52
N ASN E 306 38.33 14.23 -36.50
CA ASN E 306 38.64 13.25 -37.54
C ASN E 306 38.07 11.85 -37.38
N HIS E 307 37.84 11.41 -36.14
CA HIS E 307 37.37 10.05 -35.93
C HIS E 307 36.42 9.95 -34.75
N GLY E 308 35.34 9.17 -34.93
CA GLY E 308 34.38 9.00 -33.86
C GLY E 308 32.96 9.30 -34.32
N MET E 309 32.15 9.81 -33.41
CA MET E 309 30.77 10.15 -33.73
C MET E 309 30.52 11.48 -33.06
N HIS E 310 29.93 12.42 -33.79
CA HIS E 310 29.65 13.71 -33.19
C HIS E 310 28.56 13.57 -32.14
N PHE E 311 28.60 14.39 -31.09
CA PHE E 311 27.58 14.29 -30.06
C PHE E 311 26.13 14.39 -30.56
N ARG E 312 25.90 15.14 -31.65
CA ARG E 312 24.54 15.29 -32.17
C ARG E 312 23.90 13.95 -32.56
N VAL E 313 24.74 13.00 -32.96
CA VAL E 313 24.27 11.67 -33.30
C VAL E 313 23.87 10.97 -31.99
N LEU E 314 24.69 11.14 -30.95
CA LEU E 314 24.42 10.53 -29.64
C LEU E 314 23.19 11.15 -28.98
N ALA E 315 22.91 12.41 -29.31
CA ALA E 315 21.77 13.14 -28.79
C ALA E 315 20.48 12.64 -29.45
N LYS E 316 20.51 12.42 -30.76
CA LYS E 316 19.35 11.93 -31.48
C LYS E 316 18.98 10.54 -30.97
N ALA E 317 20.00 9.71 -30.78
CA ALA E 317 19.83 8.35 -30.29
C ALA E 317 19.15 8.34 -28.91
N LEU E 318 19.57 9.25 -28.03
CA LEU E 318 18.96 9.32 -26.71
C LEU E 318 17.50 9.77 -26.80
N ARG E 319 17.18 10.69 -27.70
CA ARG E 319 15.80 11.16 -27.83
C ARG E 319 14.90 10.00 -28.28
N LEU E 320 15.45 9.07 -29.04
CA LEU E 320 14.70 7.91 -29.51
C LEU E 320 14.57 6.87 -28.38
N SER E 321 15.70 6.47 -27.79
CA SER E 321 15.71 5.51 -26.70
C SER E 321 14.84 6.05 -25.55
N GLY E 322 15.06 7.32 -25.21
CA GLY E 322 14.28 7.97 -24.18
C GLY E 322 15.01 8.60 -23.01
N GLY E 323 14.64 9.83 -22.71
CA GLY E 323 15.21 10.57 -21.60
C GLY E 323 14.49 11.89 -21.56
N ASP E 324 14.35 12.49 -20.38
CA ASP E 324 13.67 13.79 -20.26
C ASP E 324 14.67 14.95 -20.20
N HIS E 325 15.87 14.66 -19.69
CA HIS E 325 16.97 15.64 -19.59
C HIS E 325 18.17 14.94 -20.22
N ILE E 326 19.11 15.73 -20.73
CA ILE E 326 20.37 15.21 -21.26
C ILE E 326 21.39 16.32 -21.15
N HIS E 327 22.55 15.98 -20.61
CA HIS E 327 23.64 16.97 -20.50
C HIS E 327 24.08 17.36 -21.90
N SER E 328 24.27 18.66 -22.12
CA SER E 328 24.66 19.13 -23.44
C SER E 328 25.86 20.09 -23.48
N GLY E 329 26.66 20.12 -22.41
CA GLY E 329 27.82 20.99 -22.40
C GLY E 329 27.49 22.38 -21.88
N THR E 330 28.49 23.23 -21.75
CA THR E 330 28.25 24.56 -21.22
C THR E 330 28.25 25.77 -22.15
N VAL E 331 28.95 25.69 -23.29
CA VAL E 331 29.01 26.85 -24.22
C VAL E 331 29.84 28.02 -23.65
N VAL E 332 29.43 28.54 -22.50
CA VAL E 332 30.16 29.64 -21.88
C VAL E 332 31.21 29.00 -20.96
N GLU E 338 31.91 24.97 -29.74
CA GLU E 338 31.53 26.16 -30.52
C GLU E 338 30.03 26.39 -30.34
N ARG E 339 29.67 27.63 -30.05
CA ARG E 339 28.30 28.05 -29.81
C ARG E 339 27.27 27.54 -30.83
N ASP E 340 27.49 27.86 -32.09
CA ASP E 340 26.57 27.47 -33.14
C ASP E 340 26.30 25.97 -33.24
N ILE E 341 27.35 25.17 -33.08
CA ILE E 341 27.21 23.70 -33.14
C ILE E 341 26.29 23.24 -32.01
N THR E 342 26.52 23.79 -30.82
CA THR E 342 25.73 23.44 -29.64
C THR E 342 24.27 23.83 -29.81
N LEU E 343 24.03 25.07 -30.22
CA LEU E 343 22.68 25.55 -30.44
C LEU E 343 22.01 24.67 -31.51
N GLY E 344 22.82 24.17 -32.45
CA GLY E 344 22.30 23.31 -33.48
C GLY E 344 21.74 22.01 -32.92
N PHE E 345 22.50 21.32 -32.07
CA PHE E 345 21.99 20.08 -31.52
C PHE E 345 20.97 20.28 -30.40
N VAL E 346 20.93 21.48 -29.83
CA VAL E 346 19.95 21.81 -28.80
C VAL E 346 18.60 21.86 -29.53
N ASP E 347 18.55 22.45 -30.73
CA ASP E 347 17.33 22.50 -31.53
C ASP E 347 16.87 21.10 -31.88
N LEU E 348 17.81 20.23 -32.20
CA LEU E 348 17.52 18.84 -32.55
C LEU E 348 16.93 18.04 -31.37
N LEU E 349 17.26 18.44 -30.15
CA LEU E 349 16.76 17.79 -28.95
C LEU E 349 15.40 18.28 -28.52
N ARG E 350 15.13 19.58 -28.73
CA ARG E 350 13.90 20.19 -28.30
C ARG E 350 12.77 20.35 -29.31
N ASP E 351 13.11 20.67 -30.56
CA ASP E 351 12.10 20.95 -31.60
C ASP E 351 11.46 19.76 -32.29
N ASP E 352 10.37 20.03 -32.99
CA ASP E 352 9.68 18.99 -33.72
C ASP E 352 10.18 18.87 -35.14
N TYR E 353 10.81 19.93 -35.62
CA TYR E 353 11.32 19.97 -36.99
C TYR E 353 12.50 20.94 -37.05
N THR E 354 13.60 20.48 -37.62
CA THR E 354 14.80 21.30 -37.74
C THR E 354 15.35 21.14 -39.16
N GLU E 355 15.39 22.27 -39.86
CA GLU E 355 15.85 22.34 -41.24
C GLU E 355 17.36 22.23 -41.32
N LYS E 356 17.84 21.70 -42.44
CA LYS E 356 19.26 21.53 -42.74
C LYS E 356 19.92 22.90 -42.57
N ASP E 357 21.09 22.92 -41.94
CA ASP E 357 21.80 24.16 -41.70
C ASP E 357 23.26 23.84 -41.42
N ARG E 358 24.06 23.86 -42.47
CA ARG E 358 25.48 23.55 -42.35
C ARG E 358 26.26 24.48 -41.41
N SER E 359 25.84 25.72 -41.28
CA SER E 359 26.53 26.65 -40.39
C SER E 359 26.41 26.22 -38.90
N ARG E 360 25.49 25.29 -38.62
CA ARG E 360 25.30 24.80 -37.27
C ARG E 360 25.51 23.30 -37.19
N GLY E 361 26.14 22.73 -38.20
CA GLY E 361 26.40 21.31 -38.20
C GLY E 361 25.20 20.40 -38.43
N ILE E 362 24.09 20.99 -38.87
CA ILE E 362 22.88 20.20 -39.14
C ILE E 362 22.92 19.81 -40.63
N TYR E 363 23.35 18.58 -40.88
CA TYR E 363 23.48 18.06 -42.23
C TYR E 363 22.19 17.58 -42.92
N PHE E 364 21.16 17.28 -42.13
CA PHE E 364 19.90 16.83 -42.71
C PHE E 364 18.74 17.51 -42.02
N THR E 365 17.64 17.67 -42.75
CA THR E 365 16.45 18.24 -42.16
C THR E 365 15.91 17.05 -41.34
N GLN E 366 15.48 17.30 -40.11
CA GLN E 366 14.99 16.25 -39.24
C GLN E 366 13.59 16.57 -38.70
N SER E 367 12.67 15.62 -38.84
CA SER E 367 11.30 15.77 -38.33
C SER E 367 11.14 14.72 -37.24
N TRP E 368 10.33 15.04 -36.23
CA TRP E 368 10.13 14.13 -35.13
C TRP E 368 8.70 13.63 -34.93
N VAL E 369 7.78 14.03 -35.82
CA VAL E 369 6.37 13.64 -35.73
C VAL E 369 5.79 13.55 -34.31
N SER E 370 5.93 14.66 -33.60
CA SER E 370 5.44 14.82 -32.24
C SER E 370 6.11 14.03 -31.11
N THR E 371 7.30 13.50 -31.36
CA THR E 371 8.06 12.81 -30.32
C THR E 371 8.45 13.99 -29.43
N PRO E 372 8.21 13.87 -28.11
CA PRO E 372 8.54 14.94 -27.16
C PRO E 372 9.97 15.42 -27.21
N GLY E 373 10.17 16.66 -26.81
CA GLY E 373 11.49 17.24 -26.79
C GLY E 373 12.19 16.89 -25.49
N VAL E 374 13.51 17.05 -25.48
CA VAL E 374 14.35 16.75 -24.32
C VAL E 374 14.94 18.06 -23.79
N LEU E 375 14.92 18.23 -22.48
CA LEU E 375 15.46 19.42 -21.82
C LEU E 375 16.99 19.34 -21.79
N PRO E 376 17.70 20.31 -22.41
CA PRO E 376 19.16 20.26 -22.37
C PRO E 376 19.64 20.77 -21.01
N VAL E 377 20.69 20.14 -20.48
CA VAL E 377 21.25 20.50 -19.18
C VAL E 377 22.65 21.09 -19.33
N ALA E 378 22.81 22.37 -18.99
CA ALA E 378 24.09 23.06 -19.09
C ALA E 378 24.78 22.89 -17.73
N SER E 379 26.02 22.42 -17.75
CA SER E 379 26.77 22.18 -16.53
C SER E 379 28.26 22.30 -16.78
N GLY E 380 29.03 22.54 -15.72
CA GLY E 380 30.46 22.66 -15.87
C GLY E 380 31.10 23.97 -15.50
N GLY E 381 31.54 24.08 -14.25
CA GLY E 381 32.20 25.27 -13.78
C GLY E 381 31.49 26.61 -13.92
N ILE E 382 30.17 26.60 -13.98
CA ILE E 382 29.43 27.85 -14.11
C ILE E 382 29.05 28.45 -12.74
N HIS E 383 28.89 29.77 -12.71
CA HIS E 383 28.54 30.49 -11.48
C HIS E 383 27.66 31.69 -11.84
N VAL E 384 27.19 32.42 -10.83
CA VAL E 384 26.32 33.57 -11.01
C VAL E 384 26.59 34.48 -12.19
N TRP E 385 27.85 34.76 -12.45
CA TRP E 385 28.20 35.65 -13.56
C TRP E 385 27.89 35.16 -14.96
N HIS E 386 27.66 33.86 -15.10
CA HIS E 386 27.35 33.28 -16.40
C HIS E 386 25.85 33.29 -16.66
N MET E 387 25.05 33.59 -15.63
CA MET E 387 23.60 33.57 -15.73
C MET E 387 22.97 34.31 -16.92
N PRO E 388 23.37 35.57 -17.19
CA PRO E 388 22.77 36.28 -18.31
C PRO E 388 23.04 35.58 -19.64
N ALA E 389 24.27 35.10 -19.80
CA ALA E 389 24.70 34.40 -21.00
C ALA E 389 23.94 33.11 -21.20
N LEU E 390 23.81 32.32 -20.15
CA LEU E 390 23.11 31.04 -20.23
C LEU E 390 21.63 31.21 -20.54
N THR E 391 20.98 32.19 -19.90
CA THR E 391 19.57 32.45 -20.11
C THR E 391 19.35 32.87 -21.56
N GLU E 392 20.24 33.72 -22.04
CA GLU E 392 20.21 34.24 -23.39
C GLU E 392 20.37 33.14 -24.44
N ILE E 393 21.39 32.31 -24.27
CA ILE E 393 21.70 31.25 -25.22
C ILE E 393 20.75 30.05 -25.24
N PHE E 394 20.39 29.53 -24.07
CA PHE E 394 19.51 28.37 -23.99
C PHE E 394 18.03 28.72 -23.94
N GLY E 395 17.71 29.85 -23.33
CA GLY E 395 16.33 30.23 -23.22
C GLY E 395 15.72 29.57 -22.00
N ASP E 396 14.39 29.62 -21.90
CA ASP E 396 13.68 29.03 -20.77
C ASP E 396 13.76 27.52 -20.65
N ASP E 397 13.71 26.82 -21.78
CA ASP E 397 13.73 25.37 -21.72
C ASP E 397 15.09 24.76 -21.60
N SER E 398 15.63 24.81 -20.39
CA SER E 398 16.94 24.23 -20.12
C SER E 398 17.10 24.06 -18.61
N VAL E 399 18.08 23.27 -18.20
CA VAL E 399 18.37 23.07 -16.79
C VAL E 399 19.81 23.54 -16.59
N LEU E 400 20.01 24.49 -15.69
CA LEU E 400 21.34 25.01 -15.41
C LEU E 400 21.83 24.35 -14.12
N GLN E 401 22.93 23.61 -14.21
CA GLN E 401 23.48 22.89 -13.06
C GLN E 401 24.68 23.62 -12.43
N PHE E 402 24.60 23.92 -11.13
CA PHE E 402 25.67 24.62 -10.40
C PHE E 402 26.19 23.79 -9.21
N GLY E 403 27.22 22.97 -9.43
CA GLY E 403 27.77 22.18 -8.34
C GLY E 403 28.58 23.07 -7.42
N GLY E 404 29.84 23.31 -7.78
CA GLY E 404 30.69 24.17 -6.98
C GLY E 404 30.16 25.60 -6.91
N GLY E 405 29.32 25.97 -7.87
CA GLY E 405 28.71 27.29 -7.90
C GLY E 405 27.70 27.50 -6.79
N THR E 406 27.30 26.43 -6.11
CA THR E 406 26.36 26.53 -5.00
C THR E 406 27.08 26.19 -3.68
N LEU E 407 27.75 25.03 -3.68
CA LEU E 407 28.48 24.49 -2.54
C LEU E 407 29.78 25.25 -2.20
N GLY E 408 30.14 26.21 -3.04
CA GLY E 408 31.33 27.00 -2.83
C GLY E 408 31.01 28.40 -2.36
N HIS E 409 29.74 28.70 -2.13
CA HIS E 409 29.34 30.02 -1.67
C HIS E 409 29.87 30.16 -0.25
N PRO E 410 30.41 31.35 0.11
CA PRO E 410 30.96 31.57 1.45
C PRO E 410 30.03 31.32 2.63
N TRP E 411 28.74 31.57 2.46
CA TRP E 411 27.78 31.37 3.56
C TRP E 411 27.15 29.98 3.64
N GLY E 412 27.42 29.11 2.66
CA GLY E 412 26.86 27.77 2.67
C GLY E 412 25.93 27.49 1.49
N ASN E 413 25.40 26.26 1.47
CA ASN E 413 24.50 25.79 0.40
C ASN E 413 23.22 26.58 0.18
N ALA E 414 22.48 26.86 1.25
CA ALA E 414 21.23 27.59 1.14
C ALA E 414 21.43 28.98 0.52
N PRO E 415 22.34 29.81 1.09
CA PRO E 415 22.55 31.14 0.50
C PRO E 415 23.14 31.02 -0.90
N GLY E 416 23.89 29.94 -1.14
CA GLY E 416 24.47 29.70 -2.44
C GLY E 416 23.36 29.47 -3.45
N ALA E 417 22.33 28.76 -3.03
CA ALA E 417 21.17 28.46 -3.85
C ALA E 417 20.38 29.74 -4.09
N VAL E 418 20.21 30.53 -3.02
CA VAL E 418 19.48 31.80 -3.10
C VAL E 418 20.15 32.73 -4.11
N ALA E 419 21.47 32.82 -4.08
CA ALA E 419 22.21 33.68 -4.99
C ALA E 419 21.93 33.27 -6.45
N ASN E 420 21.94 31.96 -6.72
CA ASN E 420 21.68 31.46 -8.07
C ASN E 420 20.24 31.69 -8.54
N ARG E 421 19.29 31.48 -7.62
CA ARG E 421 17.88 31.66 -7.93
C ARG E 421 17.59 33.14 -8.18
N VAL E 422 18.12 34.01 -7.33
CA VAL E 422 17.92 35.45 -7.47
C VAL E 422 18.54 35.95 -8.78
N ALA E 423 19.79 35.57 -9.04
CA ALA E 423 20.49 35.96 -10.27
C ALA E 423 19.66 35.58 -11.50
N LEU E 424 19.16 34.34 -11.51
CA LEU E 424 18.35 33.84 -12.63
C LEU E 424 17.07 34.64 -12.80
N GLU E 425 16.30 34.81 -11.71
CA GLU E 425 15.06 35.55 -11.79
C GLU E 425 15.28 37.00 -12.19
N ALA E 426 16.42 37.55 -11.78
CA ALA E 426 16.76 38.93 -12.13
C ALA E 426 16.92 39.01 -13.64
N CYS E 427 17.62 38.02 -14.20
CA CYS E 427 17.84 37.98 -15.64
C CYS E 427 16.55 37.77 -16.42
N VAL E 428 15.70 36.88 -15.91
CA VAL E 428 14.43 36.59 -16.54
C VAL E 428 13.56 37.85 -16.58
N GLN E 429 13.42 38.52 -15.45
CA GLN E 429 12.62 39.74 -15.37
C GLN E 429 13.14 40.80 -16.35
N ALA E 430 14.45 41.01 -16.35
CA ALA E 430 15.10 41.98 -17.22
C ALA E 430 14.83 41.68 -18.69
N ARG E 431 14.99 40.40 -19.06
CA ARG E 431 14.74 39.96 -20.42
C ARG E 431 13.29 40.24 -20.79
N ASN E 432 12.38 39.89 -19.89
CA ASN E 432 10.95 40.08 -20.10
C ASN E 432 10.59 41.56 -20.23
N GLU E 433 11.37 42.43 -19.58
CA GLU E 433 11.12 43.87 -19.67
C GLU E 433 11.72 44.46 -20.94
N GLY E 434 12.41 43.64 -21.72
CA GLY E 434 13.00 44.11 -22.95
C GLY E 434 14.48 44.46 -22.90
N ARG E 435 15.12 44.23 -21.77
CA ARG E 435 16.55 44.54 -21.65
C ARG E 435 17.39 43.52 -22.43
N ASP E 436 18.50 43.98 -22.98
CA ASP E 436 19.37 43.08 -23.74
C ASP E 436 20.33 42.38 -22.79
N LEU E 437 20.19 41.06 -22.66
CA LEU E 437 21.02 40.27 -21.76
C LEU E 437 22.48 40.25 -22.20
N ALA E 438 22.69 40.35 -23.50
CA ALA E 438 24.04 40.34 -24.06
C ALA E 438 24.73 41.67 -23.76
N ARG E 439 24.01 42.77 -23.93
CA ARG E 439 24.59 44.07 -23.68
C ARG E 439 24.70 44.41 -22.20
N GLU E 440 23.60 44.25 -21.46
CA GLU E 440 23.59 44.60 -20.04
C GLU E 440 23.50 43.52 -18.96
N GLY E 441 24.03 42.33 -19.23
CA GLY E 441 23.99 41.26 -18.25
C GLY E 441 24.58 41.61 -16.89
N ASN E 442 25.82 42.08 -16.89
CA ASN E 442 26.51 42.47 -15.64
C ASN E 442 25.78 43.54 -14.87
N THR E 443 25.21 44.50 -15.58
CA THR E 443 24.47 45.58 -14.96
C THR E 443 23.29 44.99 -14.21
N ILE E 444 22.62 44.04 -14.85
CA ILE E 444 21.45 43.36 -14.28
C ILE E 444 21.81 42.64 -12.97
N ILE E 445 22.96 41.96 -12.97
CA ILE E 445 23.42 41.25 -11.78
C ILE E 445 23.81 42.23 -10.66
N ARG E 446 24.65 43.20 -10.99
CA ARG E 446 25.07 44.20 -10.01
C ARG E 446 23.88 44.90 -9.38
N GLU E 447 22.87 45.20 -10.19
CA GLU E 447 21.66 45.85 -9.70
C GLU E 447 21.02 45.00 -8.60
N ALA E 448 20.99 43.67 -8.81
CA ALA E 448 20.38 42.74 -7.86
C ALA E 448 21.18 42.60 -6.56
N THR E 449 22.49 42.79 -6.62
CA THR E 449 23.31 42.67 -5.43
C THR E 449 22.96 43.75 -4.42
N LYS E 450 22.46 44.88 -4.92
CA LYS E 450 22.09 45.99 -4.06
C LYS E 450 20.96 45.63 -3.09
N TRP E 451 20.18 44.61 -3.41
CA TRP E 451 19.10 44.21 -2.50
C TRP E 451 19.20 42.75 -2.03
N SER E 452 20.13 41.98 -2.61
CA SER E 452 20.32 40.60 -2.22
C SER E 452 21.73 40.38 -1.66
N PRO E 453 21.85 40.28 -0.32
CA PRO E 453 23.14 40.07 0.35
C PRO E 453 23.77 38.77 -0.10
N GLU E 454 22.93 37.75 -0.26
CA GLU E 454 23.40 36.43 -0.68
C GLU E 454 24.09 36.54 -2.02
N LEU E 455 23.46 37.24 -2.95
CA LEU E 455 24.01 37.42 -4.29
C LEU E 455 25.26 38.31 -4.25
N ALA E 456 25.22 39.37 -3.45
CA ALA E 456 26.35 40.28 -3.32
C ALA E 456 27.58 39.49 -2.89
N ALA E 457 27.39 38.63 -1.89
CA ALA E 457 28.46 37.80 -1.36
C ALA E 457 29.03 36.85 -2.42
N ALA E 458 28.16 36.31 -3.27
CA ALA E 458 28.57 35.40 -4.33
C ALA E 458 29.41 36.16 -5.35
N CYS E 459 28.92 37.33 -5.75
CA CYS E 459 29.61 38.18 -6.73
C CYS E 459 31.00 38.58 -6.25
N GLU E 460 31.16 38.72 -4.94
CA GLU E 460 32.46 39.09 -4.39
C GLU E 460 33.49 37.96 -4.54
N VAL E 461 33.01 36.73 -4.45
CA VAL E 461 33.86 35.55 -4.54
C VAL E 461 34.23 35.11 -5.95
N TRP E 462 33.28 35.17 -6.87
CA TRP E 462 33.55 34.66 -8.20
C TRP E 462 34.07 35.46 -9.38
N LYS E 463 33.69 36.71 -9.54
CA LYS E 463 34.18 37.43 -10.71
C LYS E 463 35.69 37.69 -10.63
N MET F 1 27.89 36.83 7.68
CA MET F 1 27.27 35.56 7.20
C MET F 1 25.82 35.53 7.69
N GLN F 2 24.88 35.57 6.75
CA GLN F 2 23.46 35.54 7.11
C GLN F 2 22.98 34.11 6.97
N VAL F 3 22.01 33.72 7.79
CA VAL F 3 21.45 32.38 7.74
C VAL F 3 20.09 32.51 7.06
N TRP F 4 19.85 31.73 6.01
CA TRP F 4 18.58 31.80 5.30
C TRP F 4 17.44 31.37 6.22
N PRO F 5 16.40 32.21 6.34
CA PRO F 5 15.23 31.94 7.19
C PRO F 5 14.47 30.66 6.88
N ILE F 6 13.89 30.11 7.93
CA ILE F 6 13.14 28.87 7.92
C ILE F 6 11.62 29.10 7.97
N LEU F 7 11.22 30.04 8.81
CA LEU F 7 9.81 30.35 9.04
C LEU F 7 9.20 31.33 8.07
N ASN F 8 7.96 31.03 7.68
CA ASN F 8 7.20 31.88 6.78
C ASN F 8 7.95 32.34 5.55
N LEU F 9 8.70 31.42 4.94
CA LEU F 9 9.45 31.74 3.74
C LEU F 9 8.96 30.91 2.57
N LYS F 10 7.65 30.70 2.49
CA LYS F 10 7.04 29.94 1.40
C LYS F 10 7.19 30.75 0.12
N LYS F 11 7.45 30.06 -0.99
CA LYS F 11 7.65 30.75 -2.27
C LYS F 11 6.63 30.32 -3.31
N TYR F 12 6.54 31.08 -4.40
CA TYR F 12 5.55 30.81 -5.45
C TYR F 12 6.14 30.74 -6.86
N GLU F 13 7.21 30.00 -7.00
CA GLU F 13 7.88 29.83 -8.29
C GLU F 13 8.35 31.13 -8.94
N THR F 14 8.44 31.13 -10.27
CA THR F 14 8.96 32.28 -11.02
C THR F 14 8.64 33.69 -10.58
N LEU F 15 9.72 34.40 -10.28
CA LEU F 15 9.74 35.80 -9.83
C LEU F 15 9.45 35.97 -8.33
N SER F 16 9.18 34.87 -7.63
CA SER F 16 8.86 34.99 -6.21
C SER F 16 10.07 35.30 -5.32
N TYR F 17 11.28 35.18 -5.84
CA TYR F 17 12.49 35.49 -5.05
C TYR F 17 12.95 36.94 -5.20
N LEU F 18 12.22 37.71 -5.99
CA LEU F 18 12.54 39.11 -6.22
C LEU F 18 11.60 39.95 -5.37
N PRO F 19 11.93 41.22 -5.13
CA PRO F 19 11.05 42.06 -4.33
C PRO F 19 9.70 42.12 -5.02
N PRO F 20 8.62 42.28 -4.26
CA PRO F 20 7.28 42.36 -4.86
C PRO F 20 7.24 43.32 -6.05
N LEU F 21 6.54 42.91 -7.10
CA LEU F 21 6.43 43.72 -8.31
C LEU F 21 5.55 44.95 -8.09
N THR F 22 5.99 46.08 -8.61
CA THR F 22 5.24 47.31 -8.54
C THR F 22 4.27 47.24 -9.71
N THR F 23 3.23 48.08 -9.70
CA THR F 23 2.24 48.06 -10.78
C THR F 23 2.91 48.24 -12.13
N ASP F 24 3.98 49.02 -12.15
CA ASP F 24 4.72 49.27 -13.38
C ASP F 24 5.42 48.02 -13.89
N GLN F 25 6.24 47.37 -13.04
CA GLN F 25 6.94 46.16 -13.47
C GLN F 25 5.95 45.03 -13.71
N LEU F 26 4.80 45.11 -13.05
CA LEU F 26 3.74 44.13 -13.19
C LEU F 26 3.15 44.32 -14.59
N ALA F 27 2.99 45.56 -15.01
CA ALA F 27 2.46 45.87 -16.34
C ALA F 27 3.46 45.42 -17.43
N ARG F 28 4.76 45.53 -17.13
CA ARG F 28 5.82 45.14 -18.07
C ARG F 28 5.82 43.63 -18.30
N GLN F 29 5.56 42.86 -17.25
CA GLN F 29 5.51 41.42 -17.39
C GLN F 29 4.30 41.02 -18.24
N VAL F 30 3.19 41.73 -18.05
CA VAL F 30 1.99 41.44 -18.84
C VAL F 30 2.24 41.83 -20.30
N ASP F 31 3.00 42.90 -20.52
CA ASP F 31 3.32 43.32 -21.88
C ASP F 31 4.15 42.25 -22.58
N TYR F 32 4.98 41.55 -21.82
CA TYR F 32 5.80 40.48 -22.37
C TYR F 32 4.91 39.38 -22.93
N LEU F 33 3.86 39.01 -22.20
CA LEU F 33 2.91 37.99 -22.67
C LEU F 33 2.26 38.43 -23.99
N LEU F 34 1.65 39.62 -23.96
CA LEU F 34 0.97 40.18 -25.11
C LEU F 34 1.87 40.25 -26.35
N ASN F 35 3.08 40.74 -26.15
CA ASN F 35 4.03 40.86 -27.26
C ASN F 35 4.37 39.51 -27.88
N ASN F 36 4.27 38.45 -27.08
CA ASN F 36 4.56 37.10 -27.57
C ASN F 36 3.30 36.39 -28.05
N LYS F 37 2.18 37.09 -27.99
CA LYS F 37 0.91 36.54 -28.42
C LYS F 37 0.42 35.43 -27.49
N TRP F 38 0.77 35.52 -26.21
CA TRP F 38 0.33 34.54 -25.22
C TRP F 38 -0.92 35.10 -24.57
N VAL F 39 -1.85 34.22 -24.20
CA VAL F 39 -3.09 34.67 -23.58
C VAL F 39 -2.97 34.71 -22.07
N PRO F 40 -3.23 35.89 -21.47
CA PRO F 40 -3.16 36.04 -20.01
C PRO F 40 -4.44 35.55 -19.32
N CYS F 41 -4.30 35.06 -18.10
CA CYS F 41 -5.44 34.57 -17.33
C CYS F 41 -5.09 34.69 -15.87
N LEU F 42 -6.09 34.86 -15.01
CA LEU F 42 -5.84 34.99 -13.58
C LEU F 42 -6.31 33.75 -12.80
N GLU F 43 -5.58 33.38 -11.78
CA GLU F 43 -5.89 32.24 -10.92
C GLU F 43 -5.79 32.70 -9.47
N PHE F 44 -6.65 32.17 -8.61
CA PHE F 44 -6.62 32.54 -7.20
C PHE F 44 -6.84 31.30 -6.35
N GLU F 45 -6.35 31.34 -5.12
CA GLU F 45 -6.48 30.24 -4.19
C GLU F 45 -6.56 30.81 -2.79
N THR F 46 -7.54 30.34 -2.02
CA THR F 46 -7.73 30.82 -0.67
C THR F 46 -7.31 29.79 0.39
N ASP F 47 -7.45 28.50 0.06
CA ASP F 47 -7.13 27.45 1.01
C ASP F 47 -5.73 26.86 1.10
N HIS F 48 -5.15 26.51 -0.05
CA HIS F 48 -3.82 25.90 -0.07
C HIS F 48 -2.92 26.60 -1.07
N GLY F 49 -2.17 27.60 -0.61
CA GLY F 49 -1.29 28.34 -1.51
C GLY F 49 -0.05 27.61 -1.97
N PHE F 50 0.23 26.45 -1.40
CA PHE F 50 1.41 25.67 -1.76
C PHE F 50 1.07 24.20 -2.02
N VAL F 51 1.99 23.52 -2.69
CA VAL F 51 1.83 22.11 -3.04
C VAL F 51 1.84 21.20 -1.82
N TYR F 52 1.00 20.17 -1.85
CA TYR F 52 0.90 19.21 -0.77
C TYR F 52 0.48 17.87 -1.37
N ARG F 53 0.32 16.86 -0.52
CA ARG F 53 -0.05 15.53 -0.99
C ARG F 53 -1.08 14.89 -0.09
N GLU F 54 -2.34 15.00 -0.48
CA GLU F 54 -3.40 14.41 0.32
C GLU F 54 -4.05 13.19 -0.30
N HIS F 55 -4.43 13.31 -1.56
CA HIS F 55 -5.14 12.24 -2.24
C HIS F 55 -4.34 11.11 -2.88
N HIS F 56 -3.04 11.31 -3.07
CA HIS F 56 -2.20 10.26 -3.67
C HIS F 56 -0.73 10.58 -3.43
N ASN F 57 0.14 9.58 -3.58
CA ASN F 57 1.57 9.74 -3.34
C ASN F 57 2.52 9.18 -4.41
N SER F 58 1.97 8.75 -5.55
CA SER F 58 2.80 8.18 -6.61
C SER F 58 3.63 9.26 -7.29
N PRO F 59 4.73 8.86 -7.97
CA PRO F 59 5.59 9.83 -8.66
C PRO F 59 4.84 10.82 -9.56
N GLY F 60 5.19 12.10 -9.44
CA GLY F 60 4.55 13.10 -10.28
C GLY F 60 3.17 13.55 -9.85
N TYR F 61 2.63 12.99 -8.78
CA TYR F 61 1.32 13.40 -8.29
C TYR F 61 1.45 14.31 -7.09
N TYR F 62 0.81 15.47 -7.15
CA TYR F 62 0.81 16.43 -6.06
C TYR F 62 -0.52 17.15 -6.09
N ASP F 63 -1.02 17.55 -4.93
CA ASP F 63 -2.26 18.31 -4.82
C ASP F 63 -1.82 19.76 -4.65
N GLY F 64 -2.73 20.69 -4.91
CA GLY F 64 -2.41 22.10 -4.77
C GLY F 64 -1.75 22.74 -5.99
N ARG F 65 -1.64 22.01 -7.09
CA ARG F 65 -1.04 22.59 -8.29
C ARG F 65 -2.07 23.45 -9.01
N TYR F 66 -3.30 22.94 -9.10
CA TYR F 66 -4.39 23.66 -9.75
C TYR F 66 -4.97 24.70 -8.80
N TRP F 67 -5.10 25.93 -9.25
CA TRP F 67 -5.77 26.94 -8.44
C TRP F 67 -7.09 27.13 -9.20
N THR F 68 -7.89 28.11 -8.82
CA THR F 68 -9.15 28.31 -9.51
C THR F 68 -9.11 29.55 -10.40
N MET F 69 -9.61 29.37 -11.61
CA MET F 69 -9.63 30.39 -12.64
C MET F 69 -10.52 31.59 -12.35
N TRP F 70 -9.97 32.80 -12.49
CA TRP F 70 -10.76 34.02 -12.30
C TRP F 70 -11.34 34.29 -13.68
N LYS F 71 -12.65 34.07 -13.82
CA LYS F 71 -13.33 34.29 -15.11
C LYS F 71 -12.77 33.38 -16.22
N LEU F 72 -12.26 33.96 -17.30
CA LEU F 72 -11.73 33.20 -18.42
C LEU F 72 -10.44 33.82 -18.96
N PRO F 73 -9.66 33.05 -19.76
CA PRO F 73 -8.43 33.59 -20.32
C PRO F 73 -8.85 34.79 -21.17
N MET F 74 -8.05 35.85 -21.12
CA MET F 74 -8.35 37.07 -21.84
C MET F 74 -7.92 37.06 -23.29
N PHE F 75 -8.60 36.24 -24.08
CA PHE F 75 -8.31 36.14 -25.50
C PHE F 75 -8.56 37.52 -26.11
N GLY F 76 -7.72 37.92 -27.05
CA GLY F 76 -7.90 39.21 -27.70
C GLY F 76 -7.57 40.44 -26.85
N CYS F 77 -6.92 40.23 -25.72
CA CYS F 77 -6.53 41.35 -24.87
C CYS F 77 -5.40 42.06 -25.61
N THR F 78 -5.44 43.39 -25.60
CA THR F 78 -4.40 44.16 -26.28
C THR F 78 -3.76 45.16 -25.34
N ASP F 79 -4.38 45.37 -24.17
CA ASP F 79 -3.86 46.33 -23.24
C ASP F 79 -3.62 45.74 -21.86
N PRO F 80 -2.39 45.89 -21.33
CA PRO F 80 -1.99 45.40 -20.02
C PRO F 80 -2.91 45.91 -18.92
N ALA F 81 -3.48 47.10 -19.14
CA ALA F 81 -4.38 47.70 -18.17
C ALA F 81 -5.60 46.82 -17.95
N GLN F 82 -6.03 46.12 -19.00
CA GLN F 82 -7.19 45.23 -18.91
C GLN F 82 -6.90 44.17 -17.84
N VAL F 83 -5.73 43.57 -17.94
CA VAL F 83 -5.31 42.54 -17.03
C VAL F 83 -5.19 43.07 -15.61
N LEU F 84 -4.50 44.19 -15.44
CA LEU F 84 -4.32 44.76 -14.10
C LEU F 84 -5.65 45.19 -13.49
N ASN F 85 -6.62 45.52 -14.35
CA ASN F 85 -7.95 45.90 -13.91
C ASN F 85 -8.61 44.67 -13.27
N GLU F 86 -8.48 43.52 -13.94
CA GLU F 86 -9.04 42.29 -13.42
C GLU F 86 -8.35 41.91 -12.11
N LEU F 87 -7.04 42.14 -12.05
CA LEU F 87 -6.28 41.83 -10.84
C LEU F 87 -6.92 42.60 -9.69
N GLU F 88 -7.23 43.86 -9.96
CA GLU F 88 -7.83 44.73 -8.95
C GLU F 88 -9.22 44.23 -8.54
N GLU F 89 -10.03 43.80 -9.50
CA GLU F 89 -11.36 43.29 -9.21
C GLU F 89 -11.29 41.98 -8.42
N CYS F 90 -10.33 41.14 -8.80
CA CYS F 90 -10.14 39.86 -8.11
C CYS F 90 -9.76 40.10 -6.66
N LYS F 91 -8.80 40.99 -6.44
CA LYS F 91 -8.33 41.34 -5.11
C LYS F 91 -9.47 41.91 -4.26
N LYS F 92 -10.31 42.70 -4.90
CA LYS F 92 -11.46 43.31 -4.23
C LYS F 92 -12.36 42.20 -3.70
N GLU F 93 -12.59 41.19 -4.52
CA GLU F 93 -13.45 40.09 -4.11
C GLU F 93 -12.78 39.04 -3.23
N TYR F 94 -11.48 38.84 -3.39
CA TYR F 94 -10.75 37.85 -2.62
C TYR F 94 -9.46 38.42 -2.02
N PRO F 95 -9.58 39.38 -1.09
CA PRO F 95 -8.39 39.99 -0.48
C PRO F 95 -7.60 39.01 0.38
N ASN F 96 -8.19 37.84 0.60
CA ASN F 96 -7.62 36.79 1.41
C ASN F 96 -6.96 35.70 0.56
N ALA F 97 -7.02 35.87 -0.76
CA ALA F 97 -6.49 34.88 -1.66
C ALA F 97 -5.14 35.23 -2.27
N PHE F 98 -4.43 34.19 -2.73
CA PHE F 98 -3.16 34.37 -3.42
C PHE F 98 -3.64 34.51 -4.86
N ILE F 99 -3.06 35.42 -5.63
CA ILE F 99 -3.48 35.60 -7.01
C ILE F 99 -2.24 35.56 -7.88
N ARG F 100 -2.31 34.84 -8.99
CA ARG F 100 -1.17 34.76 -9.87
C ARG F 100 -1.61 34.96 -11.29
N ILE F 101 -0.69 35.41 -12.13
CA ILE F 101 -0.99 35.62 -13.54
C ILE F 101 -0.34 34.48 -14.31
N ILE F 102 -1.12 33.85 -15.18
CA ILE F 102 -0.61 32.76 -15.99
C ILE F 102 -0.82 33.11 -17.46
N GLY F 103 -0.10 32.43 -18.34
CA GLY F 103 -0.23 32.70 -19.75
C GLY F 103 -0.30 31.40 -20.50
N PHE F 104 -1.06 31.38 -21.59
CA PHE F 104 -1.20 30.20 -22.41
C PHE F 104 -0.68 30.50 -23.78
N ASP F 105 0.05 29.54 -24.33
CA ASP F 105 0.61 29.64 -25.66
C ASP F 105 -0.18 28.62 -26.49
N SER F 106 -1.19 29.09 -27.19
CA SER F 106 -2.06 28.22 -28.00
C SER F 106 -1.29 27.51 -29.10
N ASN F 107 -0.17 28.11 -29.51
CA ASN F 107 0.65 27.52 -30.57
C ASN F 107 1.43 26.31 -30.07
N ARG F 108 2.00 26.44 -28.87
CA ARG F 108 2.75 25.33 -28.27
C ARG F 108 1.73 24.41 -27.56
N GLU F 109 0.50 24.90 -27.46
CA GLU F 109 -0.62 24.18 -26.85
C GLU F 109 -0.47 23.89 -25.37
N VAL F 110 0.24 24.75 -24.66
CA VAL F 110 0.48 24.57 -23.22
C VAL F 110 0.48 25.87 -22.42
N GLN F 111 0.39 25.73 -21.10
CA GLN F 111 0.48 26.88 -20.23
C GLN F 111 1.98 27.19 -20.28
N CYS F 112 2.36 28.46 -20.29
CA CYS F 112 3.78 28.79 -20.40
C CYS F 112 4.28 29.84 -19.41
N ILE F 113 3.37 30.45 -18.65
CA ILE F 113 3.73 31.49 -17.70
C ILE F 113 3.01 31.27 -16.38
N SER F 114 3.57 31.79 -15.31
CA SER F 114 2.99 31.68 -13.99
C SER F 114 3.86 32.44 -13.00
N PHE F 115 3.36 33.58 -12.52
CA PHE F 115 4.07 34.39 -11.53
C PHE F 115 3.06 35.02 -10.59
N ILE F 116 3.40 35.04 -9.31
CA ILE F 116 2.53 35.58 -8.28
C ILE F 116 2.36 37.11 -8.46
N ALA F 117 1.11 37.56 -8.38
CA ALA F 117 0.79 38.96 -8.55
C ALA F 117 0.27 39.58 -7.26
N TYR F 118 -0.25 38.76 -6.36
CA TYR F 118 -0.77 39.26 -5.09
C TYR F 118 -0.72 38.19 -4.01
N LYS F 119 -0.41 38.61 -2.79
CA LYS F 119 -0.34 37.72 -1.64
C LYS F 119 -1.07 38.39 -0.49
N PRO F 120 -1.80 37.62 0.31
CA PRO F 120 -2.52 38.21 1.45
C PRO F 120 -1.49 38.76 2.46
N ALA F 121 -1.97 39.59 3.38
CA ALA F 121 -1.10 40.19 4.39
C ALA F 121 -0.35 39.14 5.20
N GLY F 122 0.95 39.37 5.36
CA GLY F 122 1.78 38.48 6.13
C GLY F 122 2.44 37.36 5.33
N TYR F 123 2.42 37.47 4.01
CA TYR F 123 3.05 36.45 3.17
C TYR F 123 4.14 37.02 2.29
N LYS G 21 -36.92 -25.52 -47.23
CA LYS G 21 -38.21 -25.07 -46.63
C LYS G 21 -38.88 -26.06 -45.69
N LEU G 22 -38.87 -27.33 -46.09
CA LEU G 22 -39.49 -28.38 -45.29
C LEU G 22 -38.96 -28.49 -43.87
N THR G 23 -37.65 -28.49 -43.73
CA THR G 23 -37.03 -28.63 -42.43
C THR G 23 -37.02 -27.37 -41.57
N TYR G 24 -36.97 -26.21 -42.20
CA TYR G 24 -36.84 -24.97 -41.44
C TYR G 24 -38.01 -24.02 -41.25
N TYR G 25 -39.06 -24.17 -42.04
CA TYR G 25 -40.23 -23.30 -41.84
C TYR G 25 -41.19 -24.20 -41.06
N THR G 26 -41.37 -23.89 -39.80
CA THR G 26 -42.18 -24.67 -38.87
C THR G 26 -43.22 -23.79 -38.16
N PRO G 27 -44.27 -23.38 -38.89
CA PRO G 27 -45.33 -22.53 -38.34
C PRO G 27 -46.14 -23.10 -37.18
N GLU G 28 -45.97 -24.38 -36.91
CA GLU G 28 -46.71 -25.02 -35.83
C GLU G 28 -45.88 -25.15 -34.56
N TYR G 29 -44.59 -24.80 -34.66
CA TYR G 29 -43.67 -24.89 -33.54
C TYR G 29 -44.04 -23.99 -32.38
N GLU G 30 -44.04 -24.55 -31.18
CA GLU G 30 -44.31 -23.79 -29.97
C GLU G 30 -42.94 -23.55 -29.33
N THR G 31 -42.57 -22.29 -29.14
CA THR G 31 -41.27 -21.97 -28.57
C THR G 31 -41.08 -22.47 -27.14
N LEU G 32 -39.85 -22.81 -26.81
CA LEU G 32 -39.53 -23.26 -25.47
C LEU G 32 -39.02 -22.06 -24.68
N ASP G 33 -39.20 -22.08 -23.37
CA ASP G 33 -38.74 -20.99 -22.54
C ASP G 33 -37.22 -20.87 -22.51
N THR G 34 -36.53 -21.87 -23.05
CA THR G 34 -35.07 -21.90 -23.10
C THR G 34 -34.51 -21.48 -24.48
N ASP G 35 -35.40 -21.28 -25.44
CA ASP G 35 -35.01 -20.89 -26.80
C ASP G 35 -34.62 -19.42 -26.87
N ILE G 36 -33.69 -19.10 -27.78
CA ILE G 36 -33.30 -17.72 -28.03
C ILE G 36 -34.17 -17.45 -29.28
N LEU G 37 -34.95 -16.38 -29.24
CA LEU G 37 -35.85 -16.05 -30.35
C LEU G 37 -35.34 -14.80 -31.06
N ALA G 38 -35.36 -14.81 -32.39
CA ALA G 38 -34.89 -13.67 -33.16
C ALA G 38 -36.00 -13.15 -34.08
N ALA G 39 -36.14 -11.84 -34.15
CA ALA G 39 -37.11 -11.21 -35.03
C ALA G 39 -36.29 -10.55 -36.13
N PHE G 40 -36.30 -11.12 -37.33
CA PHE G 40 -35.57 -10.58 -38.48
C PHE G 40 -36.50 -9.82 -39.42
N ARG G 41 -36.02 -8.71 -39.97
CA ARG G 41 -36.78 -7.96 -40.94
C ARG G 41 -36.17 -8.41 -42.28
N VAL G 42 -36.87 -9.29 -42.97
CA VAL G 42 -36.42 -9.88 -44.23
C VAL G 42 -36.95 -9.23 -45.51
N SER G 43 -36.03 -8.88 -46.42
CA SER G 43 -36.37 -8.28 -47.72
C SER G 43 -35.85 -9.29 -48.75
N PRO G 44 -36.72 -10.20 -49.20
CA PRO G 44 -36.30 -11.21 -50.18
C PRO G 44 -36.03 -10.65 -51.57
N GLN G 45 -35.23 -11.37 -52.36
CA GLN G 45 -34.97 -10.96 -53.72
C GLN G 45 -36.30 -11.17 -54.41
N PRO G 46 -36.57 -10.41 -55.47
CA PRO G 46 -37.85 -10.61 -56.17
C PRO G 46 -37.93 -12.04 -56.69
N GLY G 47 -39.07 -12.69 -56.45
CA GLY G 47 -39.25 -14.06 -56.90
C GLY G 47 -39.10 -15.10 -55.80
N VAL G 48 -38.60 -14.67 -54.63
CA VAL G 48 -38.42 -15.58 -53.50
C VAL G 48 -39.56 -15.35 -52.50
N PRO G 49 -40.46 -16.34 -52.36
CA PRO G 49 -41.59 -16.22 -51.43
C PRO G 49 -41.15 -16.12 -49.97
N PRO G 50 -42.00 -15.55 -49.11
CA PRO G 50 -41.79 -15.35 -47.67
C PRO G 50 -41.31 -16.59 -46.96
N GLU G 51 -42.09 -17.64 -47.04
CA GLU G 51 -41.77 -18.91 -46.38
C GLU G 51 -40.38 -19.43 -46.71
N GLU G 52 -39.99 -19.34 -47.97
CA GLU G 52 -38.67 -19.82 -48.36
C GLU G 52 -37.58 -18.90 -47.82
N ALA G 53 -37.84 -17.59 -47.82
CA ALA G 53 -36.90 -16.61 -47.30
C ALA G 53 -36.67 -16.86 -45.81
N GLY G 54 -37.77 -17.00 -45.06
CA GLY G 54 -37.70 -17.26 -43.63
C GLY G 54 -37.00 -18.57 -43.33
N ALA G 55 -37.27 -19.57 -44.15
CA ALA G 55 -36.64 -20.88 -43.98
C ALA G 55 -35.15 -20.72 -44.23
N ALA G 56 -34.80 -19.88 -45.21
CA ALA G 56 -33.42 -19.64 -45.56
C ALA G 56 -32.69 -18.98 -44.40
N VAL G 57 -33.32 -18.00 -43.78
CA VAL G 57 -32.71 -17.31 -42.65
C VAL G 57 -32.40 -18.27 -41.51
N ALA G 58 -33.35 -19.15 -41.19
CA ALA G 58 -33.19 -20.14 -40.13
C ALA G 58 -32.06 -21.14 -40.44
N ALA G 59 -32.07 -21.69 -41.65
CA ALA G 59 -31.08 -22.67 -42.06
C ALA G 59 -29.69 -22.06 -42.10
N GLU G 60 -29.58 -20.93 -42.81
CA GLU G 60 -28.30 -20.24 -42.93
C GLU G 60 -27.71 -19.76 -41.60
N SER G 61 -28.54 -19.62 -40.57
CA SER G 61 -28.04 -19.19 -39.26
C SER G 61 -27.91 -20.35 -38.27
N SER G 62 -28.08 -21.58 -38.75
CA SER G 62 -27.95 -22.72 -37.87
C SER G 62 -27.29 -23.87 -38.63
N THR G 63 -28.03 -24.95 -38.88
CA THR G 63 -27.48 -26.09 -39.59
C THR G 63 -27.39 -25.73 -41.07
N GLY G 64 -28.20 -26.35 -41.91
CA GLY G 64 -28.18 -26.05 -43.33
C GLY G 64 -26.86 -26.23 -44.06
N THR G 65 -26.86 -27.08 -45.07
CA THR G 65 -25.67 -27.36 -45.86
C THR G 65 -26.07 -27.44 -47.34
N TRP G 66 -25.28 -26.80 -48.19
CA TRP G 66 -25.57 -26.77 -49.62
C TRP G 66 -25.59 -28.17 -50.25
N THR G 67 -24.91 -29.12 -49.62
CA THR G 67 -24.85 -30.49 -50.13
C THR G 67 -25.02 -31.43 -48.93
N THR G 68 -25.57 -32.62 -49.16
CA THR G 68 -25.76 -33.61 -48.10
C THR G 68 -24.43 -34.22 -47.66
N VAL G 69 -24.25 -34.32 -46.34
CA VAL G 69 -23.04 -34.88 -45.76
C VAL G 69 -23.43 -36.06 -44.85
N TRP G 70 -22.68 -37.15 -44.96
CA TRP G 70 -22.95 -38.37 -44.18
C TRP G 70 -22.85 -38.24 -42.66
N THR G 71 -22.07 -37.28 -42.18
CA THR G 71 -21.87 -37.03 -40.76
C THR G 71 -23.14 -36.63 -40.04
N ASP G 72 -24.07 -36.02 -40.78
CA ASP G 72 -25.35 -35.61 -40.20
C ASP G 72 -26.08 -36.79 -39.57
N GLY G 73 -25.80 -38.00 -40.07
CA GLY G 73 -26.42 -39.19 -39.54
C GLY G 73 -25.88 -39.68 -38.20
N LEU G 74 -24.84 -39.01 -37.70
CA LEU G 74 -24.25 -39.38 -36.42
C LEU G 74 -24.89 -38.59 -35.28
N THR G 75 -25.76 -37.65 -35.63
CA THR G 75 -26.45 -36.80 -34.66
C THR G 75 -27.92 -36.69 -35.03
N ASN G 76 -28.67 -35.99 -34.19
CA ASN G 76 -30.08 -35.71 -34.41
C ASN G 76 -30.12 -34.22 -34.69
N LEU G 77 -30.05 -33.85 -35.96
CA LEU G 77 -30.03 -32.45 -36.34
C LEU G 77 -31.25 -31.60 -35.99
N ASP G 78 -32.39 -32.24 -35.71
CA ASP G 78 -33.59 -31.50 -35.35
C ASP G 78 -33.43 -30.86 -33.99
N ARG G 79 -32.49 -31.40 -33.22
CA ARG G 79 -32.22 -30.90 -31.88
C ARG G 79 -31.37 -29.63 -31.92
N TYR G 80 -30.71 -29.39 -33.05
CA TYR G 80 -29.81 -28.25 -33.19
C TYR G 80 -30.20 -27.21 -34.26
N LYS G 81 -31.24 -27.50 -35.03
CA LYS G 81 -31.63 -26.59 -36.10
C LYS G 81 -32.38 -25.37 -35.63
N GLY G 82 -32.27 -24.29 -36.42
CA GLY G 82 -32.99 -23.06 -36.12
C GLY G 82 -34.33 -23.24 -36.82
N ARG G 83 -35.38 -22.64 -36.28
CA ARG G 83 -36.71 -22.79 -36.86
C ARG G 83 -37.45 -21.49 -37.08
N CYS G 84 -37.88 -21.27 -38.32
CA CYS G 84 -38.66 -20.08 -38.63
C CYS G 84 -40.08 -20.54 -38.28
N TYR G 85 -40.59 -20.06 -37.16
CA TYR G 85 -41.91 -20.46 -36.69
C TYR G 85 -43.02 -19.50 -37.01
N HIS G 86 -42.69 -18.28 -37.44
CA HIS G 86 -43.73 -17.32 -37.74
C HIS G 86 -43.26 -16.24 -38.71
N ILE G 87 -44.17 -15.79 -39.57
CA ILE G 87 -43.88 -14.77 -40.57
C ILE G 87 -45.08 -13.83 -40.67
N GLU G 88 -44.80 -12.53 -40.77
CA GLU G 88 -45.87 -11.56 -40.89
C GLU G 88 -45.39 -10.40 -41.77
N PRO G 89 -46.23 -9.95 -42.72
CA PRO G 89 -45.88 -8.85 -43.63
C PRO G 89 -45.62 -7.55 -42.88
N VAL G 90 -44.78 -6.69 -43.46
CA VAL G 90 -44.47 -5.39 -42.87
C VAL G 90 -45.41 -4.39 -43.52
N ALA G 91 -46.10 -3.61 -42.69
CA ALA G 91 -47.05 -2.64 -43.18
C ALA G 91 -46.40 -1.50 -43.95
N GLY G 92 -46.96 -1.23 -45.11
CA GLY G 92 -46.48 -0.14 -45.94
C GLY G 92 -45.08 -0.30 -46.50
N GLU G 93 -44.65 -1.54 -46.70
CA GLU G 93 -43.33 -1.71 -47.25
C GLU G 93 -43.43 -2.68 -48.39
N GLU G 94 -42.63 -2.43 -49.42
CA GLU G 94 -42.65 -3.31 -50.57
C GLU G 94 -41.80 -4.56 -50.34
N ASN G 95 -42.47 -5.71 -50.38
CA ASN G 95 -41.83 -7.02 -50.23
C ASN G 95 -40.89 -7.15 -49.01
N GLN G 96 -41.43 -6.95 -47.81
CA GLN G 96 -40.65 -7.04 -46.58
C GLN G 96 -41.49 -7.71 -45.49
N TYR G 97 -40.89 -8.68 -44.80
CA TYR G 97 -41.59 -9.43 -43.76
C TYR G 97 -40.77 -9.55 -42.49
N ILE G 98 -41.43 -9.76 -41.36
CA ILE G 98 -40.73 -9.98 -40.10
C ILE G 98 -40.82 -11.49 -39.89
N CYS G 99 -39.66 -12.16 -39.89
CA CYS G 99 -39.61 -13.61 -39.68
C CYS G 99 -39.08 -13.90 -38.27
N TYR G 100 -39.75 -14.80 -37.56
CA TYR G 100 -39.36 -15.17 -36.20
C TYR G 100 -38.64 -16.49 -36.26
N VAL G 101 -37.48 -16.56 -35.64
CA VAL G 101 -36.68 -17.79 -35.65
C VAL G 101 -36.30 -18.17 -34.21
N ALA G 102 -36.38 -19.46 -33.91
CA ALA G 102 -36.06 -19.98 -32.59
C ALA G 102 -34.76 -20.80 -32.67
N TYR G 103 -33.86 -20.57 -31.73
CA TYR G 103 -32.58 -21.27 -31.67
C TYR G 103 -32.51 -22.01 -30.33
N PRO G 104 -32.19 -23.31 -30.36
CA PRO G 104 -32.12 -24.03 -29.08
C PRO G 104 -30.99 -23.57 -28.18
N LEU G 105 -31.24 -23.64 -26.87
CA LEU G 105 -30.28 -23.23 -25.84
C LEU G 105 -28.88 -23.83 -26.02
N ASP G 106 -28.81 -25.08 -26.44
CA ASP G 106 -27.54 -25.79 -26.62
C ASP G 106 -26.57 -25.26 -27.66
N LEU G 107 -27.01 -24.34 -28.52
CA LEU G 107 -26.12 -23.82 -29.55
C LEU G 107 -25.14 -22.77 -29.03
N PHE G 108 -25.40 -22.24 -27.85
CA PHE G 108 -24.61 -21.14 -27.31
C PHE G 108 -23.63 -21.38 -26.16
N GLU G 109 -22.50 -20.68 -26.20
CA GLU G 109 -21.54 -20.80 -25.12
C GLU G 109 -22.03 -19.90 -23.98
N GLU G 110 -22.02 -20.46 -22.78
CA GLU G 110 -22.45 -19.75 -21.59
C GLU G 110 -21.63 -18.49 -21.36
N GLY G 111 -22.31 -17.39 -21.03
CA GLY G 111 -21.61 -16.15 -20.74
C GLY G 111 -20.86 -15.48 -21.87
N SER G 112 -21.03 -15.97 -23.09
CA SER G 112 -20.32 -15.39 -24.24
C SER G 112 -21.21 -14.63 -25.25
N VAL G 113 -21.22 -13.30 -25.18
CA VAL G 113 -21.99 -12.48 -26.13
C VAL G 113 -21.35 -12.67 -27.51
N THR G 114 -20.03 -12.81 -27.54
CA THR G 114 -19.30 -13.04 -28.76
C THR G 114 -19.86 -14.25 -29.52
N ASN G 115 -20.10 -15.35 -28.82
CA ASN G 115 -20.63 -16.56 -29.45
C ASN G 115 -22.10 -16.40 -29.80
N MET G 116 -22.84 -15.66 -28.99
CA MET G 116 -24.25 -15.45 -29.29
C MET G 116 -24.43 -14.73 -30.64
N PHE G 117 -23.64 -13.67 -30.85
CA PHE G 117 -23.70 -12.89 -32.10
C PHE G 117 -23.16 -13.67 -33.29
N THR G 118 -22.07 -14.42 -33.09
CA THR G 118 -21.48 -15.23 -34.15
C THR G 118 -22.48 -16.25 -34.70
N SER G 119 -23.20 -16.90 -33.79
CA SER G 119 -24.17 -17.92 -34.18
C SER G 119 -25.38 -17.39 -34.92
N ILE G 120 -25.96 -16.32 -34.41
CA ILE G 120 -27.17 -15.74 -35.02
C ILE G 120 -26.90 -14.83 -36.21
N VAL G 121 -25.92 -13.95 -36.05
CA VAL G 121 -25.61 -12.95 -37.04
C VAL G 121 -24.32 -13.14 -37.85
N GLY G 122 -23.58 -14.20 -37.59
CA GLY G 122 -22.31 -14.36 -38.28
C GLY G 122 -22.30 -14.75 -39.74
N ASN G 123 -23.41 -15.26 -40.24
CA ASN G 123 -23.45 -15.76 -41.60
C ASN G 123 -24.60 -15.32 -42.52
N VAL G 124 -25.84 -15.30 -42.02
CA VAL G 124 -27.02 -14.98 -42.83
C VAL G 124 -27.08 -13.70 -43.64
N PHE G 125 -26.55 -12.60 -43.10
CA PHE G 125 -26.62 -11.32 -43.78
C PHE G 125 -26.06 -11.28 -45.18
N GLY G 126 -25.27 -12.29 -45.55
CA GLY G 126 -24.72 -12.33 -46.89
C GLY G 126 -25.44 -13.32 -47.79
N PHE G 127 -26.56 -13.87 -47.34
CA PHE G 127 -27.29 -14.84 -48.16
C PHE G 127 -27.84 -14.20 -49.41
N LYS G 128 -27.46 -14.73 -50.57
CA LYS G 128 -27.88 -14.18 -51.85
C LYS G 128 -29.37 -14.12 -52.17
N ALA G 129 -30.17 -14.98 -51.55
CA ALA G 129 -31.61 -14.97 -51.80
C ALA G 129 -32.26 -13.76 -51.13
N LEU G 130 -31.49 -13.04 -50.32
CA LEU G 130 -32.01 -11.88 -49.63
C LEU G 130 -31.36 -10.65 -50.21
N ARG G 131 -32.12 -9.57 -50.29
CA ARG G 131 -31.59 -8.33 -50.82
C ARG G 131 -31.11 -7.50 -49.62
N ALA G 132 -31.68 -7.77 -48.45
CA ALA G 132 -31.30 -7.06 -47.23
C ALA G 132 -31.80 -7.84 -46.02
N LEU G 133 -31.25 -7.56 -44.85
CA LEU G 133 -31.64 -8.25 -43.63
C LEU G 133 -31.28 -7.40 -42.41
N ARG G 134 -32.19 -7.31 -41.45
CA ARG G 134 -31.96 -6.56 -40.23
C ARG G 134 -32.45 -7.32 -39.00
N LEU G 135 -31.60 -7.43 -37.97
CA LEU G 135 -32.02 -8.10 -36.75
C LEU G 135 -32.68 -7.02 -35.91
N GLU G 136 -33.96 -7.18 -35.60
CA GLU G 136 -34.67 -6.19 -34.82
C GLU G 136 -34.69 -6.43 -33.31
N ASP G 137 -34.82 -7.68 -32.90
CA ASP G 137 -34.90 -7.97 -31.49
C ASP G 137 -34.53 -9.42 -31.20
N LEU G 138 -34.14 -9.70 -29.96
CA LEU G 138 -33.80 -11.05 -29.50
C LEU G 138 -34.45 -11.28 -28.16
N ARG G 139 -35.01 -12.47 -27.96
CA ARG G 139 -35.59 -12.79 -26.66
C ARG G 139 -34.52 -13.64 -26.00
N ILE G 140 -33.85 -13.11 -24.98
CA ILE G 140 -32.82 -13.89 -24.30
C ILE G 140 -33.56 -14.64 -23.17
N PRO G 141 -33.57 -15.97 -23.22
CA PRO G 141 -34.24 -16.77 -22.20
C PRO G 141 -33.53 -16.63 -20.85
N VAL G 142 -34.27 -16.71 -19.75
CA VAL G 142 -33.66 -16.53 -18.43
C VAL G 142 -32.57 -17.54 -18.09
N ALA G 143 -32.64 -18.75 -18.64
CA ALA G 143 -31.61 -19.74 -18.35
C ALA G 143 -30.24 -19.30 -18.94
N TYR G 144 -30.28 -18.55 -20.03
CA TYR G 144 -29.05 -18.05 -20.64
C TYR G 144 -28.63 -16.77 -19.95
N VAL G 145 -29.60 -15.97 -19.54
CA VAL G 145 -29.33 -14.71 -18.83
C VAL G 145 -28.53 -15.00 -17.55
N LYS G 146 -28.86 -16.08 -16.86
CA LYS G 146 -28.18 -16.42 -15.61
C LYS G 146 -26.73 -16.84 -15.78
N THR G 147 -26.26 -16.98 -17.02
CA THR G 147 -24.87 -17.36 -17.23
C THR G 147 -23.94 -16.15 -17.39
N PHE G 148 -24.50 -14.94 -17.37
CA PHE G 148 -23.72 -13.72 -17.52
C PHE G 148 -23.66 -12.97 -16.19
N GLN G 149 -22.61 -12.17 -16.02
CA GLN G 149 -22.49 -11.39 -14.80
C GLN G 149 -23.42 -10.19 -14.86
N GLY G 150 -23.55 -9.61 -16.05
CA GLY G 150 -24.39 -8.43 -16.20
C GLY G 150 -23.59 -7.21 -15.77
N PRO G 151 -24.25 -6.08 -15.50
CA PRO G 151 -23.57 -4.86 -15.07
C PRO G 151 -22.73 -5.09 -13.83
N PRO G 152 -21.54 -4.47 -13.77
CA PRO G 152 -20.68 -4.64 -12.60
C PRO G 152 -21.40 -4.17 -11.33
N HIS G 153 -22.21 -3.12 -11.46
CA HIS G 153 -22.93 -2.55 -10.33
C HIS G 153 -24.43 -2.35 -10.57
N GLY G 154 -24.78 -1.54 -11.57
CA GLY G 154 -26.18 -1.30 -11.87
C GLY G 154 -26.71 -0.05 -11.21
N ILE G 155 -27.87 0.40 -11.68
CA ILE G 155 -28.50 1.63 -11.19
C ILE G 155 -28.57 1.85 -9.68
N GLN G 156 -29.17 0.91 -8.96
CA GLN G 156 -29.31 1.08 -7.52
C GLN G 156 -28.00 1.17 -6.76
N VAL G 157 -27.08 0.25 -7.05
CA VAL G 157 -25.80 0.25 -6.35
C VAL G 157 -25.03 1.53 -6.66
N GLU G 158 -25.04 1.96 -7.91
CA GLU G 158 -24.33 3.17 -8.30
C GLU G 158 -24.86 4.37 -7.50
N ARG G 159 -26.17 4.51 -7.41
CA ARG G 159 -26.75 5.62 -6.65
C ARG G 159 -26.34 5.56 -5.19
N ASP G 160 -26.33 4.35 -4.63
CA ASP G 160 -25.94 4.16 -3.23
C ASP G 160 -24.47 4.48 -2.98
N LYS G 161 -23.61 4.09 -3.92
CA LYS G 161 -22.17 4.35 -3.83
C LYS G 161 -21.87 5.84 -3.92
N LEU G 162 -22.49 6.52 -4.88
CA LEU G 162 -22.28 7.94 -5.09
C LEU G 162 -23.12 8.80 -4.17
N ASN G 163 -24.13 8.22 -3.54
CA ASN G 163 -25.01 8.92 -2.60
C ASN G 163 -25.79 10.04 -3.31
N LYS G 164 -26.33 9.74 -4.49
CA LYS G 164 -27.07 10.71 -5.29
C LYS G 164 -28.47 10.17 -5.53
N TYR G 165 -29.49 10.90 -5.09
CA TYR G 165 -30.88 10.45 -5.23
C TYR G 165 -31.84 11.51 -5.74
N GLY G 166 -32.93 11.03 -6.33
CA GLY G 166 -34.01 11.88 -6.81
C GLY G 166 -33.82 12.82 -7.95
N ARG G 167 -32.84 12.56 -8.83
CA ARG G 167 -32.62 13.43 -9.96
C ARG G 167 -31.68 12.78 -10.94
N PRO G 168 -31.74 13.19 -12.21
CA PRO G 168 -30.85 12.62 -13.22
C PRO G 168 -29.42 13.06 -12.86
N LEU G 169 -28.43 12.29 -13.26
CA LEU G 169 -27.04 12.65 -12.99
C LEU G 169 -26.60 13.55 -14.15
N LEU G 170 -25.58 14.37 -13.92
CA LEU G 170 -25.12 15.29 -14.95
C LEU G 170 -23.66 15.09 -15.29
N GLY G 171 -23.34 15.12 -16.58
CA GLY G 171 -21.98 14.96 -17.02
C GLY G 171 -21.62 15.97 -18.08
N CYS G 172 -20.35 16.00 -18.46
CA CYS G 172 -19.85 16.93 -19.46
C CYS G 172 -18.64 16.35 -20.20
N THR G 173 -18.67 16.37 -21.53
CA THR G 173 -17.54 15.85 -22.32
C THR G 173 -16.54 17.00 -22.50
N ILE G 174 -15.28 16.72 -22.21
CA ILE G 174 -14.25 17.74 -22.34
C ILE G 174 -13.88 17.89 -23.81
N LYS G 175 -13.86 19.13 -24.30
CA LYS G 175 -13.47 19.44 -25.68
C LYS G 175 -12.54 20.66 -25.64
N PRO G 176 -11.67 20.81 -26.66
CA PRO G 176 -11.55 19.89 -27.79
C PRO G 176 -11.07 18.50 -27.33
N LYS G 177 -11.50 17.45 -28.05
CA LYS G 177 -11.12 16.09 -27.70
C LYS G 177 -9.62 15.88 -27.86
N LEU G 178 -9.06 16.44 -28.92
CA LEU G 178 -7.64 16.31 -29.16
C LEU G 178 -7.01 17.69 -29.24
N GLY G 179 -5.84 17.85 -28.64
CA GLY G 179 -5.15 19.13 -28.70
C GLY G 179 -4.72 19.73 -27.37
N LEU G 180 -5.51 19.51 -26.34
CA LEU G 180 -5.14 20.05 -25.04
C LEU G 180 -4.06 19.20 -24.39
N SER G 181 -3.23 19.83 -23.57
CA SER G 181 -2.21 19.10 -22.85
C SER G 181 -2.96 18.45 -21.67
N ALA G 182 -2.41 17.37 -21.13
CA ALA G 182 -3.04 16.67 -20.01
C ALA G 182 -3.37 17.63 -18.87
N LYS G 183 -2.48 18.58 -18.59
CA LYS G 183 -2.78 19.51 -17.51
C LYS G 183 -3.94 20.47 -17.85
N ASN G 184 -3.95 20.99 -19.08
CA ASN G 184 -5.02 21.91 -19.48
C ASN G 184 -6.33 21.15 -19.49
N TYR G 185 -6.26 19.86 -19.80
CA TYR G 185 -7.43 19.01 -19.81
C TYR G 185 -7.96 18.91 -18.37
N GLY G 186 -7.07 18.62 -17.42
CA GLY G 186 -7.47 18.53 -16.04
C GLY G 186 -8.04 19.84 -15.51
N ARG G 187 -7.49 20.96 -15.96
CA ARG G 187 -7.98 22.27 -15.54
C ARG G 187 -9.46 22.40 -15.93
N ALA G 188 -9.80 22.03 -17.16
CA ALA G 188 -11.19 22.09 -17.62
C ALA G 188 -12.07 21.18 -16.76
N VAL G 189 -11.53 20.02 -16.38
CA VAL G 189 -12.22 19.03 -15.55
C VAL G 189 -12.61 19.62 -14.19
N TYR G 190 -11.65 20.24 -13.51
CA TYR G 190 -11.90 20.85 -12.21
C TYR G 190 -12.95 21.95 -12.30
N GLU G 191 -12.84 22.84 -13.28
CA GLU G 191 -13.80 23.94 -13.40
C GLU G 191 -15.21 23.44 -13.69
N CYS G 192 -15.34 22.35 -14.43
CA CYS G 192 -16.66 21.79 -14.71
C CYS G 192 -17.32 21.19 -13.48
N LEU G 193 -16.59 20.30 -12.81
CA LEU G 193 -17.10 19.61 -11.62
C LEU G 193 -17.45 20.52 -10.45
N ARG G 194 -16.61 21.51 -10.17
CA ARG G 194 -16.85 22.39 -9.04
C ARG G 194 -18.15 23.19 -9.16
N GLY G 195 -18.65 23.30 -10.38
CA GLY G 195 -19.87 24.05 -10.63
C GLY G 195 -21.15 23.26 -10.36
N GLY G 196 -21.04 21.96 -10.10
CA GLY G 196 -22.24 21.20 -9.83
C GLY G 196 -22.48 19.96 -10.67
N LEU G 197 -21.61 19.70 -11.65
CA LEU G 197 -21.79 18.51 -12.48
C LEU G 197 -21.24 17.35 -11.67
N ASP G 198 -21.76 16.15 -11.91
CA ASP G 198 -21.34 14.97 -11.18
C ASP G 198 -20.13 14.32 -11.85
N PHE G 199 -20.14 14.31 -13.18
CA PHE G 199 -19.09 13.70 -13.97
C PHE G 199 -18.60 14.55 -15.13
N THR G 200 -17.36 14.27 -15.53
CA THR G 200 -16.76 14.87 -16.70
C THR G 200 -16.36 13.64 -17.49
N ASP G 202 -14.05 11.62 -20.88
CA ASP G 202 -13.04 11.51 -21.93
C ASP G 202 -13.84 11.22 -23.18
N ASP G 203 -13.47 11.86 -24.28
CA ASP G 203 -14.13 11.60 -25.54
C ASP G 203 -13.79 10.16 -25.92
N GLU G 204 -14.65 9.53 -26.73
CA GLU G 204 -14.40 8.15 -27.13
C GLU G 204 -13.08 7.99 -27.88
N ASN G 205 -12.66 9.04 -28.56
CA ASN G 205 -11.42 9.04 -29.34
C ASN G 205 -10.17 9.17 -28.47
N VAL G 206 -10.35 9.73 -27.29
CA VAL G 206 -9.25 9.95 -26.35
C VAL G 206 -8.80 8.68 -25.64
N ASN G 207 -7.70 8.10 -26.11
CA ASN G 207 -7.15 6.89 -25.52
C ASN G 207 -5.75 7.25 -25.04
N SER G 208 -4.76 7.20 -25.93
CA SER G 208 -3.38 7.59 -25.62
C SER G 208 -2.77 8.02 -26.95
N GLN G 209 -2.42 9.30 -27.06
CA GLN G 209 -1.90 9.83 -28.31
C GLN G 209 -0.69 10.72 -28.05
N PRO G 210 0.07 11.09 -29.11
CA PRO G 210 1.26 11.94 -28.97
C PRO G 210 1.19 13.13 -28.01
N PHE G 211 0.20 14.00 -28.16
CA PHE G 211 0.15 15.16 -27.27
C PHE G 211 -0.42 14.95 -25.88
N MET G 212 -1.00 13.78 -25.65
CA MET G 212 -1.55 13.46 -24.34
C MET G 212 -1.56 11.97 -24.11
N ARG G 213 -0.54 11.50 -23.40
CA ARG G 213 -0.43 10.09 -23.09
C ARG G 213 -1.45 9.78 -22.01
N TRP G 214 -1.99 8.57 -22.00
CA TRP G 214 -3.01 8.21 -21.02
C TRP G 214 -2.67 8.38 -19.55
N ARG G 215 -1.49 7.94 -19.12
CA ARG G 215 -1.16 8.03 -17.71
C ARG G 215 -1.13 9.45 -17.19
N ASP G 216 -0.60 10.38 -17.99
CA ASP G 216 -0.54 11.79 -17.59
C ASP G 216 -1.96 12.32 -17.44
N ARG G 217 -2.84 11.92 -18.35
CA ARG G 217 -4.25 12.35 -18.30
C ARG G 217 -4.96 11.84 -17.04
N PHE G 218 -4.80 10.55 -16.74
CA PHE G 218 -5.40 9.93 -15.55
C PHE G 218 -4.96 10.69 -14.30
N LEU G 219 -3.66 10.93 -14.20
CA LEU G 219 -3.06 11.61 -13.07
C LEU G 219 -3.56 13.04 -12.83
N PHE G 220 -3.60 13.86 -13.87
CA PHE G 220 -4.10 15.23 -13.71
C PHE G 220 -5.61 15.28 -13.49
N CYS G 221 -6.35 14.41 -14.17
CA CYS G 221 -7.80 14.34 -13.99
C CYS G 221 -8.09 13.95 -12.55
N ALA G 222 -7.27 13.08 -11.97
CA ALA G 222 -7.43 12.68 -10.57
C ALA G 222 -7.22 13.90 -9.64
N GLU G 223 -6.17 14.68 -9.89
CA GLU G 223 -5.94 15.85 -9.06
C GLU G 223 -7.14 16.82 -9.15
N ALA G 224 -7.63 17.03 -10.37
CA ALA G 224 -8.76 17.92 -10.62
C ALA G 224 -10.05 17.46 -9.95
N LEU G 225 -10.43 16.19 -10.11
CA LEU G 225 -11.65 15.68 -9.50
C LEU G 225 -11.61 15.66 -7.97
N TYR G 226 -10.45 15.40 -7.38
CA TYR G 226 -10.34 15.41 -5.91
C TYR G 226 -10.45 16.84 -5.36
N LYS G 227 -9.92 17.80 -6.10
CA LYS G 227 -10.00 19.20 -5.68
C LYS G 227 -11.45 19.68 -5.74
N ALA G 228 -12.15 19.33 -6.82
CA ALA G 228 -13.55 19.72 -7.00
C ALA G 228 -14.43 19.09 -5.92
N GLN G 229 -14.19 17.82 -5.62
CA GLN G 229 -14.93 17.10 -4.58
C GLN G 229 -14.70 17.72 -3.21
N ALA G 230 -13.44 18.09 -2.93
CA ALA G 230 -13.12 18.70 -1.65
C ALA G 230 -13.82 20.06 -1.51
N GLU G 231 -13.83 20.81 -2.60
CA GLU G 231 -14.44 22.13 -2.61
C GLU G 231 -15.96 22.09 -2.38
N THR G 232 -16.67 21.26 -3.16
CA THR G 232 -18.12 21.19 -3.08
C THR G 232 -18.71 20.25 -2.03
N GLY G 233 -17.98 19.21 -1.67
CA GLY G 233 -18.50 18.26 -0.70
C GLY G 233 -19.33 17.15 -1.32
N GLU G 234 -19.47 17.18 -2.64
CA GLU G 234 -20.24 16.16 -3.35
C GLU G 234 -19.28 15.23 -4.10
N ILE G 235 -19.61 13.94 -4.15
CA ILE G 235 -18.76 12.97 -4.82
C ILE G 235 -18.70 13.25 -6.32
N LYS G 236 -17.49 13.18 -6.88
CA LYS G 236 -17.25 13.46 -8.30
C LYS G 236 -16.56 12.33 -9.00
N GLY G 237 -16.74 12.26 -10.32
CA GLY G 237 -16.09 11.22 -11.09
C GLY G 237 -15.74 11.72 -12.48
N HIS G 238 -14.82 11.03 -13.15
CA HIS G 238 -14.42 11.39 -14.50
C HIS G 238 -14.27 10.08 -15.24
N TYR G 239 -15.02 9.89 -16.32
CA TYR G 239 -14.92 8.63 -17.06
C TYR G 239 -13.56 8.57 -17.75
N LEU G 240 -12.62 7.84 -17.14
CA LEU G 240 -11.27 7.67 -17.67
C LEU G 240 -11.34 6.56 -18.70
N ASN G 241 -11.11 6.92 -19.97
CA ASN G 241 -11.18 5.99 -21.08
C ASN G 241 -10.06 4.95 -21.07
N ALA G 242 -10.43 3.67 -20.92
CA ALA G 242 -9.46 2.58 -20.89
C ALA G 242 -9.36 1.82 -22.23
N THR G 243 -10.15 2.22 -23.22
CA THR G 243 -10.16 1.57 -24.53
C THR G 243 -8.71 1.55 -25.04
N ALA G 244 -8.26 0.41 -25.57
CA ALA G 244 -6.88 0.30 -26.02
C ALA G 244 -6.73 -0.73 -27.14
N GLY G 245 -5.52 -0.84 -27.66
CA GLY G 245 -5.26 -1.76 -28.74
C GLY G 245 -5.24 -3.23 -28.39
N THR G 246 -4.85 -3.57 -27.16
CA THR G 246 -4.79 -4.96 -26.72
C THR G 246 -5.46 -5.11 -25.34
N CYS G 247 -5.72 -6.35 -24.94
CA CYS G 247 -6.34 -6.61 -23.64
C CYS G 247 -5.40 -6.15 -22.53
N GLU G 248 -4.12 -6.41 -22.75
CA GLU G 248 -3.07 -6.03 -21.80
C GLU G 248 -3.01 -4.52 -21.56
N ASP G 249 -3.04 -3.73 -22.63
CA ASP G 249 -3.00 -2.28 -22.49
C ASP G 249 -4.24 -1.77 -21.79
N MET G 250 -5.39 -2.35 -22.14
CA MET G 250 -6.65 -1.96 -21.52
C MET G 250 -6.61 -2.23 -20.03
N MET G 251 -6.10 -3.41 -19.65
CA MET G 251 -6.03 -3.75 -18.23
C MET G 251 -5.07 -2.84 -17.45
N LYS G 252 -3.97 -2.44 -18.08
CA LYS G 252 -2.99 -1.55 -17.45
C LYS G 252 -3.65 -0.22 -17.07
N ARG G 253 -4.52 0.26 -17.94
CA ARG G 253 -5.21 1.53 -17.70
C ARG G 253 -6.24 1.43 -16.60
N ALA G 254 -6.99 0.32 -16.57
CA ALA G 254 -7.99 0.07 -15.53
C ALA G 254 -7.30 -0.07 -14.15
N VAL G 255 -6.15 -0.73 -14.12
CA VAL G 255 -5.38 -0.94 -12.90
C VAL G 255 -4.89 0.38 -12.29
N PHE G 256 -4.45 1.31 -13.12
CA PHE G 256 -3.99 2.59 -12.60
C PHE G 256 -5.18 3.36 -12.02
N ALA G 257 -6.35 3.24 -12.66
CA ALA G 257 -7.55 3.91 -12.17
C ALA G 257 -7.88 3.38 -10.76
N ARG G 258 -7.73 2.08 -10.58
CA ARG G 258 -7.95 1.43 -9.29
C ARG G 258 -6.94 2.00 -8.29
N GLU G 259 -5.67 2.08 -8.68
CA GLU G 259 -4.62 2.62 -7.81
C GLU G 259 -4.93 4.07 -7.37
N LEU G 260 -5.49 4.88 -8.26
CA LEU G 260 -5.83 6.25 -7.91
C LEU G 260 -7.05 6.36 -6.99
N GLY G 261 -7.80 5.25 -6.85
CA GLY G 261 -8.98 5.26 -6.00
C GLY G 261 -10.17 5.99 -6.58
N VAL G 262 -10.16 6.22 -7.89
CA VAL G 262 -11.26 6.94 -8.55
C VAL G 262 -12.43 5.99 -8.77
N PRO G 263 -13.64 6.54 -8.91
CA PRO G 263 -14.85 5.73 -9.10
C PRO G 263 -15.30 5.17 -10.45
N ILE G 264 -14.80 5.71 -11.56
CA ILE G 264 -15.34 5.26 -12.84
C ILE G 264 -14.37 5.27 -14.02
N VAL G 265 -14.47 4.24 -14.85
CA VAL G 265 -13.66 4.11 -16.05
C VAL G 265 -14.61 3.96 -17.25
N MET G 266 -14.08 4.01 -18.46
CA MET G 266 -14.89 3.97 -19.68
C MET G 266 -14.34 3.02 -20.74
N HIS G 267 -15.22 2.51 -21.61
CA HIS G 267 -14.81 1.61 -22.67
C HIS G 267 -15.72 1.79 -23.89
N ASP G 268 -15.13 1.77 -25.10
CA ASP G 268 -15.91 1.87 -26.36
C ASP G 268 -16.13 0.40 -26.68
N TYR G 269 -17.25 -0.14 -26.23
CA TYR G 269 -17.48 -1.57 -26.40
C TYR G 269 -17.56 -2.15 -27.78
N LEU G 270 -17.93 -1.35 -28.77
CA LEU G 270 -18.05 -1.89 -30.12
C LEU G 270 -16.72 -1.89 -30.87
N THR G 271 -15.92 -0.85 -30.70
CA THR G 271 -14.63 -0.81 -31.37
C THR G 271 -13.61 -1.66 -30.61
N GLY G 272 -13.72 -1.71 -29.28
CA GLY G 272 -12.84 -2.56 -28.49
C GLY G 272 -13.25 -4.02 -28.70
N GLY G 273 -14.55 -4.29 -28.67
CA GLY G 273 -15.05 -5.63 -28.88
C GLY G 273 -15.68 -6.26 -27.66
N PHE G 274 -16.54 -7.24 -27.85
CA PHE G 274 -17.21 -7.92 -26.74
C PHE G 274 -16.31 -8.74 -25.85
N THR G 275 -15.30 -9.38 -26.44
CA THR G 275 -14.36 -10.17 -25.67
C THR G 275 -13.59 -9.30 -24.66
N ALA G 276 -13.08 -8.16 -25.13
CA ALA G 276 -12.36 -7.24 -24.26
C ALA G 276 -13.33 -6.59 -23.26
N ASN G 277 -14.53 -6.24 -23.73
CA ASN G 277 -15.51 -5.62 -22.83
C ASN G 277 -15.89 -6.49 -21.63
N THR G 278 -16.13 -7.77 -21.85
CA THR G 278 -16.49 -8.70 -20.80
C THR G 278 -15.36 -8.82 -19.78
N THR G 279 -14.11 -8.84 -20.26
CA THR G 279 -12.95 -8.88 -19.39
C THR G 279 -12.95 -7.63 -18.51
N LEU G 280 -13.14 -6.46 -19.11
CA LEU G 280 -13.16 -5.23 -18.36
C LEU G 280 -14.33 -5.20 -17.36
N SER G 281 -15.50 -5.67 -17.79
CA SER G 281 -16.68 -5.72 -16.92
C SER G 281 -16.43 -6.57 -15.68
N HIS G 282 -15.75 -7.70 -15.85
CA HIS G 282 -15.46 -8.59 -14.72
C HIS G 282 -14.49 -7.96 -13.74
N TYR G 283 -13.46 -7.30 -14.27
CA TYR G 283 -12.48 -6.62 -13.45
C TYR G 283 -13.15 -5.50 -12.66
N CYS G 284 -14.04 -4.76 -13.31
CA CYS G 284 -14.73 -3.68 -12.62
C CYS G 284 -15.56 -4.19 -11.43
N ARG G 285 -16.21 -5.34 -11.60
CA ARG G 285 -17.01 -5.95 -10.54
C ARG G 285 -16.07 -6.33 -9.38
N ASP G 286 -14.96 -6.98 -9.71
CA ASP G 286 -13.99 -7.40 -8.69
C ASP G 286 -13.25 -6.27 -7.99
N ASN G 287 -13.26 -5.07 -8.59
CA ASN G 287 -12.54 -3.95 -8.01
C ASN G 287 -13.38 -2.73 -7.63
N GLY G 288 -14.70 -2.87 -7.71
CA GLY G 288 -15.57 -1.77 -7.33
C GLY G 288 -15.60 -0.55 -8.23
N LEU G 289 -15.23 -0.71 -9.49
CA LEU G 289 -15.21 0.40 -10.45
C LEU G 289 -16.50 0.45 -11.26
N LEU G 290 -17.06 1.63 -11.42
CA LEU G 290 -18.25 1.79 -12.24
C LEU G 290 -17.73 1.80 -13.67
N LEU G 291 -18.56 1.37 -14.62
CA LEU G 291 -18.15 1.30 -16.01
C LEU G 291 -19.09 2.03 -16.95
N HIS G 292 -18.58 3.07 -17.61
CA HIS G 292 -19.36 3.84 -18.56
C HIS G 292 -19.08 3.32 -19.96
N ILE G 293 -20.14 3.01 -20.69
CA ILE G 293 -20.00 2.47 -22.04
C ILE G 293 -20.39 3.45 -23.14
N HIS G 294 -19.49 3.66 -24.09
CA HIS G 294 -19.72 4.56 -25.21
C HIS G 294 -20.03 3.67 -26.42
N ARG G 295 -21.02 4.06 -27.20
CA ARG G 295 -21.43 3.26 -28.35
C ARG G 295 -20.86 3.68 -29.70
N ALA G 296 -19.62 4.16 -29.69
CA ALA G 296 -18.95 4.60 -30.92
C ALA G 296 -19.03 3.48 -31.97
N MET G 297 -19.36 3.86 -33.21
CA MET G 297 -19.49 2.96 -34.36
C MET G 297 -20.87 2.33 -34.53
N HIS G 298 -21.77 2.53 -33.57
CA HIS G 298 -23.11 1.92 -33.65
C HIS G 298 -23.89 2.26 -34.93
N ALA G 299 -23.86 3.51 -35.38
CA ALA G 299 -24.61 3.92 -36.56
C ALA G 299 -24.15 3.25 -37.85
N VAL G 300 -22.95 2.67 -37.83
CA VAL G 300 -22.43 1.97 -38.99
C VAL G 300 -23.32 0.72 -39.17
N ILE G 301 -23.82 0.24 -38.04
CA ILE G 301 -24.62 -0.98 -37.98
C ILE G 301 -26.13 -0.82 -37.77
N ASP G 302 -26.52 0.11 -36.91
CA ASP G 302 -27.92 0.27 -36.59
C ASP G 302 -28.71 1.40 -37.24
N ARG G 303 -28.15 2.07 -38.23
CA ARG G 303 -28.87 3.20 -38.82
C ARG G 303 -29.96 2.93 -39.87
N GLN G 304 -29.65 2.15 -40.89
CA GLN G 304 -30.62 1.88 -41.95
C GLN G 304 -31.67 0.87 -41.51
N LYS G 305 -32.93 1.18 -41.80
CA LYS G 305 -34.04 0.30 -41.44
C LYS G 305 -34.04 -1.07 -42.15
N ASN G 306 -33.44 -1.13 -43.33
CA ASN G 306 -33.44 -2.35 -44.12
C ASN G 306 -32.33 -3.38 -43.84
N HIS G 307 -31.18 -2.93 -43.35
CA HIS G 307 -30.08 -3.85 -43.14
C HIS G 307 -29.24 -3.48 -41.93
N GLY G 308 -28.86 -4.48 -41.14
CA GLY G 308 -28.05 -4.24 -39.97
C GLY G 308 -28.66 -4.85 -38.73
N MET G 309 -28.46 -4.19 -37.59
CA MET G 309 -28.99 -4.67 -36.32
C MET G 309 -29.51 -3.44 -35.61
N HIS G 310 -30.72 -3.51 -35.07
CA HIS G 310 -31.25 -2.36 -34.38
C HIS G 310 -30.49 -2.15 -33.07
N PHE G 311 -30.35 -0.90 -32.64
CA PHE G 311 -29.63 -0.64 -31.40
C PHE G 311 -30.12 -1.44 -30.18
N ARG G 312 -31.42 -1.73 -30.11
CA ARG G 312 -31.97 -2.47 -28.97
C ARG G 312 -31.29 -3.83 -28.77
N VAL G 313 -30.84 -4.43 -29.86
CA VAL G 313 -30.14 -5.69 -29.81
C VAL G 313 -28.75 -5.43 -29.19
N LEU G 314 -28.11 -4.33 -29.62
CA LEU G 314 -26.78 -3.97 -29.11
C LEU G 314 -26.85 -3.57 -27.65
N ALA G 315 -27.99 -3.05 -27.22
CA ALA G 315 -28.23 -2.63 -25.85
C ALA G 315 -28.39 -3.86 -24.94
N LYS G 316 -29.14 -4.85 -25.40
CA LYS G 316 -29.34 -6.07 -24.63
C LYS G 316 -28.02 -6.79 -24.44
N ALA G 317 -27.22 -6.83 -25.50
CA ALA G 317 -25.91 -7.47 -25.48
C ALA G 317 -24.99 -6.81 -24.45
N LEU G 318 -25.01 -5.48 -24.38
CA LEU G 318 -24.19 -4.76 -23.42
C LEU G 318 -24.65 -5.05 -21.99
N ARG G 319 -25.96 -5.14 -21.76
CA ARG G 319 -26.47 -5.43 -20.41
C ARG G 319 -25.97 -6.80 -19.94
N LEU G 320 -25.81 -7.73 -20.88
CA LEU G 320 -25.33 -9.07 -20.55
C LEU G 320 -23.81 -9.05 -20.32
N SER G 321 -23.05 -8.52 -21.28
CA SER G 321 -21.60 -8.42 -21.18
C SER G 321 -21.25 -7.62 -19.93
N GLY G 322 -21.93 -6.48 -19.76
CA GLY G 322 -21.72 -5.65 -18.60
C GLY G 322 -21.32 -4.20 -18.81
N GLY G 323 -22.04 -3.31 -18.12
CA GLY G 323 -21.76 -1.90 -18.17
C GLY G 323 -22.74 -1.25 -17.21
N ASP G 324 -22.36 -0.12 -16.61
CA ASP G 324 -23.24 0.57 -15.67
C ASP G 324 -23.99 1.74 -16.34
N HIS G 325 -23.37 2.30 -17.37
CA HIS G 325 -23.95 3.41 -18.16
C HIS G 325 -23.82 2.96 -19.61
N ILE G 326 -24.69 3.48 -20.47
CA ILE G 326 -24.60 3.23 -21.91
C ILE G 326 -25.27 4.39 -22.60
N HIS G 327 -24.60 4.94 -23.60
CA HIS G 327 -25.17 6.06 -24.37
C HIS G 327 -26.39 5.54 -25.11
N SER G 328 -27.47 6.32 -25.08
CA SER G 328 -28.70 5.90 -25.74
C SER G 328 -29.35 6.93 -26.66
N GLY G 329 -28.59 7.94 -27.09
CA GLY G 329 -29.16 8.94 -27.98
C GLY G 329 -29.82 10.07 -27.24
N THR G 330 -30.30 11.09 -27.97
CA THR G 330 -30.90 12.22 -27.30
C THR G 330 -32.41 12.41 -27.32
N VAL G 331 -33.10 11.85 -28.32
CA VAL G 331 -34.57 12.02 -28.41
C VAL G 331 -34.99 13.46 -28.76
N VAL G 332 -34.59 14.42 -27.95
CA VAL G 332 -34.92 15.82 -28.20
C VAL G 332 -33.78 16.38 -29.06
N GLU G 338 -36.87 8.16 -33.12
CA GLU G 338 -38.30 8.28 -32.75
C GLU G 338 -38.41 8.02 -31.25
N ARG G 339 -39.12 8.90 -30.56
CA ARG G 339 -39.34 8.86 -29.12
C ARG G 339 -39.73 7.48 -28.57
N ASP G 340 -40.83 6.93 -29.08
CA ASP G 340 -41.31 5.64 -28.60
C ASP G 340 -40.32 4.50 -28.70
N ILE G 341 -39.57 4.44 -29.80
CA ILE G 341 -38.56 3.40 -29.98
C ILE G 341 -37.50 3.52 -28.90
N THR G 342 -37.05 4.74 -28.66
CA THR G 342 -36.03 5.01 -27.64
C THR G 342 -36.52 4.63 -26.24
N LEU G 343 -37.70 5.10 -25.88
CA LEU G 343 -38.28 4.79 -24.59
C LEU G 343 -38.41 3.26 -24.46
N GLY G 344 -38.66 2.60 -25.59
CA GLY G 344 -38.78 1.16 -25.58
C GLY G 344 -37.49 0.49 -25.16
N PHE G 345 -36.36 0.87 -25.77
CA PHE G 345 -35.10 0.22 -25.39
C PHE G 345 -34.53 0.73 -24.07
N VAL G 346 -35.01 1.89 -23.62
CA VAL G 346 -34.60 2.43 -22.34
C VAL G 346 -35.20 1.50 -21.28
N ASP G 347 -36.46 1.09 -21.47
CA ASP G 347 -37.11 0.16 -20.55
C ASP G 347 -36.37 -1.17 -20.51
N LEU G 348 -35.92 -1.61 -21.67
CA LEU G 348 -35.16 -2.86 -21.79
C LEU G 348 -33.80 -2.83 -21.06
N LEU G 349 -33.24 -1.64 -20.93
CA LEU G 349 -31.97 -1.45 -20.25
C LEU G 349 -32.10 -1.32 -18.74
N ARG G 350 -33.19 -0.69 -18.30
CA ARG G 350 -33.41 -0.44 -16.88
C ARG G 350 -34.28 -1.41 -16.10
N ASP G 351 -35.36 -1.91 -16.70
CA ASP G 351 -36.32 -2.77 -16.01
C ASP G 351 -35.98 -4.24 -15.87
N ASP G 352 -36.72 -4.91 -15.00
CA ASP G 352 -36.50 -6.33 -14.79
C ASP G 352 -37.38 -7.18 -15.70
N TYR G 353 -38.43 -6.56 -16.19
CA TYR G 353 -39.37 -7.27 -17.07
C TYR G 353 -40.05 -6.24 -17.98
N THR G 354 -40.06 -6.53 -19.27
CA THR G 354 -40.67 -5.66 -20.26
C THR G 354 -41.51 -6.50 -21.20
N GLU G 355 -42.81 -6.21 -21.22
CA GLU G 355 -43.77 -6.90 -22.03
C GLU G 355 -43.67 -6.49 -23.49
N LYS G 356 -44.03 -7.42 -24.38
CA LYS G 356 -44.05 -7.22 -25.82
C LYS G 356 -44.88 -5.96 -26.10
N ASP G 357 -44.40 -5.13 -27.01
CA ASP G 357 -45.10 -3.89 -27.34
C ASP G 357 -44.59 -3.41 -28.69
N ARG G 358 -45.29 -3.80 -29.74
CA ARG G 358 -44.90 -3.42 -31.09
C ARG G 358 -44.88 -1.92 -31.35
N SER G 359 -45.70 -1.16 -30.65
CA SER G 359 -45.73 0.29 -30.85
C SER G 359 -44.40 0.96 -30.39
N ARG G 360 -43.58 0.20 -29.66
CA ARG G 360 -42.31 0.70 -29.18
C ARG G 360 -41.16 -0.16 -29.66
N GLY G 361 -41.41 -0.98 -30.67
CA GLY G 361 -40.36 -1.83 -31.21
C GLY G 361 -39.93 -3.00 -30.34
N ILE G 362 -40.72 -3.31 -29.31
CA ILE G 362 -40.42 -4.43 -28.42
C ILE G 362 -41.14 -5.66 -28.99
N TYR G 363 -40.40 -6.49 -29.72
CA TYR G 363 -40.96 -7.68 -30.35
C TYR G 363 -41.16 -8.90 -29.45
N PHE G 364 -40.46 -8.95 -28.31
CA PHE G 364 -40.59 -10.08 -27.40
C PHE G 364 -40.68 -9.58 -25.97
N THR G 365 -41.35 -10.34 -25.12
CA THR G 365 -41.42 -10.00 -23.72
C THR G 365 -40.03 -10.44 -23.23
N GLN G 366 -39.38 -9.61 -22.41
CA GLN G 366 -38.05 -9.91 -21.93
C GLN G 366 -37.98 -9.83 -20.40
N SER G 367 -37.44 -10.89 -19.78
CA SER G 367 -37.28 -10.93 -18.32
C SER G 367 -35.77 -10.95 -18.07
N TRP G 368 -35.35 -10.37 -16.95
CA TRP G 368 -33.94 -10.31 -16.62
C TRP G 368 -33.53 -11.01 -15.34
N VAL G 369 -34.48 -11.66 -14.66
CA VAL G 369 -34.21 -12.36 -13.40
C VAL G 369 -33.20 -11.68 -12.46
N SER G 370 -33.49 -10.43 -12.15
CA SER G 370 -32.71 -9.61 -11.27
C SER G 370 -31.32 -9.14 -11.72
N THR G 371 -31.04 -9.23 -13.03
CA THR G 371 -29.79 -8.74 -13.57
C THR G 371 -29.99 -7.22 -13.43
N PRO G 372 -29.02 -6.51 -12.83
CA PRO G 372 -29.12 -5.06 -12.65
C PRO G 372 -29.42 -4.27 -13.91
N GLY G 373 -30.03 -3.11 -13.71
CA GLY G 373 -30.37 -2.25 -14.82
C GLY G 373 -29.17 -1.38 -15.16
N VAL G 374 -29.21 -0.79 -16.36
CA VAL G 374 -28.16 0.08 -16.87
C VAL G 374 -28.70 1.50 -16.99
N LEU G 375 -27.92 2.48 -16.54
CA LEU G 375 -28.29 3.89 -16.62
C LEU G 375 -28.13 4.41 -18.06
N PRO G 376 -29.22 4.89 -18.68
CA PRO G 376 -29.08 5.39 -20.05
C PRO G 376 -28.48 6.80 -20.00
N VAL G 377 -27.60 7.11 -20.96
CA VAL G 377 -26.93 8.41 -21.02
C VAL G 377 -27.40 9.19 -22.24
N ALA G 378 -28.08 10.32 -22.03
CA ALA G 378 -28.57 11.17 -23.11
C ALA G 378 -27.47 12.19 -23.39
N SER G 379 -27.08 12.31 -24.65
CA SER G 379 -26.01 13.23 -25.04
C SER G 379 -26.21 13.67 -26.48
N GLY G 380 -25.62 14.81 -26.84
CA GLY G 380 -25.71 15.29 -28.20
C GLY G 380 -26.38 16.64 -28.40
N GLY G 381 -25.57 17.68 -28.44
CA GLY G 381 -26.07 19.03 -28.67
C GLY G 381 -27.16 19.56 -27.76
N ILE G 382 -27.27 19.05 -26.55
CA ILE G 382 -28.30 19.52 -25.63
C ILE G 382 -27.82 20.68 -24.77
N HIS G 383 -28.75 21.53 -24.33
CA HIS G 383 -28.44 22.69 -23.48
C HIS G 383 -29.61 22.93 -22.52
N VAL G 384 -29.46 23.91 -21.63
CA VAL G 384 -30.46 24.24 -20.62
C VAL G 384 -31.92 24.15 -21.04
N TRP G 385 -32.24 24.62 -22.24
CA TRP G 385 -33.62 24.60 -22.69
C TRP G 385 -34.25 23.23 -22.92
N HIS G 386 -33.41 22.20 -23.01
CA HIS G 386 -33.91 20.85 -23.22
C HIS G 386 -34.17 20.14 -21.89
N MET G 387 -33.73 20.74 -20.79
CA MET G 387 -33.87 20.15 -19.47
C MET G 387 -35.25 19.63 -19.07
N PRO G 388 -36.32 20.43 -19.27
CA PRO G 388 -37.65 19.93 -18.88
C PRO G 388 -38.05 18.68 -19.67
N ALA G 389 -37.75 18.70 -20.97
CA ALA G 389 -38.05 17.60 -21.86
C ALA G 389 -37.29 16.34 -21.49
N LEU G 390 -36.00 16.48 -21.22
CA LEU G 390 -35.17 15.34 -20.86
C LEU G 390 -35.58 14.71 -19.53
N THR G 391 -35.88 15.55 -18.55
CA THR G 391 -36.30 15.09 -17.22
C THR G 391 -37.61 14.32 -17.35
N GLU G 392 -38.51 14.88 -18.14
CA GLU G 392 -39.82 14.31 -18.40
C GLU G 392 -39.74 12.96 -19.09
N ILE G 393 -38.97 12.88 -20.17
CA ILE G 393 -38.84 11.67 -20.96
C ILE G 393 -38.04 10.52 -20.33
N PHE G 394 -36.88 10.82 -19.75
CA PHE G 394 -36.03 9.79 -19.16
C PHE G 394 -36.32 9.53 -17.69
N GLY G 395 -36.74 10.57 -16.98
CA GLY G 395 -37.02 10.41 -15.56
C GLY G 395 -35.73 10.55 -14.79
N ASP G 396 -35.77 10.19 -13.51
CA ASP G 396 -34.61 10.29 -12.64
C ASP G 396 -33.42 9.40 -12.99
N ASP G 397 -33.69 8.18 -13.42
CA ASP G 397 -32.61 7.26 -13.72
C ASP G 397 -32.01 7.44 -15.09
N SER G 398 -31.18 8.45 -15.22
CA SER G 398 -30.51 8.72 -16.49
C SER G 398 -29.34 9.66 -16.23
N VAL G 399 -28.44 9.75 -17.20
CA VAL G 399 -27.30 10.67 -17.09
C VAL G 399 -27.43 11.61 -18.28
N LEU G 400 -27.47 12.91 -18.01
CA LEU G 400 -27.59 13.92 -19.07
C LEU G 400 -26.19 14.51 -19.28
N GLN G 401 -25.67 14.36 -20.49
CA GLN G 401 -24.32 14.84 -20.82
C GLN G 401 -24.35 16.15 -21.60
N PHE G 402 -23.67 17.19 -21.08
CA PHE G 402 -23.61 18.51 -21.72
C PHE G 402 -22.17 18.94 -22.04
N GLY G 403 -21.67 18.61 -23.23
CA GLY G 403 -20.32 19.01 -23.58
C GLY G 403 -20.28 20.50 -23.88
N GLY G 404 -20.64 20.86 -25.12
CA GLY G 404 -20.67 22.26 -25.50
C GLY G 404 -21.67 23.06 -24.68
N GLY G 405 -22.65 22.37 -24.10
CA GLY G 405 -23.65 23.01 -23.27
C GLY G 405 -23.10 23.53 -21.95
N THR G 406 -21.88 23.13 -21.61
CA THR G 406 -21.23 23.60 -20.38
C THR G 406 -20.04 24.49 -20.75
N LEU G 407 -19.17 23.96 -21.62
CA LEU G 407 -17.95 24.64 -22.07
C LEU G 407 -18.18 25.82 -23.03
N GLY G 408 -19.45 26.03 -23.40
CA GLY G 408 -19.81 27.11 -24.29
C GLY G 408 -20.52 28.23 -23.56
N HIS G 409 -20.65 28.12 -22.25
CA HIS G 409 -21.30 29.16 -21.46
C HIS G 409 -20.38 30.38 -21.52
N PRO G 410 -20.96 31.59 -21.67
CA PRO G 410 -20.17 32.83 -21.75
C PRO G 410 -19.22 33.12 -20.58
N TRP G 411 -19.59 32.70 -19.36
CA TRP G 411 -18.74 32.96 -18.20
C TRP G 411 -17.71 31.88 -17.88
N GLY G 412 -17.76 30.75 -18.60
CA GLY G 412 -16.82 29.67 -18.35
C GLY G 412 -17.47 28.38 -17.89
N ASN G 413 -16.63 27.36 -17.66
CA ASN G 413 -17.07 26.02 -17.24
C ASN G 413 -17.86 25.95 -15.93
N ALA G 414 -17.36 26.58 -14.87
CA ALA G 414 -18.05 26.54 -13.59
C ALA G 414 -19.46 27.12 -13.66
N PRO G 415 -19.61 28.36 -14.16
CA PRO G 415 -20.97 28.93 -14.26
C PRO G 415 -21.82 28.13 -15.26
N GLY G 416 -21.16 27.52 -16.23
CA GLY G 416 -21.85 26.70 -17.22
C GLY G 416 -22.46 25.49 -16.52
N ALA G 417 -21.70 24.94 -15.58
CA ALA G 417 -22.12 23.78 -14.80
C ALA G 417 -23.25 24.19 -13.87
N VAL G 418 -23.09 25.35 -13.23
CA VAL G 418 -24.09 25.89 -12.31
C VAL G 418 -25.43 26.08 -13.03
N ALA G 419 -25.39 26.62 -14.23
CA ALA G 419 -26.61 26.84 -15.01
C ALA G 419 -27.34 25.51 -15.26
N ASN G 420 -26.57 24.46 -15.63
CA ASN G 420 -27.17 23.15 -15.88
C ASN G 420 -27.73 22.48 -14.62
N ARG G 421 -26.99 22.61 -13.52
CA ARG G 421 -27.42 22.02 -12.25
C ARG G 421 -28.67 22.73 -11.74
N VAL G 422 -28.68 24.07 -11.81
CA VAL G 422 -29.83 24.84 -11.37
C VAL G 422 -31.06 24.52 -12.22
N ALA G 423 -30.90 24.54 -13.54
CA ALA G 423 -31.99 24.25 -14.47
C ALA G 423 -32.60 22.88 -14.14
N LEU G 424 -31.74 21.88 -13.93
CA LEU G 424 -32.20 20.53 -13.61
C LEU G 424 -32.97 20.48 -12.29
N GLU G 425 -32.38 21.04 -11.23
CA GLU G 425 -33.03 21.04 -9.93
C GLU G 425 -34.35 21.80 -9.96
N ALA G 426 -34.40 22.85 -10.78
CA ALA G 426 -35.61 23.64 -10.91
C ALA G 426 -36.71 22.75 -11.49
N CYS G 427 -36.35 21.98 -12.51
CA CYS G 427 -37.29 21.08 -13.14
C CYS G 427 -37.75 19.96 -12.21
N VAL G 428 -36.81 19.42 -11.45
CA VAL G 428 -37.11 18.35 -10.52
C VAL G 428 -38.09 18.84 -9.45
N GLN G 429 -37.80 19.99 -8.85
CA GLN G 429 -38.67 20.56 -7.82
C GLN G 429 -40.08 20.80 -8.37
N ALA G 430 -40.15 21.40 -9.55
CA ALA G 430 -41.42 21.69 -10.21
C ALA G 430 -42.23 20.42 -10.45
N ARG G 431 -41.57 19.40 -10.97
CA ARG G 431 -42.20 18.11 -11.24
C ARG G 431 -42.73 17.53 -9.92
N ASN G 432 -41.90 17.59 -8.88
CA ASN G 432 -42.27 17.06 -7.57
C ASN G 432 -43.45 17.82 -6.97
N GLU G 433 -43.59 19.09 -7.33
CA GLU G 433 -44.70 19.90 -6.82
C GLU G 433 -45.96 19.67 -7.62
N GLY G 434 -45.86 18.85 -8.67
CA GLY G 434 -47.03 18.56 -9.49
C GLY G 434 -47.16 19.35 -10.77
N ARG G 435 -46.18 20.17 -11.09
CA ARG G 435 -46.24 20.96 -12.32
C ARG G 435 -46.01 20.07 -13.54
N ASP G 436 -46.65 20.40 -14.65
CA ASP G 436 -46.49 19.61 -15.87
C ASP G 436 -45.26 20.12 -16.63
N LEU G 437 -44.23 19.29 -16.73
CA LEU G 437 -43.00 19.67 -17.42
C LEU G 437 -43.21 19.87 -18.92
N ALA G 438 -44.17 19.16 -19.47
CA ALA G 438 -44.48 19.26 -20.90
C ALA G 438 -45.19 20.57 -21.17
N ARG G 439 -46.13 20.93 -20.31
CA ARG G 439 -46.88 22.16 -20.51
C ARG G 439 -46.10 23.41 -20.11
N GLU G 440 -45.52 23.40 -18.91
CA GLU G 440 -44.80 24.57 -18.41
C GLU G 440 -43.28 24.54 -18.23
N GLY G 441 -42.58 23.76 -19.05
CA GLY G 441 -41.13 23.68 -18.96
C GLY G 441 -40.42 25.03 -19.04
N ASN G 442 -40.69 25.79 -20.10
CA ASN G 442 -40.08 27.11 -20.30
C ASN G 442 -40.34 28.07 -19.17
N THR G 443 -41.56 28.02 -18.64
CA THR G 443 -41.95 28.89 -17.54
C THR G 443 -41.08 28.58 -16.34
N ILE G 444 -40.86 27.29 -16.10
CA ILE G 444 -40.05 26.81 -14.99
C ILE G 444 -38.61 27.33 -15.10
N ILE G 445 -38.05 27.28 -16.31
CA ILE G 445 -36.69 27.77 -16.54
C ILE G 445 -36.62 29.29 -16.37
N ARG G 446 -37.50 30.02 -17.05
CA ARG G 446 -37.50 31.48 -16.94
C ARG G 446 -37.65 31.93 -15.50
N GLU G 447 -38.48 31.23 -14.73
CA GLU G 447 -38.67 31.56 -13.33
C GLU G 447 -37.34 31.49 -12.58
N ALA G 448 -36.53 30.47 -12.90
CA ALA G 448 -35.22 30.28 -12.24
C ALA G 448 -34.18 31.32 -12.64
N THR G 449 -34.30 31.87 -13.85
CA THR G 449 -33.34 32.87 -14.28
C THR G 449 -33.45 34.13 -13.43
N LYS G 450 -34.62 34.36 -12.88
CA LYS G 450 -34.86 35.54 -12.05
C LYS G 450 -33.99 35.54 -10.79
N TRP G 451 -33.51 34.37 -10.36
CA TRP G 451 -32.65 34.33 -9.18
C TRP G 451 -31.28 33.71 -9.44
N SER G 452 -31.07 33.17 -10.63
CA SER G 452 -29.79 32.57 -11.00
C SER G 452 -29.17 33.29 -12.19
N PRO G 453 -28.18 34.17 -11.93
CA PRO G 453 -27.49 34.93 -12.99
C PRO G 453 -26.82 34.00 -13.98
N GLU G 454 -26.24 32.92 -13.45
CA GLU G 454 -25.55 31.93 -14.29
C GLU G 454 -26.52 31.36 -15.30
N LEU G 455 -27.71 30.99 -14.84
CA LEU G 455 -28.72 30.42 -15.71
C LEU G 455 -29.27 31.46 -16.67
N ALA G 456 -29.49 32.68 -16.17
CA ALA G 456 -30.00 33.78 -17.01
C ALA G 456 -29.07 33.98 -18.19
N ALA G 457 -27.77 34.00 -17.90
CA ALA G 457 -26.73 34.18 -18.92
C ALA G 457 -26.76 33.05 -19.96
N ALA G 458 -27.00 31.83 -19.51
CA ALA G 458 -27.06 30.67 -20.40
C ALA G 458 -28.26 30.80 -21.31
N CYS G 459 -29.41 31.12 -20.73
CA CYS G 459 -30.65 31.29 -21.49
C CYS G 459 -30.54 32.36 -22.55
N GLU G 460 -29.73 33.38 -22.30
CA GLU G 460 -29.54 34.45 -23.28
C GLU G 460 -28.78 33.97 -24.50
N VAL G 461 -27.85 33.05 -24.29
CA VAL G 461 -27.01 32.51 -25.36
C VAL G 461 -27.65 31.42 -26.21
N TRP G 462 -28.38 30.51 -25.59
CA TRP G 462 -28.92 29.38 -26.33
C TRP G 462 -30.28 29.32 -26.99
N LYS G 463 -31.31 29.91 -26.42
CA LYS G 463 -32.61 29.78 -27.07
C LYS G 463 -32.67 30.53 -28.40
N MET H 1 -19.83 39.33 -15.96
CA MET H 1 -19.28 37.95 -15.78
C MET H 1 -18.99 37.74 -14.30
N GLN H 2 -19.73 36.82 -13.68
CA GLN H 2 -19.55 36.53 -12.26
C GLN H 2 -18.63 35.32 -12.15
N VAL H 3 -17.84 35.26 -11.08
CA VAL H 3 -16.93 34.14 -10.86
C VAL H 3 -17.57 33.30 -9.77
N TRP H 4 -17.74 32.01 -10.01
CA TRP H 4 -18.36 31.14 -9.02
C TRP H 4 -17.46 31.05 -7.77
N PRO H 5 -18.05 31.32 -6.58
CA PRO H 5 -17.33 31.28 -5.30
C PRO H 5 -16.66 29.96 -4.96
N ILE H 6 -15.57 30.09 -4.22
CA ILE H 6 -14.73 29.00 -3.78
C ILE H 6 -14.92 28.65 -2.31
N LEU H 7 -15.05 29.68 -1.49
CA LEU H 7 -15.19 29.52 -0.04
C LEU H 7 -16.61 29.32 0.45
N ASN H 8 -16.73 28.43 1.43
CA ASN H 8 -18.00 28.12 2.05
C ASN H 8 -19.13 27.87 1.09
N LEU H 9 -18.85 27.14 0.02
CA LEU H 9 -19.87 26.81 -0.97
C LEU H 9 -20.12 25.32 -1.02
N LYS H 10 -20.08 24.67 0.15
CA LYS H 10 -20.32 23.22 0.23
C LYS H 10 -21.78 22.96 -0.13
N LYS H 11 -22.04 21.86 -0.83
CA LYS H 11 -23.40 21.54 -1.24
C LYS H 11 -23.87 20.20 -0.69
N TYR H 12 -25.17 19.95 -0.76
CA TYR H 12 -25.76 18.73 -0.20
C TYR H 12 -26.65 17.96 -1.17
N GLU H 13 -26.14 17.75 -2.38
CA GLU H 13 -26.87 17.04 -3.42
C GLU H 13 -28.24 17.62 -3.77
N THR H 14 -29.16 16.78 -4.23
CA THR H 14 -30.47 17.21 -4.70
C THR H 14 -31.21 18.33 -3.98
N LEU H 15 -31.45 19.38 -4.75
CA LEU H 15 -32.15 20.60 -4.35
C LEU H 15 -31.26 21.61 -3.60
N SER H 16 -30.00 21.26 -3.37
CA SER H 16 -29.12 22.16 -2.64
C SER H 16 -28.66 23.38 -3.44
N TYR H 17 -28.86 23.38 -4.75
CA TYR H 17 -28.47 24.54 -5.58
C TYR H 17 -29.61 25.57 -5.75
N LEU H 18 -30.75 25.29 -5.14
CA LEU H 18 -31.90 26.17 -5.21
C LEU H 18 -31.97 26.95 -3.90
N PRO H 19 -32.70 28.08 -3.89
CA PRO H 19 -32.80 28.85 -2.64
C PRO H 19 -33.40 27.94 -1.58
N PRO H 20 -33.05 28.17 -0.31
CA PRO H 20 -33.58 27.35 0.78
C PRO H 20 -35.11 27.19 0.67
N LEU H 21 -35.57 25.97 0.93
CA LEU H 21 -36.99 25.67 0.85
C LEU H 21 -37.77 26.30 1.98
N THR H 22 -38.93 26.87 1.66
CA THR H 22 -39.81 27.46 2.65
C THR H 22 -40.63 26.28 3.19
N THR H 23 -41.27 26.48 4.35
CA THR H 23 -42.07 25.40 4.95
C THR H 23 -43.09 24.87 3.96
N ASP H 24 -43.61 25.75 3.13
CA ASP H 24 -44.59 25.36 2.12
C ASP H 24 -44.00 24.44 1.05
N GLN H 25 -42.91 24.87 0.41
CA GLN H 25 -42.30 24.04 -0.62
C GLN H 25 -41.69 22.78 -0.02
N LEU H 26 -41.36 22.87 1.27
CA LEU H 26 -40.81 21.75 2.02
C LEU H 26 -41.94 20.72 2.21
N ALA H 27 -43.13 21.22 2.49
CA ALA H 27 -44.31 20.35 2.66
C ALA H 27 -44.68 19.70 1.31
N ARG H 28 -44.49 20.43 0.21
CA ARG H 28 -44.79 19.91 -1.13
C ARG H 28 -43.86 18.77 -1.52
N GLN H 29 -42.60 18.86 -1.13
CA GLN H 29 -41.65 17.80 -1.43
C GLN H 29 -42.01 16.54 -0.64
N VAL H 30 -42.46 16.74 0.61
CA VAL H 30 -42.86 15.61 1.45
C VAL H 30 -44.14 14.98 0.86
N ASP H 31 -45.01 15.82 0.31
CA ASP H 31 -46.24 15.30 -0.29
C ASP H 31 -45.91 14.42 -1.49
N TYR H 32 -44.83 14.77 -2.20
CA TYR H 32 -44.39 13.99 -3.36
C TYR H 32 -44.04 12.57 -2.91
N LEU H 33 -43.32 12.45 -1.79
CA LEU H 33 -42.96 11.12 -1.26
C LEU H 33 -44.23 10.31 -0.95
N LEU H 34 -45.09 10.89 -0.12
CA LEU H 34 -46.33 10.25 0.29
C LEU H 34 -47.18 9.81 -0.89
N ASN H 35 -47.34 10.69 -1.86
CA ASN H 35 -48.14 10.37 -3.04
C ASN H 35 -47.56 9.19 -3.83
N ASN H 36 -46.26 8.98 -3.72
CA ASN H 36 -45.61 7.87 -4.42
C ASN H 36 -45.50 6.64 -3.54
N LYS H 37 -46.02 6.74 -2.33
CA LYS H 37 -45.99 5.64 -1.37
C LYS H 37 -44.57 5.35 -0.88
N TRP H 38 -43.73 6.39 -0.81
CA TRP H 38 -42.37 6.23 -0.32
C TRP H 38 -42.39 6.59 1.15
N VAL H 39 -41.55 5.93 1.94
CA VAL H 39 -41.51 6.20 3.37
C VAL H 39 -40.50 7.26 3.73
N PRO H 40 -40.95 8.35 4.37
CA PRO H 40 -40.04 9.44 4.77
C PRO H 40 -39.28 9.12 6.07
N CYS H 41 -38.08 9.66 6.19
CA CYS H 41 -37.26 9.43 7.37
C CYS H 41 -36.31 10.61 7.50
N LEU H 42 -35.90 10.94 8.72
CA LEU H 42 -34.99 12.06 8.93
C LEU H 42 -33.59 11.58 9.34
N GLU H 43 -32.58 12.29 8.87
CA GLU H 43 -31.18 11.99 9.17
C GLU H 43 -30.50 13.29 9.59
N PHE H 44 -29.58 13.20 10.55
CA PHE H 44 -28.87 14.39 11.00
C PHE H 44 -27.40 14.05 11.21
N GLU H 45 -26.55 15.07 11.11
CA GLU H 45 -25.12 14.91 11.28
C GLU H 45 -24.58 16.19 11.88
N THR H 46 -23.76 16.04 12.91
CA THR H 46 -23.18 17.18 13.58
C THR H 46 -21.69 17.36 13.29
N ASP H 47 -20.99 16.24 13.05
CA ASP H 47 -19.55 16.29 12.81
C ASP H 47 -18.99 16.45 11.41
N HIS H 48 -19.50 15.67 10.46
CA HIS H 48 -19.00 15.73 9.09
C HIS H 48 -20.14 15.84 8.10
N GLY H 49 -20.51 17.07 7.75
CA GLY H 49 -21.62 17.28 6.83
C GLY H 49 -21.35 16.93 5.37
N PHE H 50 -20.09 16.64 5.03
CA PHE H 50 -19.72 16.31 3.67
C PHE H 50 -18.86 15.05 3.59
N VAL H 51 -18.79 14.48 2.40
CA VAL H 51 -18.02 13.27 2.15
C VAL H 51 -16.52 13.48 2.30
N TYR H 52 -15.84 12.48 2.87
CA TYR H 52 -14.40 12.53 3.07
C TYR H 52 -13.87 11.11 3.01
N ARG H 53 -12.56 10.94 3.19
CA ARG H 53 -11.95 9.62 3.13
C ARG H 53 -10.92 9.42 4.22
N GLU H 54 -11.34 8.79 5.31
CA GLU H 54 -10.42 8.56 6.41
C GLU H 54 -10.00 7.11 6.57
N HIS H 55 -10.98 6.22 6.59
CA HIS H 55 -10.71 4.80 6.83
C HIS H 55 -10.30 3.92 5.65
N HIS H 56 -10.50 4.39 4.42
CA HIS H 56 -10.11 3.60 3.25
C HIS H 56 -10.10 4.49 2.02
N ASN H 57 -9.43 4.04 0.95
CA ASN H 57 -9.30 4.82 -0.29
C ASN H 57 -9.58 4.06 -1.60
N SER H 58 -10.09 2.83 -1.51
CA SER H 58 -10.36 2.05 -2.71
C SER H 58 -11.57 2.61 -3.47
N PRO H 59 -11.70 2.28 -4.77
CA PRO H 59 -12.81 2.79 -5.57
C PRO H 59 -14.19 2.57 -4.93
N GLY H 60 -15.01 3.60 -4.94
CA GLY H 60 -16.35 3.50 -4.38
C GLY H 60 -16.46 3.59 -2.88
N TYR H 61 -15.34 3.73 -2.18
CA TYR H 61 -15.37 3.86 -0.72
C TYR H 61 -15.19 5.31 -0.31
N TYR H 62 -16.11 5.80 0.52
CA TYR H 62 -16.05 7.16 1.03
C TYR H 62 -16.66 7.13 2.42
N ASP H 63 -16.17 7.99 3.30
CA ASP H 63 -16.71 8.13 4.65
C ASP H 63 -17.62 9.35 4.59
N GLY H 64 -18.52 9.47 5.56
CA GLY H 64 -19.42 10.60 5.59
C GLY H 64 -20.69 10.46 4.77
N ARG H 65 -20.93 9.29 4.18
CA ARG H 65 -22.13 9.09 3.40
C ARG H 65 -23.31 8.80 4.33
N TYR H 66 -23.06 7.97 5.34
CA TYR H 66 -24.10 7.64 6.33
C TYR H 66 -24.21 8.74 7.37
N TRP H 67 -25.43 9.21 7.61
CA TRP H 67 -25.63 10.17 8.68
C TRP H 67 -26.36 9.33 9.72
N THR H 68 -26.85 9.94 10.80
CA THR H 68 -27.54 9.17 11.81
C THR H 68 -29.04 9.41 11.77
N MET H 69 -29.78 8.30 11.85
CA MET H 69 -31.22 8.29 11.78
C MET H 69 -31.95 8.97 12.95
N TRP H 70 -32.88 9.86 12.65
CA TRP H 70 -33.67 10.51 13.69
C TRP H 70 -34.85 9.57 13.89
N LYS H 71 -34.87 8.86 15.02
CA LYS H 71 -35.94 7.91 15.33
C LYS H 71 -36.02 6.78 14.29
N LEU H 72 -37.17 6.63 13.63
CA LEU H 72 -37.35 5.58 12.64
C LEU H 72 -38.11 6.08 11.41
N PRO H 73 -38.07 5.32 10.29
CA PRO H 73 -38.78 5.75 9.08
C PRO H 73 -40.25 5.83 9.49
N MET H 74 -40.94 6.84 8.96
CA MET H 74 -42.33 7.06 9.30
C MET H 74 -43.30 6.24 8.46
N PHE H 75 -43.29 4.94 8.71
CA PHE H 75 -44.18 4.04 7.99
C PHE H 75 -45.61 4.46 8.35
N GLY H 76 -46.51 4.39 7.36
CA GLY H 76 -47.89 4.76 7.62
C GLY H 76 -48.17 6.25 7.81
N CYS H 77 -47.20 7.09 7.49
CA CYS H 77 -47.41 8.53 7.61
C CYS H 77 -48.37 8.91 6.50
N THR H 78 -49.33 9.77 6.80
CA THR H 78 -50.30 10.20 5.80
C THR H 78 -50.34 11.72 5.69
N ASP H 79 -49.72 12.40 6.64
CA ASP H 79 -49.74 13.84 6.64
C ASP H 79 -48.34 14.45 6.69
N PRO H 80 -48.03 15.34 5.74
CA PRO H 80 -46.74 16.03 5.64
C PRO H 80 -46.40 16.76 6.93
N ALA H 81 -47.44 17.20 7.64
CA ALA H 81 -47.26 17.92 8.89
C ALA H 81 -46.54 17.05 9.91
N GLN H 82 -46.77 15.74 9.86
CA GLN H 82 -46.13 14.80 10.78
C GLN H 82 -44.63 14.91 10.60
N VAL H 83 -44.20 14.86 9.35
CA VAL H 83 -42.79 14.94 9.01
C VAL H 83 -42.18 16.28 9.42
N LEU H 84 -42.84 17.38 9.07
CA LEU H 84 -42.32 18.69 9.40
C LEU H 84 -42.29 18.91 10.91
N ASN H 85 -43.16 18.21 11.63
CA ASN H 85 -43.20 18.28 13.09
C ASN H 85 -41.92 17.66 13.63
N GLU H 86 -41.55 16.51 13.07
CA GLU H 86 -40.33 15.84 13.49
C GLU H 86 -39.11 16.70 13.15
N LEU H 87 -39.16 17.35 11.99
CA LEU H 87 -38.07 18.22 11.58
C LEU H 87 -37.87 19.27 12.66
N GLU H 88 -38.97 19.82 13.15
CA GLU H 88 -38.94 20.83 14.19
C GLU H 88 -38.37 20.30 15.49
N GLU H 89 -38.77 19.08 15.87
CA GLU H 89 -38.27 18.47 17.10
C GLU H 89 -36.77 18.14 16.98
N CYS H 90 -36.37 17.68 15.80
CA CYS H 90 -34.97 17.35 15.57
C CYS H 90 -34.13 18.61 15.68
N LYS H 91 -34.56 19.69 15.03
CA LYS H 91 -33.88 20.98 15.05
C LYS H 91 -33.75 21.50 16.49
N LYS H 92 -34.81 21.30 17.26
CA LYS H 92 -34.85 21.74 18.65
C LYS H 92 -33.73 21.03 19.41
N GLU H 93 -33.59 19.74 19.18
CA GLU H 93 -32.55 18.99 19.86
C GLU H 93 -31.14 19.12 19.28
N TYR H 94 -31.05 19.33 17.97
CA TYR H 94 -29.75 19.45 17.31
C TYR H 94 -29.70 20.68 16.40
N PRO H 95 -29.75 21.90 16.98
CA PRO H 95 -29.70 23.12 16.18
C PRO H 95 -28.35 23.32 15.49
N ASN H 96 -27.40 22.49 15.87
CA ASN H 96 -26.04 22.54 15.35
C ASN H 96 -25.82 21.49 14.26
N ALA H 97 -26.85 20.72 13.96
CA ALA H 97 -26.73 19.65 12.99
C ALA H 97 -27.32 19.95 11.62
N PHE H 98 -26.85 19.22 10.61
CA PHE H 98 -27.39 19.33 9.27
C PHE H 98 -28.51 18.28 9.32
N ILE H 99 -29.67 18.60 8.76
CA ILE H 99 -30.77 17.64 8.77
C ILE H 99 -31.28 17.49 7.36
N ARG H 100 -31.51 16.24 6.94
CA ARG H 100 -32.02 16.02 5.60
C ARG H 100 -33.16 15.05 5.65
N ILE H 101 -34.02 15.12 4.64
CA ILE H 101 -35.16 14.22 4.54
C ILE H 101 -34.83 13.19 3.48
N ILE H 102 -35.02 11.92 3.81
CA ILE H 102 -34.77 10.85 2.87
C ILE H 102 -36.05 10.03 2.71
N GLY H 103 -36.12 9.24 1.65
CA GLY H 103 -37.29 8.45 1.42
C GLY H 103 -36.87 7.06 0.99
N PHE H 104 -37.66 6.06 1.38
CA PHE H 104 -37.37 4.69 1.03
C PHE H 104 -38.51 4.17 0.19
N ASP H 105 -38.16 3.43 -0.85
CA ASP H 105 -39.12 2.82 -1.74
C ASP H 105 -38.99 1.32 -1.46
N SER H 106 -39.87 0.79 -0.61
CA SER H 106 -39.85 -0.62 -0.24
C SER H 106 -40.06 -1.54 -1.43
N ASN H 107 -40.72 -1.02 -2.45
CA ASN H 107 -40.98 -1.81 -3.65
C ASN H 107 -39.71 -2.01 -4.48
N ARG H 108 -38.95 -0.93 -4.64
CA ARG H 108 -37.70 -1.00 -5.40
C ARG H 108 -36.60 -1.49 -4.44
N GLU H 109 -36.95 -1.54 -3.14
CA GLU H 109 -36.07 -2.01 -2.07
C GLU H 109 -34.82 -1.17 -1.85
N VAL H 110 -34.92 0.12 -2.13
CA VAL H 110 -33.78 1.04 -1.97
C VAL H 110 -34.17 2.43 -1.47
N GLN H 111 -33.16 3.17 -1.03
CA GLN H 111 -33.39 4.55 -0.60
C GLN H 111 -33.56 5.25 -1.95
N CYS H 112 -34.47 6.21 -2.05
CA CYS H 112 -34.70 6.86 -3.33
C CYS H 112 -34.76 8.39 -3.30
N ILE H 113 -34.72 8.97 -2.11
CA ILE H 113 -34.79 10.42 -1.94
C ILE H 113 -33.75 10.88 -0.92
N SER H 114 -33.37 12.14 -1.03
CA SER H 114 -32.41 12.74 -0.13
C SER H 114 -32.24 14.21 -0.49
N PHE H 115 -32.75 15.09 0.36
CA PHE H 115 -32.61 16.53 0.15
C PHE H 115 -32.47 17.21 1.51
N ILE H 116 -31.58 18.20 1.57
CA ILE H 116 -31.32 18.93 2.79
C ILE H 116 -32.54 19.75 3.22
N ALA H 117 -32.88 19.66 4.51
CA ALA H 117 -34.03 20.37 5.04
C ALA H 117 -33.62 21.44 6.03
N TYR H 118 -32.43 21.31 6.61
CA TYR H 118 -31.95 22.29 7.58
C TYR H 118 -30.42 22.32 7.62
N LYS H 119 -29.87 23.52 7.77
CA LYS H 119 -28.43 23.72 7.85
C LYS H 119 -28.17 24.66 9.01
N PRO H 120 -27.09 24.43 9.76
CA PRO H 120 -26.77 25.31 10.88
C PRO H 120 -26.41 26.71 10.35
N ALA H 121 -26.41 27.71 11.23
CA ALA H 121 -26.10 29.08 10.85
C ALA H 121 -24.74 29.19 10.16
N GLY H 122 -24.73 29.90 9.04
CA GLY H 122 -23.50 30.11 8.30
C GLY H 122 -23.21 29.09 7.22
N TYR H 123 -24.20 28.27 6.87
CA TYR H 123 -24.01 27.27 5.84
C TYR H 123 -24.98 27.45 4.67
#